data_6G63
#
_entry.id   6G63
#
_cell.length_a   110.630
_cell.length_b   110.630
_cell.length_c   466.020
_cell.angle_alpha   90.00
_cell.angle_beta   90.00
_cell.angle_gamma   120.00
#
_symmetry.space_group_name_H-M   'P 61'
#
loop_
_entity.id
_entity.type
_entity.pdbx_description
1 polymer 'Ribonuclease E'
2 polymer "RNA (5'-R(P*AP*AP*AP*AP*AP*AP*AP*AP*AP*AP*AP*AP*UP*UP*UP*UP*UP*UP*UP*UP*UP*UP*U)-3')"
3 non-polymer 'ZINC ION'
4 non-polymer "URIDINE-5'-MONOPHOSPHATE"
#
loop_
_entity_poly.entity_id
_entity_poly.type
_entity_poly.pdbx_seq_one_letter_code
_entity_poly.pdbx_strand_id
1 'polypeptide(L)'
;MKRMLINATQQEELRVALVDGQRLYDLDIESPGHEQKKANIYKGKITRIEPSLEAAFVDYGAERHGFLPLKEIAREYFPA
NYSAHGRPNIKDVLREGQEVIVQIDKEERGNKGAALTTFISLAGSYLVLMPNNPRAGGISRRIEGDDRTELKEALASLEL
PEGMGLIVRTAGVGKSAEALQWDLSFRLKHWEAIKKAAESRPAPFLIHQESNVIVRAFRDYLRQDIGEILIDNPKVLELA
RQHIAALGRPDFSSKIKLYTGEIPLFSHYQIESQIESAFQREVRLPSGGSIVIDSTEALTAIRINSARATRGGDIEETAF
NTNLEAADEIARQLRLRDLGGLIVIRFIDMTPVRHQRAVENRLREAVRQDRARIQISHISRFGLLEMSRQRLSPSLGESS
HHVCPRCSGTGTVRDNESLSLSILRLIEEEALKENTQEVHAIVPVPIASYLLNEKRSAVNAIETRQDGVRCVIVPNDQME
TPHYHVLRVRKGEETPTLSYMLPKLHEEAM
;
A,G,L,N
2 'polyribonucleotide' AAAAAAAAAAAA(N)(N)(N)(N)UUUUUUUUUUU B
#
# COMPACT_ATOMS: atom_id res chain seq x y z
N ARG A 3 46.54 -5.73 15.15
CA ARG A 3 46.31 -4.26 15.04
C ARG A 3 44.93 -3.84 15.56
N MET A 4 44.81 -2.55 15.89
CA MET A 4 43.52 -1.91 16.06
C MET A 4 43.22 -1.11 14.80
N LEU A 5 42.05 -1.35 14.21
CA LEU A 5 41.60 -0.64 13.02
C LEU A 5 40.35 0.16 13.38
N ILE A 6 40.39 1.46 13.11
CA ILE A 6 39.26 2.35 13.36
C ILE A 6 38.71 2.81 12.02
N ASN A 7 37.41 2.57 11.80
CA ASN A 7 36.69 3.08 10.65
C ASN A 7 35.71 4.16 11.09
N ALA A 8 35.89 5.35 10.53
CA ALA A 8 35.09 6.52 10.87
C ALA A 8 34.86 7.39 9.64
N THR A 9 35.19 6.90 8.44
CA THR A 9 34.90 7.61 7.20
C THR A 9 33.42 7.94 7.08
N GLN A 10 32.56 7.17 7.74
CA GLN A 10 31.16 7.54 7.92
C GLN A 10 30.95 7.95 9.37
N GLN A 11 30.45 9.17 9.57
CA GLN A 11 30.30 9.70 10.92
C GLN A 11 29.12 9.08 11.66
N GLU A 12 28.18 8.46 10.95
CA GLU A 12 26.93 8.02 11.57
C GLU A 12 27.07 6.75 12.42
N GLU A 13 28.15 5.99 12.27
CA GLU A 13 28.55 5.02 13.29
C GLU A 13 30.06 4.95 13.35
N LEU A 14 30.62 4.92 14.57
CA LEU A 14 32.06 4.73 14.76
C LEU A 14 32.35 3.25 14.96
N ARG A 15 33.20 2.67 14.12
CA ARG A 15 33.55 1.25 14.19
C ARG A 15 35.00 1.08 14.64
N VAL A 16 35.20 0.35 15.74
CA VAL A 16 36.53 0.01 16.23
C VAL A 16 36.68 -1.51 16.19
N ALA A 17 37.73 -1.99 15.53
CA ALA A 17 37.98 -3.42 15.38
C ALA A 17 39.37 -3.77 15.90
N LEU A 18 39.47 -4.93 16.54
CA LEU A 18 40.75 -5.52 16.92
C LEU A 18 40.96 -6.80 16.13
N VAL A 19 42.12 -6.88 15.46
CA VAL A 19 42.47 -7.98 14.56
C VAL A 19 43.82 -8.54 15.01
N ASP A 20 43.97 -9.86 14.87
CA ASP A 20 45.15 -10.53 15.40
C ASP A 20 46.17 -10.69 14.27
N GLY A 21 45.90 -11.60 13.35
CA GLY A 21 46.48 -11.52 12.02
C GLY A 21 45.49 -10.80 11.14
N GLN A 22 44.74 -11.59 10.38
CA GLN A 22 43.57 -11.14 9.66
C GLN A 22 42.30 -11.71 10.26
N ARG A 23 42.37 -12.10 11.51
CA ARG A 23 41.22 -12.63 12.23
C ARG A 23 40.72 -11.54 13.13
N LEU A 24 39.48 -11.11 12.88
CA LEU A 24 38.84 -10.16 13.77
C LEU A 24 38.52 -10.85 15.09
N TYR A 25 39.09 -10.32 16.17
CA TYR A 25 38.91 -10.93 17.48
C TYR A 25 38.10 -10.06 18.44
N ASP A 26 38.06 -8.74 18.26
CA ASP A 26 37.14 -7.96 19.08
C ASP A 26 36.57 -6.79 18.28
N LEU A 27 35.39 -6.30 18.69
CA LEU A 27 34.67 -5.29 17.92
C LEU A 27 33.84 -4.38 18.83
N ASP A 28 33.72 -3.10 18.44
CA ASP A 28 32.70 -2.19 18.96
C ASP A 28 32.11 -1.32 17.85
N ILE A 29 30.78 -1.23 17.79
CA ILE A 29 30.08 -0.33 16.85
C ILE A 29 28.93 0.37 17.57
N GLU A 30 29.05 1.67 17.80
CA GLU A 30 27.88 2.45 18.20
C GLU A 30 27.87 3.82 17.51
N SER A 31 26.65 4.30 17.21
CA SER A 31 26.31 5.57 16.58
C SER A 31 26.23 6.72 17.62
N PRO A 32 26.65 7.93 17.24
CA PRO A 32 26.33 9.12 18.04
C PRO A 32 24.85 9.46 18.02
N GLY A 33 24.46 10.34 18.93
CA GLY A 33 23.07 10.76 19.04
C GLY A 33 22.24 9.82 19.89
N HIS A 34 22.67 8.56 19.96
CA HIS A 34 22.04 7.60 20.87
C HIS A 34 23.06 6.60 21.43
N GLU A 35 24.35 6.95 21.45
CA GLU A 35 25.31 6.43 22.43
C GLU A 35 25.30 7.28 23.71
N GLN A 36 25.25 6.61 24.86
CA GLN A 36 25.43 7.26 26.16
C GLN A 36 26.90 7.21 26.59
N LYS A 37 27.47 8.38 26.87
CA LYS A 37 28.90 8.52 27.12
C LYS A 37 29.38 7.86 28.41
N LYS A 38 29.18 8.52 29.56
CA LYS A 38 29.67 8.02 30.85
C LYS A 38 28.96 6.74 31.27
N ALA A 39 29.47 6.19 32.38
CA ALA A 39 28.67 5.40 33.31
C ALA A 39 27.85 6.44 34.08
N ASN A 40 26.70 6.78 33.50
CA ASN A 40 26.09 8.08 33.72
C ASN A 40 25.76 8.38 35.18
N ILE A 41 25.75 9.68 35.49
CA ILE A 41 25.26 10.22 36.76
C ILE A 41 23.87 10.79 36.50
N TYR A 42 22.91 10.44 37.36
CA TYR A 42 21.54 10.95 37.28
C TYR A 42 21.05 11.46 38.63
N LYS A 43 20.12 12.40 38.57
CA LYS A 43 19.24 12.73 39.69
C LYS A 43 18.03 11.80 39.71
N GLY A 44 17.60 11.41 40.91
CA GLY A 44 16.46 10.51 41.07
C GLY A 44 15.71 10.72 42.37
N LYS A 45 14.56 10.07 42.45
CA LYS A 45 13.65 10.13 43.60
C LYS A 45 13.71 8.81 44.37
N ILE A 46 13.94 8.90 45.69
CA ILE A 46 13.79 7.75 46.57
C ILE A 46 12.31 7.37 46.64
N THR A 47 11.97 6.16 46.18
CA THR A 47 10.59 5.77 45.94
C THR A 47 10.12 4.62 46.83
N ARG A 48 11.00 3.70 47.19
CA ARG A 48 10.71 2.66 48.18
C ARG A 48 11.97 2.41 49.00
N ILE A 49 11.79 2.04 50.26
CA ILE A 49 12.93 1.90 51.17
C ILE A 49 12.76 0.64 52.01
N GLU A 50 13.88 -0.05 52.24
CA GLU A 50 14.06 -0.89 53.43
C GLU A 50 15.45 -0.65 54.03
N GLU A 54 18.54 -2.72 54.03
CA GLU A 54 19.82 -2.01 53.89
C GLU A 54 20.00 -1.49 52.46
N ALA A 55 18.89 -1.10 51.82
CA ALA A 55 18.93 -0.54 50.47
C ALA A 55 17.77 0.43 50.31
N ALA A 56 17.86 1.26 49.27
CA ALA A 56 16.73 2.07 48.80
C ALA A 56 16.60 1.96 47.29
N PHE A 57 15.39 2.21 46.78
CA PHE A 57 15.07 2.04 45.37
C PHE A 57 14.81 3.40 44.74
N VAL A 58 15.49 3.69 43.62
CA VAL A 58 15.60 5.02 43.05
C VAL A 58 14.92 5.06 41.68
N ASP A 59 13.96 5.97 41.52
CA ASP A 59 13.46 6.36 40.19
C ASP A 59 14.40 7.38 39.57
N TYR A 60 15.29 6.94 38.69
CA TYR A 60 16.13 7.82 37.88
C TYR A 60 15.68 7.89 36.42
N GLY A 61 14.43 7.54 36.14
CA GLY A 61 13.89 7.59 34.80
C GLY A 61 14.02 6.30 34.01
N ALA A 62 14.60 5.26 34.61
CA ALA A 62 14.69 3.94 34.02
C ALA A 62 13.34 3.21 34.08
N GLU A 63 13.24 2.14 33.29
CA GLU A 63 11.96 1.46 33.13
C GLU A 63 11.61 0.63 34.37
N ARG A 64 12.60 0.11 35.08
CA ARG A 64 12.44 -0.43 36.43
C ARG A 64 13.44 0.26 37.37
N HIS A 65 12.99 0.60 38.57
CA HIS A 65 13.80 1.41 39.49
C HIS A 65 15.17 0.80 39.72
N GLY A 66 16.15 1.69 39.99
CA GLY A 66 17.51 1.33 40.32
C GLY A 66 17.71 1.01 41.80
N PHE A 67 18.80 0.29 42.09
CA PHE A 67 19.07 -0.25 43.42
C PHE A 67 20.24 0.50 44.05
N LEU A 68 20.00 1.08 45.24
CA LEU A 68 20.99 1.87 45.98
C LEU A 68 21.27 1.22 47.32
N PRO A 69 22.21 0.29 47.40
CA PRO A 69 22.51 -0.37 48.67
C PRO A 69 23.37 0.47 49.62
N LEU A 70 23.24 0.18 50.91
CA LEU A 70 24.07 0.79 51.94
C LEU A 70 25.56 0.65 51.63
N LYS A 71 25.93 -0.42 50.91
CA LYS A 71 27.32 -0.58 50.47
C LYS A 71 27.88 0.66 49.78
N GLU A 72 27.02 1.43 49.09
CA GLU A 72 27.47 2.55 48.27
C GLU A 72 26.88 3.88 48.72
N ILE A 73 26.36 3.95 49.95
CA ILE A 73 25.89 5.19 50.54
C ILE A 73 26.92 5.68 51.56
N ALA A 74 27.47 6.87 51.32
CA ALA A 74 28.38 7.50 52.27
C ALA A 74 27.62 8.11 53.43
N ARG A 75 28.25 8.09 54.62
CA ARG A 75 27.58 8.58 55.82
C ARG A 75 27.21 10.06 55.74
N GLU A 76 27.82 10.83 54.85
CA GLU A 76 27.41 12.21 54.64
C GLU A 76 25.97 12.32 54.15
N TYR A 77 25.39 11.23 53.64
CA TYR A 77 23.99 11.17 53.26
C TYR A 77 23.04 10.78 54.39
N PHE A 78 23.56 10.45 55.57
CA PHE A 78 22.69 10.23 56.72
C PHE A 78 22.05 11.55 57.16
N PRO A 79 20.96 11.49 57.94
CA PRO A 79 20.19 12.70 58.26
C PRO A 79 21.04 13.81 58.87
N ARG A 87 22.79 1.64 62.65
CA ARG A 87 22.66 1.75 61.20
C ARG A 87 21.82 0.62 60.58
N PRO A 88 20.73 0.19 61.26
CA PRO A 88 20.06 -1.06 60.87
C PRO A 88 19.23 -0.95 59.60
N ASN A 89 18.57 0.19 59.36
CA ASN A 89 17.66 0.34 58.24
C ASN A 89 17.93 1.66 57.55
N ILE A 90 17.89 1.65 56.22
CA ILE A 90 17.86 2.90 55.45
C ILE A 90 16.58 3.69 55.74
N LYS A 91 15.49 3.00 56.13
CA LYS A 91 14.32 3.72 56.61
C LYS A 91 14.66 4.74 57.69
N ASP A 92 15.72 4.49 58.45
CA ASP A 92 16.18 5.42 59.47
C ASP A 92 17.21 6.42 58.96
N VAL A 93 17.59 6.31 57.68
CA VAL A 93 18.66 7.12 57.11
C VAL A 93 18.11 8.00 55.99
N LEU A 94 17.13 7.49 55.25
CA LEU A 94 16.62 8.15 54.06
C LEU A 94 15.10 8.11 54.14
N ARG A 95 14.44 9.02 53.41
CA ARG A 95 12.98 9.08 53.43
C ARG A 95 12.39 9.11 52.03
N GLU A 96 11.13 8.68 51.96
CA GLU A 96 10.32 8.73 50.75
C GLU A 96 10.24 10.13 50.16
N GLY A 97 10.39 10.21 48.83
CA GLY A 97 10.32 11.45 48.09
C GLY A 97 11.59 12.28 48.11
N GLN A 98 12.61 11.82 48.84
CA GLN A 98 13.90 12.48 48.85
C GLN A 98 14.59 12.40 47.50
N GLU A 99 15.24 13.49 47.10
CA GLU A 99 15.92 13.59 45.81
C GLU A 99 17.42 13.43 45.99
N VAL A 100 18.03 12.50 45.23
CA VAL A 100 19.42 12.13 45.39
C VAL A 100 20.13 12.16 44.02
N ILE A 101 21.42 12.53 44.04
CA ILE A 101 22.28 12.46 42.87
C ILE A 101 23.18 11.23 43.00
N VAL A 102 23.11 10.32 42.01
CA VAL A 102 23.71 8.99 42.09
C VAL A 102 24.28 8.60 40.73
N GLN A 103 25.25 7.68 40.74
CA GLN A 103 25.93 7.21 39.54
C GLN A 103 25.67 5.73 39.30
N ILE A 104 25.48 5.38 38.02
CA ILE A 104 25.37 4.00 37.57
C ILE A 104 26.69 3.28 37.81
N ASP A 105 26.73 2.39 38.80
CA ASP A 105 27.90 1.56 39.06
C ASP A 105 27.89 0.29 38.22
N LYS A 106 26.73 -0.36 38.06
CA LYS A 106 26.53 -1.45 37.12
C LYS A 106 25.27 -1.17 36.31
N GLU A 107 25.36 -1.41 35.00
CA GLU A 107 24.41 -0.88 34.02
C GLU A 107 23.36 -1.91 33.60
N GLU A 108 22.17 -1.83 34.20
CA GLU A 108 20.97 -2.55 33.74
C GLU A 108 21.14 -4.07 33.83
N ARG A 109 21.34 -4.56 35.06
CA ARG A 109 21.50 -5.99 35.31
C ARG A 109 20.24 -6.79 34.96
N GLY A 110 20.27 -7.48 33.83
CA GLY A 110 19.18 -8.39 33.48
C GLY A 110 17.84 -7.68 33.35
N ASN A 111 16.89 -8.08 34.21
CA ASN A 111 15.60 -7.41 34.29
C ASN A 111 15.66 -6.09 35.06
N LYS A 112 16.64 -5.92 35.93
CA LYS A 112 16.66 -4.85 36.92
C LYS A 112 17.22 -3.53 36.36
N GLY A 113 16.83 -2.45 37.03
CA GLY A 113 17.50 -1.17 36.87
C GLY A 113 18.97 -1.22 37.28
N ALA A 114 19.65 -0.11 37.01
CA ALA A 114 21.04 0.05 37.41
C ALA A 114 21.21 -0.03 38.93
N ALA A 115 22.32 -0.63 39.34
CA ALA A 115 22.88 -0.44 40.68
C ALA A 115 23.57 0.92 40.78
N LEU A 116 23.42 1.56 41.92
CA LEU A 116 23.73 2.98 42.07
C LEU A 116 24.74 3.19 43.19
N THR A 117 25.57 4.24 43.04
CA THR A 117 26.50 4.66 44.08
C THR A 117 26.43 6.16 44.30
N THR A 118 26.68 6.57 45.55
CA THR A 118 26.86 7.97 45.93
C THR A 118 28.31 8.48 45.85
N PHE A 119 29.30 7.59 45.68
CA PHE A 119 30.72 7.97 45.65
C PHE A 119 31.16 8.60 44.32
N ILE A 120 30.49 9.68 43.94
CA ILE A 120 30.86 10.44 42.75
C ILE A 120 32.27 11.00 42.87
N SER A 121 33.04 10.94 41.76
CA SER A 121 34.42 11.43 41.69
C SER A 121 34.63 12.28 40.42
N LEU A 122 35.36 13.38 40.58
CA LEU A 122 35.54 14.39 39.52
C LEU A 122 37.00 14.49 39.11
N ALA A 123 37.27 14.33 37.80
CA ALA A 123 38.62 14.23 37.25
C ALA A 123 39.17 15.61 36.83
N GLY A 124 40.26 16.04 37.47
CA GLY A 124 40.99 17.23 37.07
C GLY A 124 42.23 16.95 36.22
N SER A 125 43.03 18.02 36.04
CA SER A 125 44.21 17.97 35.18
C SER A 125 45.47 17.42 35.84
N TYR A 126 45.60 17.51 37.17
CA TYR A 126 46.48 16.62 37.92
C TYR A 126 45.77 15.53 38.69
N LEU A 127 44.51 15.71 39.09
CA LEU A 127 43.97 14.75 40.04
C LEU A 127 42.49 14.51 39.80
N VAL A 128 42.03 13.41 40.38
CA VAL A 128 40.63 13.06 40.52
C VAL A 128 40.23 13.44 41.93
N LEU A 129 39.18 14.26 42.02
CA LEU A 129 38.70 14.78 43.29
C LEU A 129 37.73 13.80 43.91
N MET A 130 38.00 13.41 45.17
CA MET A 130 37.09 12.63 45.98
C MET A 130 36.47 13.56 47.02
N PRO A 131 35.42 14.32 46.67
CA PRO A 131 34.89 15.36 47.56
C PRO A 131 34.25 14.81 48.82
N ALA A 136 41.35 8.23 51.02
CA ALA A 136 41.74 7.96 49.64
C ALA A 136 42.91 8.85 49.23
N GLY A 137 43.97 8.24 48.69
CA GLY A 137 45.13 9.00 48.28
C GLY A 137 46.12 8.15 47.51
N GLY A 138 46.92 8.82 46.69
CA GLY A 138 48.04 8.17 46.01
C GLY A 138 48.35 8.85 44.68
N ILE A 139 49.11 8.13 43.85
CA ILE A 139 49.55 8.62 42.55
C ILE A 139 49.42 7.50 41.52
N SER A 140 49.23 7.89 40.26
CA SER A 140 49.32 6.97 39.14
C SER A 140 50.58 6.12 39.18
N ARG A 141 50.40 4.80 39.09
CA ARG A 141 51.51 3.86 39.04
C ARG A 141 52.24 3.95 37.71
N ARG A 142 51.55 4.46 36.68
CA ARG A 142 52.03 4.47 35.31
C ARG A 142 53.15 5.50 35.12
N ILE A 143 53.22 6.49 35.99
CA ILE A 143 54.30 7.46 36.04
C ILE A 143 55.40 6.93 36.95
N GLU A 144 56.66 7.19 36.56
CA GLU A 144 57.80 6.50 37.15
C GLU A 144 58.92 7.49 37.44
N GLY A 145 59.80 7.08 38.36
CA GLY A 145 61.16 7.55 38.40
C GLY A 145 61.29 9.05 38.54
N ASP A 146 62.03 9.67 37.61
CA ASP A 146 62.23 11.11 37.62
C ASP A 146 60.95 11.89 37.33
N ASP A 147 59.94 11.22 36.77
CA ASP A 147 58.63 11.86 36.61
C ASP A 147 57.88 11.89 37.94
N ARG A 148 57.70 10.74 38.58
CA ARG A 148 57.07 10.73 39.90
C ARG A 148 57.80 11.66 40.88
N THR A 149 59.14 11.61 40.91
CA THR A 149 59.88 12.50 41.81
C THR A 149 59.93 13.97 41.38
N GLU A 150 59.33 14.36 40.26
CA GLU A 150 58.94 15.77 40.07
C GLU A 150 57.45 16.02 40.27
N LEU A 151 56.62 15.04 39.93
CA LEU A 151 55.17 15.17 40.07
C LEU A 151 54.76 15.26 41.53
N LYS A 152 55.45 14.55 42.42
CA LYS A 152 55.24 14.72 43.85
C LYS A 152 55.55 16.14 44.32
N GLU A 153 56.53 16.81 43.70
CA GLU A 153 56.78 18.20 44.07
C GLU A 153 55.68 19.12 43.56
N ALA A 154 55.08 18.80 42.40
CA ALA A 154 53.92 19.57 41.96
C ALA A 154 52.68 19.30 42.83
N LEU A 155 52.47 18.05 43.25
CA LEU A 155 51.38 17.71 44.15
C LEU A 155 51.45 18.43 45.49
N ALA A 156 52.63 18.41 46.14
CA ALA A 156 52.75 18.87 47.52
C ALA A 156 52.35 20.33 47.71
N SER A 157 52.31 21.14 46.65
CA SER A 157 51.88 22.53 46.76
C SER A 157 50.37 22.73 46.64
N LEU A 158 49.61 21.74 46.19
CA LEU A 158 48.18 21.96 45.92
C LEU A 158 47.39 22.22 47.19
N GLU A 159 46.46 23.17 47.10
CA GLU A 159 45.67 23.69 48.23
C GLU A 159 44.34 22.96 48.40
N LEU A 160 44.35 21.63 48.34
CA LEU A 160 43.12 20.85 48.40
C LEU A 160 42.41 21.04 49.75
N PRO A 161 41.10 21.27 49.77
CA PRO A 161 40.38 21.51 51.04
C PRO A 161 40.42 20.33 52.01
N GLU A 162 40.04 20.65 53.26
CA GLU A 162 39.93 19.65 54.33
C GLU A 162 38.89 18.59 54.00
N GLY A 163 39.20 17.34 54.38
CA GLY A 163 38.30 16.22 54.22
C GLY A 163 38.12 15.69 52.81
N MET A 164 38.69 16.34 51.80
CA MET A 164 38.65 15.84 50.44
C MET A 164 39.87 14.97 50.15
N GLY A 165 39.67 13.96 49.29
CA GLY A 165 40.74 13.11 48.81
C GLY A 165 41.10 13.37 47.35
N LEU A 166 42.18 12.71 46.92
CA LEU A 166 42.69 12.88 45.58
C LEU A 166 43.32 11.59 45.06
N ILE A 167 43.34 11.44 43.74
CA ILE A 167 44.30 10.59 43.03
C ILE A 167 45.04 11.46 42.00
N VAL A 168 46.36 11.38 41.97
CA VAL A 168 47.10 12.11 40.94
C VAL A 168 47.12 11.30 39.65
N ARG A 169 46.59 11.89 38.59
CA ARG A 169 46.34 11.23 37.31
C ARG A 169 47.63 11.05 36.52
N THR A 170 47.61 10.05 35.62
CA THR A 170 48.70 9.86 34.67
C THR A 170 48.89 11.09 33.77
N ALA A 171 47.79 11.77 33.43
CA ALA A 171 47.84 13.04 32.70
C ALA A 171 48.67 14.12 33.40
N GLY A 172 48.97 13.97 34.70
CA GLY A 172 49.68 15.02 35.40
C GLY A 172 51.14 15.19 35.02
N VAL A 173 51.74 14.24 34.31
CA VAL A 173 53.15 14.35 33.93
C VAL A 173 53.34 15.50 32.95
N GLY A 174 54.31 16.37 33.24
CA GLY A 174 54.70 17.48 32.39
C GLY A 174 53.82 18.70 32.42
N LYS A 175 52.63 18.64 33.02
CA LYS A 175 51.81 19.84 33.18
C LYS A 175 52.52 20.84 34.11
N SER A 176 52.43 22.13 33.80
CA SER A 176 53.09 23.14 34.62
C SER A 176 52.29 23.37 35.90
N ALA A 177 53.02 23.62 36.99
CA ALA A 177 52.40 23.73 38.32
C ALA A 177 51.56 24.99 38.50
N GLU A 178 51.84 26.05 37.76
CA GLU A 178 51.25 27.35 38.08
C GLU A 178 49.95 27.64 37.33
N ALA A 179 49.69 26.96 36.21
CA ALA A 179 48.33 26.88 35.68
C ALA A 179 47.43 26.02 36.56
N LEU A 180 47.88 24.81 36.88
CA LEU A 180 46.98 23.84 37.50
C LEU A 180 46.75 24.11 38.98
N GLN A 181 47.65 24.85 39.64
CA GLN A 181 47.35 25.34 40.98
C GLN A 181 46.04 26.13 41.00
N TRP A 182 45.73 26.83 39.91
CA TRP A 182 44.41 27.43 39.74
C TRP A 182 43.38 26.42 39.23
N ASP A 183 43.77 25.56 38.28
CA ASP A 183 42.83 24.66 37.63
C ASP A 183 42.11 23.70 38.60
N LEU A 184 42.76 23.31 39.69
CA LEU A 184 42.09 22.52 40.73
C LEU A 184 40.82 23.19 41.25
N SER A 185 40.75 24.52 41.15
CA SER A 185 39.55 25.25 41.54
C SER A 185 38.34 24.90 40.68
N PHE A 186 38.53 24.56 39.39
CA PHE A 186 37.38 24.16 38.59
C PHE A 186 36.71 22.89 39.12
N ARG A 187 37.47 21.84 39.45
CA ARG A 187 36.84 20.66 40.04
C ARG A 187 36.19 20.96 41.39
N LEU A 188 36.82 21.83 42.19
CA LEU A 188 36.20 22.19 43.47
C LEU A 188 34.95 23.06 43.30
N LYS A 189 34.91 23.90 42.27
CA LYS A 189 33.68 24.59 41.89
C LYS A 189 32.65 23.62 41.34
N HIS A 190 33.07 22.71 40.45
CA HIS A 190 32.18 21.79 39.76
C HIS A 190 31.40 20.91 40.75
N TRP A 191 32.03 20.56 41.87
CA TRP A 191 31.29 19.84 42.92
C TRP A 191 30.12 20.65 43.49
N GLU A 192 30.27 21.97 43.63
CA GLU A 192 29.12 22.83 43.95
C GLU A 192 28.18 23.08 42.77
N ALA A 193 28.74 23.24 41.58
CA ALA A 193 27.95 23.43 40.35
C ALA A 193 26.99 22.28 40.09
N ILE A 194 27.32 21.07 40.54
CA ILE A 194 26.36 19.98 40.49
C ILE A 194 25.00 20.39 41.08
N LYS A 195 25.00 21.22 42.13
CA LYS A 195 23.74 21.74 42.67
C LYS A 195 22.97 22.57 41.63
N LYS A 196 23.69 23.45 40.93
CA LYS A 196 23.12 24.21 39.83
C LYS A 196 22.53 23.30 38.76
N ALA A 197 23.29 22.30 38.34
CA ALA A 197 22.79 21.33 37.36
C ALA A 197 21.52 20.64 37.86
N ALA A 198 21.54 20.18 39.12
CA ALA A 198 20.43 19.39 39.66
C ALA A 198 19.14 20.18 39.81
N GLU A 199 19.21 21.50 40.05
CA GLU A 199 17.97 22.27 40.08
C GLU A 199 17.64 23.03 38.80
N SER A 200 18.59 23.20 37.87
CA SER A 200 18.25 23.74 36.55
C SER A 200 17.78 22.67 35.55
N ARG A 201 18.43 21.51 35.52
CA ARG A 201 18.15 20.47 34.53
C ARG A 201 17.06 19.52 35.01
N PRO A 202 16.35 18.87 34.09
CA PRO A 202 15.48 17.76 34.49
C PRO A 202 16.28 16.60 35.09
N ALA A 203 15.58 15.78 35.88
CA ALA A 203 16.25 14.72 36.63
C ALA A 203 16.92 13.67 35.76
N PRO A 204 16.26 13.10 34.74
CA PRO A 204 16.92 12.10 33.89
C PRO A 204 17.80 12.71 32.80
N PHE A 205 18.83 13.46 33.22
CA PHE A 205 19.66 14.21 32.29
C PHE A 205 21.15 14.05 32.66
N LEU A 206 22.02 14.39 31.70
CA LEU A 206 23.44 14.12 31.71
C LEU A 206 24.29 15.20 32.41
N ILE A 207 25.60 14.90 32.55
CA ILE A 207 26.58 15.76 33.20
C ILE A 207 27.89 15.71 32.41
N HIS A 208 28.68 16.78 32.56
CA HIS A 208 29.89 17.06 31.78
C HIS A 208 30.91 15.91 31.69
N GLN A 209 31.22 15.53 30.43
CA GLN A 209 32.38 14.75 29.97
C GLN A 209 32.85 13.56 30.81
N GLU A 210 34.17 13.43 31.03
CA GLU A 210 34.81 12.21 31.57
C GLU A 210 34.50 10.97 30.73
N SER A 211 34.14 11.12 29.45
CA SER A 211 33.51 10.02 28.72
C SER A 211 33.58 10.12 27.20
N ASN A 212 34.57 10.83 26.66
CA ASN A 212 34.76 10.90 25.21
C ASN A 212 34.87 9.50 24.63
N VAL A 213 33.83 9.08 23.88
CA VAL A 213 33.68 7.67 23.52
C VAL A 213 34.75 7.17 22.57
N ILE A 214 35.39 8.06 21.81
CA ILE A 214 36.48 7.65 20.92
C ILE A 214 37.79 7.50 21.68
N VAL A 215 38.13 8.48 22.53
CA VAL A 215 39.35 8.36 23.32
C VAL A 215 39.20 7.22 24.33
N ARG A 216 38.12 7.22 25.10
CA ARG A 216 37.83 6.15 26.04
C ARG A 216 37.73 4.79 25.37
N ALA A 217 37.48 4.73 24.06
CA ALA A 217 37.64 3.46 23.36
C ALA A 217 39.04 2.86 23.56
N PHE A 218 40.08 3.69 23.68
CA PHE A 218 41.38 3.19 24.15
C PHE A 218 41.31 2.63 25.58
N ARG A 219 40.60 3.31 26.48
CA ARG A 219 40.41 2.79 27.83
C ARG A 219 39.81 1.39 27.83
N ASP A 220 38.91 1.11 26.88
CA ASP A 220 38.35 -0.25 26.76
C ASP A 220 39.33 -1.26 26.15
N TYR A 221 40.28 -0.82 25.31
CA TYR A 221 40.93 -1.79 24.42
C TYR A 221 42.44 -1.64 24.26
N LEU A 222 43.02 -0.46 24.41
CA LEU A 222 44.41 -0.22 24.01
C LEU A 222 45.39 -0.54 25.15
N ARG A 223 46.13 -1.65 24.99
CA ARG A 223 47.24 -2.00 25.86
C ARG A 223 48.42 -2.53 25.02
N GLN A 224 49.57 -2.65 25.70
CA GLN A 224 50.88 -2.73 25.05
C GLN A 224 51.05 -3.80 23.97
N ASP A 225 50.24 -4.86 23.97
CA ASP A 225 50.43 -5.86 22.91
C ASP A 225 49.93 -5.38 21.55
N ILE A 226 49.16 -4.30 21.51
CA ILE A 226 48.77 -3.65 20.26
C ILE A 226 49.95 -2.87 19.68
N GLY A 227 50.35 -3.22 18.46
CA GLY A 227 51.47 -2.57 17.79
C GLY A 227 51.14 -1.24 17.11
N GLU A 228 49.99 -1.16 16.45
CA GLU A 228 49.60 0.05 15.73
C GLU A 228 48.10 0.25 15.83
N ILE A 229 47.69 1.52 15.77
CA ILE A 229 46.30 1.91 15.51
C ILE A 229 46.27 2.58 14.15
N LEU A 230 45.48 2.04 13.22
CA LEU A 230 45.30 2.60 11.89
C LEU A 230 43.92 3.24 11.79
N ILE A 231 43.89 4.52 11.43
CA ILE A 231 42.68 5.33 11.41
C ILE A 231 42.48 5.89 10.01
N ASP A 232 41.31 5.67 9.44
CA ASP A 232 41.00 6.09 8.08
C ASP A 232 40.36 7.49 8.00
N ASN A 233 40.07 8.13 9.13
CA ASN A 233 39.60 9.51 9.13
C ASN A 233 40.65 10.42 9.75
N PRO A 234 41.19 11.40 9.01
CA PRO A 234 42.23 12.27 9.59
C PRO A 234 41.79 13.13 10.77
N LYS A 235 40.52 13.52 10.88
CA LYS A 235 40.13 14.30 12.06
C LYS A 235 40.02 13.43 13.30
N VAL A 236 39.62 12.17 13.15
CA VAL A 236 39.60 11.27 14.29
C VAL A 236 41.03 10.93 14.72
N LEU A 237 41.94 10.81 13.75
CA LEU A 237 43.36 10.65 14.07
C LEU A 237 43.91 11.88 14.78
N GLU A 238 43.53 13.08 14.33
CA GLU A 238 43.92 14.31 15.03
C GLU A 238 43.44 14.31 16.47
N LEU A 239 42.16 14.00 16.68
CA LEU A 239 41.59 13.96 18.02
C LEU A 239 42.20 12.84 18.88
N ALA A 240 42.58 11.72 18.27
CA ALA A 240 43.24 10.64 19.00
C ALA A 240 44.64 11.02 19.44
N ARG A 241 45.44 11.60 18.54
CA ARG A 241 46.77 12.07 18.91
C ARG A 241 46.69 13.18 19.96
N GLN A 242 45.71 14.07 19.83
CA GLN A 242 45.50 15.10 20.85
C GLN A 242 45.19 14.49 22.21
N HIS A 243 44.29 13.51 22.26
CA HIS A 243 43.95 12.91 23.55
C HIS A 243 45.12 12.12 24.14
N ILE A 244 45.75 11.23 23.37
CA ILE A 244 46.82 10.42 23.96
C ILE A 244 48.01 11.28 24.35
N ALA A 245 48.27 12.40 23.66
CA ALA A 245 49.28 13.34 24.14
C ALA A 245 48.81 14.12 25.38
N ALA A 246 47.52 14.47 25.44
CA ALA A 246 46.98 15.17 26.60
C ALA A 246 46.93 14.29 27.85
N LEU A 247 46.70 12.99 27.68
CA LEU A 247 46.85 12.02 28.75
C LEU A 247 48.31 11.82 29.18
N GLY A 248 49.26 12.56 28.61
CA GLY A 248 50.65 12.51 29.04
C GLY A 248 51.47 11.40 28.43
N ARG A 249 50.99 10.78 27.36
CA ARG A 249 51.65 9.63 26.73
C ARG A 249 52.08 9.94 25.30
N PRO A 250 52.74 11.07 25.05
CA PRO A 250 53.08 11.41 23.66
C PRO A 250 54.06 10.45 23.00
N ASP A 251 54.84 9.69 23.77
CA ASP A 251 55.61 8.59 23.20
C ASP A 251 54.71 7.54 22.57
N PHE A 252 53.57 7.26 23.21
CA PHE A 252 52.65 6.23 22.74
C PHE A 252 51.89 6.65 21.48
N SER A 253 51.77 7.96 21.25
CA SER A 253 51.24 8.49 20.00
C SER A 253 51.99 8.00 18.76
N SER A 254 53.22 7.51 18.90
CA SER A 254 53.94 6.95 17.77
C SER A 254 53.23 5.75 17.17
N LYS A 255 52.29 5.15 17.90
CA LYS A 255 51.53 4.01 17.37
C LYS A 255 50.39 4.40 16.43
N ILE A 256 49.95 5.65 16.46
CA ILE A 256 48.78 6.10 15.69
C ILE A 256 49.19 6.51 14.28
N LYS A 257 48.61 5.86 13.27
CA LYS A 257 48.94 6.10 11.86
C LYS A 257 47.68 6.20 11.00
N LEU A 258 47.80 6.94 9.90
CA LEU A 258 46.73 7.13 8.92
C LEU A 258 46.59 5.93 7.98
N TYR A 259 45.36 5.74 7.47
CA TYR A 259 45.10 4.98 6.25
C TYR A 259 44.51 5.87 5.17
N THR A 260 44.91 5.62 3.92
CA THR A 260 44.63 6.53 2.82
C THR A 260 44.11 5.84 1.56
N GLY A 261 43.94 4.52 1.57
CA GLY A 261 43.60 3.81 0.35
C GLY A 261 42.17 4.02 -0.10
N GLU A 262 41.95 3.77 -1.39
CA GLU A 262 40.64 3.93 -2.01
C GLU A 262 39.72 2.74 -1.72
N ILE A 263 40.26 1.56 -1.50
CA ILE A 263 39.51 0.51 -0.81
C ILE A 263 39.41 0.88 0.67
N PRO A 264 38.22 0.77 1.29
CA PRO A 264 38.12 1.12 2.71
C PRO A 264 38.91 0.18 3.61
N LEU A 265 39.34 0.73 4.73
CA LEU A 265 40.31 0.07 5.62
C LEU A 265 39.91 -1.35 5.96
N PHE A 266 38.64 -1.58 6.27
CA PHE A 266 38.20 -2.89 6.71
C PHE A 266 38.06 -3.90 5.57
N SER A 267 37.82 -3.43 4.34
CA SER A 267 37.90 -4.31 3.19
C SER A 267 39.35 -4.55 2.76
N HIS A 268 40.23 -3.59 3.03
CA HIS A 268 41.66 -3.76 2.75
C HIS A 268 42.24 -4.93 3.55
N TYR A 269 41.90 -5.05 4.83
CA TYR A 269 42.29 -6.21 5.63
C TYR A 269 41.30 -7.37 5.55
N GLN A 270 40.28 -7.26 4.69
CA GLN A 270 39.30 -8.33 4.46
C GLN A 270 38.63 -8.82 5.74
N ILE A 271 38.37 -7.89 6.67
CA ILE A 271 37.59 -8.21 7.87
C ILE A 271 36.13 -7.83 7.74
N GLU A 272 35.73 -7.14 6.66
CA GLU A 272 34.38 -6.59 6.57
C GLU A 272 33.31 -7.68 6.58
N SER A 273 33.59 -8.84 5.98
CA SER A 273 32.67 -9.97 6.07
C SER A 273 32.66 -10.59 7.46
N GLN A 274 33.78 -10.49 8.18
CA GLN A 274 33.85 -11.03 9.53
C GLN A 274 33.05 -10.18 10.50
N ILE A 275 33.03 -8.86 10.29
CA ILE A 275 32.30 -7.96 11.18
C ILE A 275 30.81 -8.30 11.18
N GLU A 276 30.22 -8.51 10.00
CA GLU A 276 28.80 -8.82 9.94
C GLU A 276 28.46 -10.20 10.47
N SER A 277 29.45 -11.08 10.65
CA SER A 277 29.17 -12.30 11.39
C SER A 277 28.71 -12.02 12.81
N ALA A 278 29.03 -10.85 13.36
CA ALA A 278 28.55 -10.45 14.68
C ALA A 278 27.08 -10.05 14.68
N PHE A 279 26.45 -9.99 13.51
CA PHE A 279 25.06 -9.57 13.39
C PHE A 279 24.18 -10.71 12.90
N GLN A 280 24.75 -11.65 12.16
CA GLN A 280 24.03 -12.81 11.68
C GLN A 280 23.50 -13.65 12.84
N ARG A 281 22.40 -14.35 12.58
CA ARG A 281 21.91 -15.37 13.50
C ARG A 281 22.81 -16.60 13.51
N GLU A 282 23.41 -16.94 12.37
CA GLU A 282 24.18 -18.17 12.22
C GLU A 282 25.55 -17.88 11.63
N VAL A 283 26.58 -18.50 12.22
CA VAL A 283 27.94 -18.40 11.71
C VAL A 283 28.44 -19.81 11.41
N ARG A 284 28.87 -20.05 10.17
CA ARG A 284 29.38 -21.36 9.77
C ARG A 284 30.87 -21.51 10.10
N LEU A 285 31.29 -22.78 10.25
CA LEU A 285 32.55 -23.19 10.84
C LEU A 285 33.43 -23.94 9.84
N PRO A 286 34.76 -23.89 10.02
CA PRO A 286 35.66 -24.52 9.03
C PRO A 286 35.37 -25.99 8.73
N SER A 287 34.96 -26.77 9.72
CA SER A 287 34.56 -28.16 9.50
C SER A 287 33.19 -28.30 8.84
N GLY A 288 32.57 -27.21 8.43
CA GLY A 288 31.26 -27.27 7.83
C GLY A 288 30.10 -27.33 8.81
N GLY A 289 30.37 -27.25 10.12
CA GLY A 289 29.30 -27.05 11.08
C GLY A 289 28.92 -25.58 11.20
N SER A 290 27.99 -25.30 12.10
CA SER A 290 27.60 -23.91 12.33
C SER A 290 27.14 -23.72 13.77
N ILE A 291 27.20 -22.47 14.23
CA ILE A 291 26.58 -22.05 15.49
C ILE A 291 25.41 -21.12 15.22
N VAL A 292 24.28 -21.39 15.88
CA VAL A 292 23.06 -20.60 15.79
C VAL A 292 22.78 -19.95 17.14
N ILE A 293 22.64 -18.63 17.17
CA ILE A 293 22.49 -17.85 18.39
C ILE A 293 21.08 -17.29 18.47
N ASP A 294 20.35 -17.59 19.54
CA ASP A 294 19.04 -17.03 19.81
C ASP A 294 19.03 -16.34 21.17
N SER A 295 18.34 -15.20 21.27
CA SER A 295 18.15 -14.51 22.54
C SER A 295 16.71 -14.66 23.03
N THR A 296 16.55 -15.09 24.28
CA THR A 296 15.26 -15.07 24.96
C THR A 296 15.24 -13.90 25.94
N GLU A 297 14.11 -13.78 26.67
CA GLU A 297 13.92 -12.63 27.55
C GLU A 297 14.99 -12.52 28.63
N ALA A 298 15.64 -13.62 29.02
CA ALA A 298 16.63 -13.54 30.07
C ALA A 298 17.89 -14.36 29.83
N LEU A 299 17.95 -15.18 28.79
CA LEU A 299 19.14 -15.99 28.52
C LEU A 299 19.34 -16.13 27.02
N THR A 300 20.58 -16.42 26.63
CA THR A 300 20.94 -16.65 25.24
C THR A 300 21.23 -18.13 25.02
N ALA A 301 20.56 -18.73 24.03
CA ALA A 301 20.76 -20.14 23.68
C ALA A 301 21.56 -20.26 22.38
N ILE A 302 22.62 -21.06 22.39
CA ILE A 302 23.37 -21.41 21.19
C ILE A 302 23.20 -22.89 20.87
N ARG A 303 22.91 -23.20 19.60
CA ARG A 303 22.92 -24.59 19.11
C ARG A 303 24.04 -24.79 18.10
N ILE A 304 24.75 -25.92 18.18
CA ILE A 304 25.83 -26.28 17.24
C ILE A 304 25.36 -27.41 16.32
N ASN A 305 25.47 -27.19 15.01
CA ASN A 305 25.08 -28.15 13.99
C ASN A 305 26.29 -28.76 13.27
N SER A 306 26.26 -30.08 13.11
CA SER A 306 27.20 -30.80 12.23
C SER A 306 27.02 -30.41 10.76
N ALA A 307 28.05 -30.70 9.96
CA ALA A 307 27.89 -30.74 8.52
C ALA A 307 26.94 -31.86 8.08
N ARG A 308 26.37 -31.67 6.88
CA ARG A 308 25.58 -32.72 6.25
C ARG A 308 26.43 -33.97 6.02
N ALA A 309 25.87 -35.14 6.32
CA ALA A 309 26.65 -36.37 6.38
C ALA A 309 27.02 -36.84 4.97
N THR A 310 28.31 -37.06 4.71
CA THR A 310 28.78 -37.27 3.36
C THR A 310 30.05 -38.11 3.34
N ARG A 311 30.22 -38.83 2.22
CA ARG A 311 31.46 -39.47 1.80
C ARG A 311 32.34 -40.00 2.94
N GLY A 312 31.77 -40.86 3.78
CA GLY A 312 32.54 -41.65 4.73
C GLY A 312 33.08 -40.91 5.94
N GLY A 313 32.39 -39.89 6.42
CA GLY A 313 32.85 -39.15 7.58
C GLY A 313 33.01 -40.02 8.81
N ASP A 314 33.83 -39.53 9.74
CA ASP A 314 34.13 -40.22 11.00
C ASP A 314 33.39 -39.50 12.12
N ILE A 315 32.53 -40.24 12.82
CA ILE A 315 31.45 -39.63 13.61
C ILE A 315 31.97 -38.89 14.84
N GLU A 316 32.97 -39.45 15.54
CA GLU A 316 33.54 -38.77 16.70
C GLU A 316 34.43 -37.60 16.30
N GLU A 317 35.25 -37.77 15.26
CA GLU A 317 36.07 -36.64 14.83
C GLU A 317 35.22 -35.48 14.34
N THR A 318 34.11 -35.79 13.64
CA THR A 318 33.21 -34.74 13.18
C THR A 318 32.59 -34.00 14.36
N ALA A 319 32.02 -34.73 15.31
CA ALA A 319 31.41 -34.08 16.46
C ALA A 319 32.43 -33.30 17.27
N PHE A 320 33.52 -33.95 17.67
CA PHE A 320 34.48 -33.34 18.59
C PHE A 320 35.16 -32.12 17.97
N ASN A 321 35.65 -32.24 16.73
CA ASN A 321 36.31 -31.09 16.10
C ASN A 321 35.34 -29.96 15.81
N THR A 322 34.10 -30.27 15.40
CA THR A 322 33.15 -29.19 15.19
C THR A 322 32.85 -28.47 16.51
N ASN A 323 32.72 -29.22 17.61
CA ASN A 323 32.49 -28.57 18.90
C ASN A 323 33.66 -27.70 19.31
N LEU A 324 34.89 -28.17 19.09
CA LEU A 324 36.06 -27.39 19.49
C LEU A 324 36.17 -26.10 18.67
N GLU A 325 35.91 -26.19 17.36
CA GLU A 325 35.86 -24.97 16.55
C GLU A 325 34.73 -24.07 17.01
N ALA A 326 33.58 -24.65 17.33
CA ALA A 326 32.46 -23.87 17.84
C ALA A 326 32.79 -23.20 19.16
N ALA A 327 33.60 -23.84 20.00
CA ALA A 327 33.98 -23.21 21.26
C ALA A 327 34.84 -21.98 21.02
N ASP A 328 35.83 -22.10 20.13
CA ASP A 328 36.62 -20.92 19.77
C ASP A 328 35.75 -19.83 19.16
N GLU A 329 34.83 -20.22 18.29
CA GLU A 329 33.96 -19.25 17.64
C GLU A 329 32.98 -18.61 18.62
N ILE A 330 32.46 -19.38 19.57
CA ILE A 330 31.53 -18.83 20.54
C ILE A 330 32.23 -17.82 21.44
N ALA A 331 33.44 -18.13 21.92
CA ALA A 331 34.19 -17.13 22.70
C ALA A 331 34.45 -15.87 21.89
N ARG A 332 34.72 -16.04 20.59
CA ARG A 332 34.90 -14.90 19.70
C ARG A 332 33.62 -14.10 19.53
N GLN A 333 32.50 -14.76 19.25
CA GLN A 333 31.23 -14.05 19.12
C GLN A 333 30.83 -13.38 20.42
N LEU A 334 31.09 -14.01 21.56
CA LEU A 334 30.82 -13.37 22.84
C LEU A 334 31.54 -12.04 22.94
N ARG A 335 32.80 -11.98 22.52
CA ARG A 335 33.48 -10.69 22.50
C ARG A 335 32.84 -9.75 21.49
N LEU A 336 32.73 -10.19 20.23
CA LEU A 336 32.26 -9.32 19.15
C LEU A 336 30.89 -8.72 19.47
N ARG A 337 29.98 -9.52 20.00
CA ARG A 337 28.61 -9.10 20.27
C ARG A 337 28.47 -8.37 21.60
N ASP A 338 29.47 -8.44 22.47
CA ASP A 338 29.38 -7.92 23.84
C ASP A 338 28.12 -8.40 24.55
N LEU A 339 27.88 -9.70 24.48
CA LEU A 339 26.77 -10.32 25.18
C LEU A 339 26.96 -10.18 26.69
N GLY A 340 25.86 -10.32 27.42
CA GLY A 340 25.93 -10.28 28.87
C GLY A 340 24.75 -10.97 29.50
N GLY A 341 24.93 -11.37 30.77
CA GLY A 341 24.01 -12.29 31.41
C GLY A 341 24.21 -13.73 30.97
N LEU A 342 23.17 -14.53 31.22
CA LEU A 342 23.22 -15.99 31.16
C LEU A 342 23.21 -16.49 29.72
N ILE A 343 23.97 -17.55 29.48
CA ILE A 343 24.08 -18.22 28.19
C ILE A 343 23.91 -19.73 28.39
N VAL A 344 23.32 -20.40 27.41
CA VAL A 344 23.23 -21.85 27.39
C VAL A 344 23.70 -22.36 26.03
N ILE A 345 24.55 -23.37 26.02
CA ILE A 345 25.17 -23.89 24.80
C ILE A 345 24.83 -25.36 24.65
N ARG A 346 24.23 -25.74 23.53
CA ARG A 346 23.96 -27.15 23.20
C ARG A 346 24.98 -27.66 22.19
N PHE A 347 26.06 -28.26 22.68
CA PHE A 347 27.04 -28.93 21.84
C PHE A 347 26.52 -30.24 21.24
N ILE A 348 27.18 -30.69 20.17
CA ILE A 348 26.91 -32.00 19.60
C ILE A 348 27.28 -33.08 20.61
N ASP A 349 26.42 -34.10 20.74
CA ASP A 349 26.60 -35.14 21.75
C ASP A 349 27.86 -35.95 21.49
N MET A 350 28.74 -35.99 22.49
CA MET A 350 29.99 -36.74 22.44
C MET A 350 29.94 -37.88 23.45
N THR A 351 30.26 -39.10 22.98
CA THR A 351 30.12 -40.27 23.86
C THR A 351 31.11 -40.25 25.01
N PRO A 352 32.43 -40.17 24.78
CA PRO A 352 33.37 -40.26 25.90
C PRO A 352 33.52 -38.95 26.65
N VAL A 353 33.64 -39.09 27.99
CA VAL A 353 33.66 -37.93 28.88
C VAL A 353 34.84 -37.02 28.61
N ARG A 354 36.02 -37.58 28.33
CA ARG A 354 37.18 -36.71 28.11
C ARG A 354 37.00 -35.78 26.92
N HIS A 355 36.25 -36.20 25.90
CA HIS A 355 35.96 -35.26 24.81
C HIS A 355 35.08 -34.12 25.30
N GLN A 356 34.11 -34.43 26.14
CA GLN A 356 33.27 -33.40 26.75
C GLN A 356 34.10 -32.43 27.57
N ARG A 357 34.90 -32.95 28.49
CA ARG A 357 35.77 -32.11 29.30
C ARG A 357 36.72 -31.29 28.45
N ALA A 358 37.29 -31.89 27.40
CA ALA A 358 38.21 -31.17 26.53
C ALA A 358 37.54 -30.00 25.85
N VAL A 359 36.26 -30.16 25.47
CA VAL A 359 35.52 -29.04 24.91
C VAL A 359 35.28 -27.96 25.96
N GLU A 360 34.97 -28.36 27.19
CA GLU A 360 34.79 -27.37 28.25
C GLU A 360 36.06 -26.55 28.48
N ASN A 361 37.20 -27.22 28.59
CA ASN A 361 38.45 -26.52 28.88
C ASN A 361 38.98 -25.75 27.67
N ARG A 362 38.64 -26.16 26.46
CA ARG A 362 38.87 -25.34 25.27
C ARG A 362 38.10 -24.04 25.33
N LEU A 363 36.81 -24.11 25.66
CA LEU A 363 36.03 -22.89 25.83
C LEU A 363 36.59 -22.02 26.94
N ARG A 364 36.89 -22.61 28.10
CA ARG A 364 37.45 -21.85 29.22
C ARG A 364 38.71 -21.09 28.82
N GLU A 365 39.63 -21.76 28.14
CA GLU A 365 40.88 -21.10 27.77
C GLU A 365 40.64 -20.03 26.71
N ALA A 366 39.70 -20.26 25.79
CA ALA A 366 39.41 -19.25 24.79
C ALA A 366 38.84 -17.98 25.42
N VAL A 367 37.95 -18.13 26.41
CA VAL A 367 37.33 -16.95 27.02
C VAL A 367 38.19 -16.27 28.08
N ARG A 368 39.21 -16.95 28.62
CA ARG A 368 40.08 -16.31 29.60
C ARG A 368 40.87 -15.14 29.01
N GLN A 369 40.99 -15.05 27.68
CA GLN A 369 41.60 -13.87 27.06
C GLN A 369 40.74 -12.62 27.18
N ASP A 370 39.45 -12.76 27.50
CA ASP A 370 38.58 -11.61 27.72
C ASP A 370 38.81 -10.97 29.08
N ARG A 371 38.72 -9.63 29.13
CA ARG A 371 38.81 -8.90 30.39
C ARG A 371 37.48 -8.85 31.13
N ALA A 372 36.37 -9.21 30.48
CA ALA A 372 35.12 -9.45 31.18
C ALA A 372 35.15 -10.75 31.99
N ARG A 373 34.52 -10.70 33.17
CA ARG A 373 34.18 -11.91 33.92
C ARG A 373 33.29 -12.83 33.10
N ILE A 374 33.73 -14.08 32.93
CA ILE A 374 32.97 -15.14 32.30
C ILE A 374 33.05 -16.38 33.15
N GLN A 375 31.91 -17.03 33.40
CA GLN A 375 31.91 -18.25 34.20
C GLN A 375 31.15 -19.38 33.52
N ILE A 376 31.64 -20.62 33.65
CA ILE A 376 31.15 -21.74 32.87
C ILE A 376 30.86 -22.94 33.76
N SER A 377 29.73 -23.60 33.50
CA SER A 377 29.40 -24.88 34.12
C SER A 377 29.96 -26.02 33.28
N HIS A 378 29.84 -27.21 33.82
CA HIS A 378 30.04 -28.47 33.13
C HIS A 378 28.86 -28.82 32.22
N ILE A 379 29.15 -29.67 31.22
CA ILE A 379 28.12 -30.24 30.36
C ILE A 379 27.22 -31.18 31.16
N SER A 380 25.91 -30.96 31.05
CA SER A 380 24.90 -31.78 31.70
C SER A 380 24.65 -33.08 30.94
N ARG A 381 23.80 -33.90 31.56
CA ARG A 381 23.28 -35.11 30.92
C ARG A 381 22.69 -34.86 29.54
N PHE A 382 21.99 -33.73 29.39
CA PHE A 382 21.31 -33.42 28.15
C PHE A 382 22.23 -32.85 27.08
N GLY A 383 23.48 -32.57 27.42
CA GLY A 383 24.40 -31.90 26.51
C GLY A 383 24.32 -30.40 26.55
N LEU A 384 23.83 -29.83 27.66
CA LEU A 384 23.71 -28.39 27.81
C LEU A 384 24.79 -27.89 28.75
N LEU A 385 25.52 -26.86 28.32
CA LEU A 385 26.49 -26.16 29.14
C LEU A 385 25.98 -24.77 29.50
N GLU A 386 26.09 -24.40 30.76
CA GLU A 386 25.63 -23.12 31.26
C GLU A 386 26.80 -22.18 31.50
N MET A 387 26.64 -20.90 31.18
CA MET A 387 27.70 -19.94 31.43
C MET A 387 27.12 -18.54 31.60
N SER A 388 27.95 -17.62 32.09
CA SER A 388 27.59 -16.23 32.29
C SER A 388 28.63 -15.34 31.62
N ARG A 389 28.23 -14.10 31.31
CA ARG A 389 29.21 -13.08 30.93
C ARG A 389 28.86 -11.74 31.59
N GLN A 390 29.91 -11.02 32.00
CA GLN A 390 29.80 -9.75 32.69
C GLN A 390 29.07 -8.69 31.87
N ARG A 391 28.26 -7.91 32.59
CA ARG A 391 27.23 -7.03 32.03
C ARG A 391 27.83 -5.64 31.74
N LEU A 392 28.74 -5.61 30.76
CA LEU A 392 29.55 -4.39 30.56
C LEU A 392 28.85 -3.31 29.75
N SER A 393 28.14 -3.65 28.68
CA SER A 393 27.41 -2.64 27.93
C SER A 393 26.36 -3.33 27.07
N PRO A 394 25.41 -2.57 26.52
CA PRO A 394 24.40 -3.18 25.65
C PRO A 394 24.99 -3.94 24.47
N SER A 395 24.40 -5.11 24.20
CA SER A 395 24.81 -5.98 23.13
C SER A 395 24.40 -5.38 21.77
N LEU A 396 24.95 -5.96 20.70
CA LEU A 396 24.53 -5.62 19.35
C LEU A 396 23.04 -5.87 19.13
N GLY A 397 22.47 -6.88 19.79
CA GLY A 397 21.03 -7.09 19.72
C GLY A 397 20.21 -5.95 20.32
N GLU A 398 20.80 -5.20 21.25
CA GLU A 398 20.13 -4.05 21.83
C GLU A 398 20.45 -2.73 21.12
N SER A 399 21.65 -2.61 20.55
CA SER A 399 22.05 -1.35 19.92
C SER A 399 21.62 -1.26 18.46
N SER A 400 21.45 -2.40 17.78
CA SER A 400 21.33 -2.41 16.33
C SER A 400 20.14 -3.24 15.85
N HIS A 401 19.27 -3.67 16.77
CA HIS A 401 17.99 -4.28 16.39
C HIS A 401 16.91 -3.82 17.36
N HIS A 402 15.65 -3.96 16.90
CA HIS A 402 14.48 -3.81 17.74
C HIS A 402 13.54 -4.98 17.47
N VAL A 403 12.63 -5.21 18.42
CA VAL A 403 11.71 -6.35 18.30
C VAL A 403 10.86 -6.22 17.05
N CYS A 404 10.61 -7.36 16.41
CA CYS A 404 9.85 -7.46 15.19
C CYS A 404 8.47 -6.82 15.36
N PRO A 405 8.10 -5.80 14.57
CA PRO A 405 6.77 -5.19 14.72
C PRO A 405 5.60 -6.06 14.27
N ARG A 406 5.83 -7.12 13.50
CA ARG A 406 4.73 -7.99 13.09
C ARG A 406 4.39 -9.00 14.18
N CYS A 407 5.31 -9.90 14.49
CA CYS A 407 5.07 -11.01 15.40
C CYS A 407 5.30 -10.65 16.86
N SER A 408 5.90 -9.49 17.14
CA SER A 408 6.32 -9.07 18.47
C SER A 408 7.39 -9.97 19.07
N GLY A 409 8.14 -10.67 18.22
CA GLY A 409 9.34 -11.36 18.63
C GLY A 409 9.17 -12.84 18.86
N THR A 410 8.03 -13.42 18.49
CA THR A 410 7.89 -14.87 18.56
C THR A 410 8.76 -15.55 17.52
N GLY A 411 8.89 -14.94 16.34
CA GLY A 411 9.49 -15.57 15.19
C GLY A 411 8.56 -16.49 14.41
N THR A 412 7.31 -16.62 14.83
CA THR A 412 6.32 -17.40 14.12
C THR A 412 4.95 -16.74 14.29
N VAL A 413 4.13 -16.85 13.25
CA VAL A 413 2.81 -16.24 13.23
C VAL A 413 1.76 -17.32 13.02
N ARG A 414 0.62 -17.16 13.69
CA ARG A 414 -0.46 -18.13 13.61
C ARG A 414 -0.99 -18.26 12.19
N ASP A 415 -1.40 -19.49 11.83
CA ASP A 415 -2.00 -19.73 10.52
C ASP A 415 -3.31 -18.97 10.40
N ASN A 416 -3.54 -18.44 9.19
CA ASN A 416 -4.59 -17.44 8.98
C ASN A 416 -5.97 -17.91 9.44
N GLU A 417 -6.42 -19.08 8.99
CA GLU A 417 -7.72 -19.58 9.43
C GLU A 417 -7.75 -19.96 10.91
N SER A 418 -6.61 -20.31 11.51
CA SER A 418 -6.61 -20.58 12.94
C SER A 418 -6.82 -19.29 13.75
N LEU A 419 -6.15 -18.22 13.33
CA LEU A 419 -6.37 -16.93 13.97
C LEU A 419 -7.78 -16.43 13.70
N SER A 420 -8.30 -16.68 12.50
CA SER A 420 -9.67 -16.30 12.19
C SER A 420 -10.63 -16.95 13.17
N LEU A 421 -10.49 -18.24 13.41
CA LEU A 421 -11.39 -18.94 14.32
C LEU A 421 -11.23 -18.51 15.77
N SER A 422 -10.03 -18.03 16.14
CA SER A 422 -9.87 -17.44 17.46
C SER A 422 -10.61 -16.09 17.57
N ILE A 423 -10.50 -15.27 16.52
CA ILE A 423 -11.22 -14.01 16.49
C ILE A 423 -12.74 -14.25 16.49
N LEU A 424 -13.18 -15.27 15.75
CA LEU A 424 -14.59 -15.62 15.73
C LEU A 424 -15.14 -15.98 17.11
N ARG A 425 -14.40 -16.78 17.89
CA ARG A 425 -14.90 -17.09 19.23
C ARG A 425 -14.76 -15.93 20.21
N LEU A 426 -13.86 -14.98 19.95
CA LEU A 426 -13.88 -13.73 20.72
C LEU A 426 -15.12 -12.91 20.39
N ILE A 427 -15.43 -12.75 19.11
CA ILE A 427 -16.65 -12.05 18.69
C ILE A 427 -17.87 -12.66 19.35
N GLU A 428 -17.93 -14.00 19.38
CA GLU A 428 -19.07 -14.66 19.99
C GLU A 428 -19.21 -14.33 21.47
N GLU A 429 -18.08 -14.24 22.19
CA GLU A 429 -18.22 -13.87 23.59
C GLU A 429 -18.50 -12.38 23.80
N GLU A 430 -18.04 -11.50 22.91
CA GLU A 430 -18.44 -10.10 23.00
C GLU A 430 -19.94 -9.92 22.79
N ALA A 431 -20.52 -10.68 21.86
CA ALA A 431 -21.98 -10.62 21.64
C ALA A 431 -22.79 -11.17 22.82
N LEU A 432 -22.24 -12.10 23.59
CA LEU A 432 -22.91 -12.63 24.78
C LEU A 432 -23.05 -11.62 25.92
N LYS A 433 -22.33 -10.50 25.88
CA LYS A 433 -22.36 -9.53 26.96
C LYS A 433 -23.69 -8.80 27.08
N GLU A 434 -24.01 -8.40 28.32
CA GLU A 434 -25.02 -7.38 28.60
C GLU A 434 -24.64 -6.03 27.99
N ASN A 435 -25.62 -5.13 27.97
CA ASN A 435 -25.44 -3.74 27.56
C ASN A 435 -24.84 -3.57 26.18
N THR A 436 -24.88 -4.59 25.32
CA THR A 436 -24.17 -4.57 24.05
C THR A 436 -25.16 -4.56 22.89
N GLN A 437 -24.93 -3.66 21.94
CA GLN A 437 -25.78 -3.54 20.76
C GLN A 437 -25.09 -3.98 19.48
N GLU A 438 -23.78 -3.73 19.35
CA GLU A 438 -23.02 -4.22 18.21
C GLU A 438 -21.63 -4.66 18.67
N VAL A 439 -21.05 -5.56 17.87
CA VAL A 439 -19.66 -5.96 17.96
C VAL A 439 -18.98 -5.63 16.64
N HIS A 440 -17.84 -4.94 16.71
CA HIS A 440 -17.03 -4.63 15.54
C HIS A 440 -15.70 -5.37 15.64
N ALA A 441 -15.37 -6.13 14.60
CA ALA A 441 -14.05 -6.71 14.43
C ALA A 441 -13.35 -6.01 13.27
N ILE A 442 -12.13 -5.54 13.50
CA ILE A 442 -11.30 -4.98 12.45
C ILE A 442 -10.09 -5.89 12.26
N VAL A 443 -9.91 -6.41 11.05
CA VAL A 443 -9.01 -7.54 10.84
C VAL A 443 -8.29 -7.38 9.50
N PRO A 444 -7.17 -8.08 9.33
CA PRO A 444 -6.55 -8.16 8.01
C PRO A 444 -7.46 -8.76 6.96
N VAL A 445 -7.28 -8.28 5.72
CA VAL A 445 -8.04 -8.69 4.55
C VAL A 445 -8.29 -10.20 4.46
N PRO A 446 -7.27 -11.06 4.55
CA PRO A 446 -7.56 -12.51 4.43
C PRO A 446 -8.40 -13.05 5.57
N ILE A 447 -8.28 -12.46 6.77
CA ILE A 447 -9.11 -12.90 7.89
C ILE A 447 -10.57 -12.60 7.60
N ALA A 448 -10.85 -11.40 7.12
CA ALA A 448 -12.21 -11.03 6.74
C ALA A 448 -12.72 -11.91 5.61
N SER A 449 -11.89 -12.13 4.59
CA SER A 449 -12.31 -12.96 3.46
C SER A 449 -12.69 -14.36 3.91
N TYR A 450 -11.93 -14.93 4.86
CA TYR A 450 -12.28 -16.24 5.40
C TYR A 450 -13.53 -16.20 6.25
N LEU A 451 -13.62 -15.26 7.19
CA LEU A 451 -14.75 -15.22 8.11
C LEU A 451 -16.06 -14.88 7.41
N LEU A 452 -16.02 -13.99 6.42
CA LEU A 452 -17.24 -13.52 5.77
C LEU A 452 -17.65 -14.36 4.58
N ASN A 453 -16.94 -15.44 4.28
CA ASN A 453 -17.33 -16.34 3.22
C ASN A 453 -17.36 -17.80 3.68
N GLU A 454 -16.22 -18.32 4.14
CA GLU A 454 -16.21 -19.67 4.69
C GLU A 454 -17.05 -19.78 5.96
N LYS A 455 -16.86 -18.85 6.90
CA LYS A 455 -17.55 -18.90 8.18
C LYS A 455 -18.78 -17.99 8.22
N ARG A 456 -19.28 -17.56 7.06
CA ARG A 456 -20.48 -16.73 7.04
C ARG A 456 -21.61 -17.42 7.79
N SER A 457 -21.70 -18.75 7.65
CA SER A 457 -22.68 -19.50 8.40
C SER A 457 -22.54 -19.27 9.90
N ALA A 458 -21.31 -19.18 10.40
CA ALA A 458 -21.10 -18.93 11.83
C ALA A 458 -21.38 -17.49 12.22
N VAL A 459 -21.04 -16.53 11.36
CA VAL A 459 -21.37 -15.14 11.63
C VAL A 459 -22.89 -14.95 11.72
N ASN A 460 -23.61 -15.53 10.77
CA ASN A 460 -25.07 -15.55 10.84
C ASN A 460 -25.56 -16.28 12.10
N ALA A 461 -24.89 -17.37 12.49
CA ALA A 461 -25.27 -18.09 13.70
C ALA A 461 -25.15 -17.22 14.95
N ILE A 462 -24.06 -16.45 15.05
CA ILE A 462 -23.90 -15.54 16.18
C ILE A 462 -24.99 -14.47 16.15
N GLU A 463 -25.22 -13.86 14.97
CA GLU A 463 -26.22 -12.80 14.90
C GLU A 463 -27.62 -13.27 15.23
N THR A 464 -27.93 -14.54 14.95
CA THR A 464 -29.25 -15.08 15.25
C THR A 464 -29.38 -15.67 16.66
N ARG A 465 -28.35 -16.37 17.16
CA ARG A 465 -28.42 -16.96 18.49
C ARG A 465 -28.24 -15.93 19.61
N GLN A 466 -27.17 -15.12 19.52
CA GLN A 466 -26.98 -14.02 20.47
C GLN A 466 -27.85 -12.84 20.02
N ASP A 467 -29.15 -13.09 20.11
CA ASP A 467 -30.19 -12.27 19.49
C ASP A 467 -30.05 -10.78 19.82
N GLY A 468 -30.31 -9.95 18.79
CA GLY A 468 -30.28 -8.50 18.92
C GLY A 468 -28.95 -7.79 18.73
N VAL A 469 -27.84 -8.51 18.59
CA VAL A 469 -26.52 -7.88 18.47
C VAL A 469 -26.06 -7.96 17.02
N ARG A 470 -25.65 -6.81 16.47
CA ARG A 470 -25.02 -6.74 15.16
C ARG A 470 -23.56 -7.20 15.20
N CYS A 471 -23.13 -7.95 14.19
CA CYS A 471 -21.72 -8.25 13.97
C CYS A 471 -21.20 -7.58 12.69
N VAL A 472 -20.17 -6.76 12.83
CA VAL A 472 -19.43 -6.16 11.72
C VAL A 472 -18.03 -6.75 11.68
N ILE A 473 -17.60 -7.21 10.51
CA ILE A 473 -16.19 -7.59 10.27
C ILE A 473 -15.66 -6.73 9.14
N VAL A 474 -14.60 -5.96 9.42
CA VAL A 474 -14.04 -4.99 8.47
C VAL A 474 -12.68 -5.48 8.00
N PRO A 475 -12.48 -5.72 6.70
CA PRO A 475 -11.13 -5.90 6.17
C PRO A 475 -10.38 -4.57 6.16
N ASN A 476 -9.19 -4.57 6.75
CA ASN A 476 -8.36 -3.38 6.84
C ASN A 476 -7.13 -3.53 5.95
N ASP A 477 -6.86 -2.50 5.14
CA ASP A 477 -5.61 -2.42 4.39
C ASP A 477 -4.41 -2.23 5.32
N GLN A 478 -4.63 -1.65 6.49
CA GLN A 478 -3.57 -1.25 7.40
C GLN A 478 -3.13 -2.36 8.35
N MET A 479 -3.55 -3.60 8.11
CA MET A 479 -3.23 -4.68 9.03
C MET A 479 -2.59 -5.88 8.35
N GLU A 480 -1.79 -6.57 9.14
CA GLU A 480 -1.05 -7.77 8.78
C GLU A 480 -1.59 -8.89 9.67
N THR A 481 -1.17 -10.12 9.41
CA THR A 481 -1.80 -11.26 10.08
C THR A 481 -1.77 -11.22 11.60
N PRO A 482 -0.69 -10.81 12.27
CA PRO A 482 -0.73 -10.83 13.74
C PRO A 482 -1.74 -9.91 14.42
N HIS A 483 -1.95 -8.70 13.91
CA HIS A 483 -2.83 -7.74 14.57
C HIS A 483 -4.29 -7.77 14.12
N TYR A 484 -5.18 -7.55 15.09
CA TYR A 484 -6.62 -7.40 14.89
C TYR A 484 -7.16 -6.57 16.05
N HIS A 485 -8.37 -6.03 15.87
CA HIS A 485 -9.20 -5.53 16.97
C HIS A 485 -10.58 -6.17 16.95
N VAL A 486 -11.14 -6.36 18.15
CA VAL A 486 -12.56 -6.63 18.35
C VAL A 486 -13.08 -5.68 19.42
N LEU A 487 -14.24 -5.08 19.18
CA LEU A 487 -14.73 -3.98 20.01
C LEU A 487 -16.21 -4.13 20.35
N ARG A 488 -16.60 -3.33 21.34
CA ARG A 488 -17.94 -3.29 21.92
C ARG A 488 -18.62 -1.98 21.55
N VAL A 489 -19.88 -2.06 21.13
CA VAL A 489 -20.75 -0.89 21.01
C VAL A 489 -21.84 -0.95 22.08
N ARG A 490 -21.93 0.12 22.86
CA ARG A 490 -22.86 0.23 23.97
C ARG A 490 -24.28 0.44 23.46
N LYS A 491 -25.27 0.01 24.24
CA LYS A 491 -26.65 0.31 23.91
C LYS A 491 -26.95 1.81 24.00
N GLY A 492 -27.53 2.34 22.93
CA GLY A 492 -27.95 3.74 22.85
C GLY A 492 -26.85 4.72 22.51
N GLU A 493 -25.58 4.34 22.64
CA GLU A 493 -24.47 5.14 22.15
C GLU A 493 -24.00 4.66 20.78
N GLU A 494 -24.77 3.77 20.15
CA GLU A 494 -24.55 3.28 18.79
C GLU A 494 -24.35 4.42 17.79
N THR A 495 -23.65 4.10 16.70
CA THR A 495 -23.28 5.04 15.66
C THR A 495 -23.74 4.56 14.29
N PRO A 496 -24.12 5.49 13.40
CA PRO A 496 -24.42 5.11 12.00
C PRO A 496 -23.22 4.86 11.11
N THR A 497 -22.00 4.99 11.62
CA THR A 497 -20.79 4.91 10.80
C THR A 497 -20.72 3.61 9.99
N LEU A 498 -20.34 3.75 8.72
CA LEU A 498 -20.28 2.64 7.77
C LEU A 498 -19.10 1.72 8.08
N SER A 499 -19.24 0.46 7.64
CA SER A 499 -18.21 -0.54 7.92
C SER A 499 -16.81 -0.09 7.51
N TYR A 500 -16.65 0.34 6.27
CA TYR A 500 -15.33 0.75 5.80
C TYR A 500 -14.84 2.05 6.44
N MET A 501 -15.70 2.76 7.15
CA MET A 501 -15.27 3.95 7.85
C MET A 501 -14.75 3.67 9.25
N LEU A 502 -15.04 2.50 9.81
CA LEU A 502 -14.60 2.22 11.18
C LEU A 502 -13.10 2.24 11.37
N PRO A 503 -12.27 1.67 10.50
CA PRO A 503 -10.81 1.83 10.69
C PRO A 503 -10.34 3.26 10.54
N LYS A 504 -10.97 4.02 9.65
CA LYS A 504 -10.62 5.42 9.47
C LYS A 504 -10.94 6.23 10.72
N LEU A 505 -11.99 5.84 11.44
CA LEU A 505 -12.26 6.41 12.75
C LEU A 505 -11.19 6.01 13.77
N HIS A 506 -10.90 4.71 13.86
CA HIS A 506 -10.08 4.22 14.97
C HIS A 506 -8.59 4.49 14.80
N GLU A 507 -8.10 4.69 13.57
CA GLU A 507 -6.75 5.22 13.39
C GLU A 507 -6.57 6.63 13.93
N GLU A 508 -7.66 7.36 14.19
CA GLU A 508 -7.58 8.72 14.67
C GLU A 508 -8.28 8.96 16.00
N ALA A 509 -9.26 8.12 16.37
CA ALA A 509 -9.78 8.18 17.73
C ALA A 509 -8.81 7.56 18.73
N MET A 510 -8.23 6.41 18.38
CA MET A 510 -7.24 5.75 19.23
C MET A 510 -6.36 4.82 18.40
N MET B 1 -14.81 -32.99 40.04
CA MET B 1 -14.88 -34.08 39.03
C MET B 1 -14.10 -33.72 37.76
N LYS B 2 -13.39 -34.70 37.22
CA LYS B 2 -12.78 -34.55 35.89
C LYS B 2 -13.83 -34.79 34.81
N ARG B 3 -13.80 -33.94 33.78
CA ARG B 3 -14.72 -34.07 32.65
C ARG B 3 -14.01 -33.78 31.34
N MET B 4 -14.48 -34.41 30.27
CA MET B 4 -13.98 -34.16 28.91
C MET B 4 -15.04 -33.40 28.11
N LEU B 5 -14.63 -32.29 27.51
CA LEU B 5 -15.49 -31.44 26.70
C LEU B 5 -14.99 -31.44 25.27
N ILE B 6 -15.87 -31.79 24.32
CA ILE B 6 -15.56 -31.79 22.90
C ILE B 6 -16.37 -30.70 22.21
N ASN B 7 -15.68 -29.82 21.49
CA ASN B 7 -16.29 -28.79 20.66
C ASN B 7 -16.02 -29.10 19.19
N ALA B 8 -17.11 -29.23 18.42
CA ALA B 8 -17.07 -29.57 17.01
C ALA B 8 -18.06 -28.73 16.20
N THR B 9 -18.62 -27.67 16.79
CA THR B 9 -19.59 -26.82 16.11
C THR B 9 -19.10 -26.29 14.77
N GLN B 10 -17.80 -26.02 14.64
CA GLN B 10 -17.20 -25.65 13.36
C GLN B 10 -16.17 -26.71 12.96
N GLN B 11 -16.38 -27.32 11.78
CA GLN B 11 -15.59 -28.47 11.36
C GLN B 11 -14.12 -28.13 11.08
N GLU B 12 -13.78 -26.86 10.87
CA GLU B 12 -12.41 -26.53 10.49
C GLU B 12 -11.40 -26.61 11.62
N GLU B 13 -11.82 -26.71 12.89
CA GLU B 13 -10.93 -27.28 13.90
C GLU B 13 -11.74 -27.94 15.00
N LEU B 14 -11.46 -29.23 15.21
CA LEU B 14 -12.07 -30.03 16.27
C LEU B 14 -11.23 -29.91 17.55
N ARG B 15 -11.85 -29.38 18.62
CA ARG B 15 -11.18 -29.12 19.90
C ARG B 15 -11.63 -30.12 20.96
N VAL B 16 -10.68 -30.85 21.55
CA VAL B 16 -10.93 -31.77 22.65
C VAL B 16 -10.21 -31.28 23.89
N ALA B 17 -10.95 -31.10 25.00
CA ALA B 17 -10.43 -30.54 26.24
C ALA B 17 -10.68 -31.47 27.42
N LEU B 18 -9.66 -31.67 28.24
CA LEU B 18 -9.73 -32.43 29.47
C LEU B 18 -9.65 -31.45 30.63
N VAL B 19 -10.64 -31.48 31.53
CA VAL B 19 -10.86 -30.45 32.54
C VAL B 19 -10.98 -31.10 33.91
N ASP B 20 -10.43 -30.41 34.92
CA ASP B 20 -10.63 -30.78 36.32
C ASP B 20 -11.61 -29.79 36.94
N GLY B 21 -12.89 -30.16 36.92
CA GLY B 21 -13.94 -29.24 37.33
C GLY B 21 -14.06 -28.07 36.39
N GLN B 22 -13.37 -26.97 36.70
CA GLN B 22 -13.33 -25.80 35.83
C GLN B 22 -11.92 -25.43 35.39
N ARG B 23 -10.92 -26.25 35.69
CA ARG B 23 -9.55 -26.00 35.25
C ARG B 23 -9.23 -26.95 34.11
N LEU B 24 -8.86 -26.39 32.96
CA LEU B 24 -8.42 -27.18 31.83
C LEU B 24 -7.12 -27.91 32.17
N TYR B 25 -7.17 -29.24 32.08
CA TYR B 25 -6.00 -30.06 32.38
C TYR B 25 -5.17 -30.38 31.15
N ASP B 26 -5.80 -30.70 30.02
CA ASP B 26 -5.06 -31.02 28.81
C ASP B 26 -5.89 -30.67 27.57
N LEU B 27 -5.21 -30.52 26.43
CA LEU B 27 -5.85 -30.07 25.19
C LEU B 27 -5.26 -30.78 23.98
N ASP B 28 -6.13 -31.13 23.02
CA ASP B 28 -5.70 -31.34 21.63
C ASP B 28 -6.68 -30.71 20.64
N ILE B 29 -6.15 -30.02 19.64
CA ILE B 29 -6.93 -29.41 18.55
C ILE B 29 -6.36 -29.91 17.23
N GLU B 30 -7.18 -30.57 16.42
CA GLU B 30 -6.79 -30.88 15.04
C GLU B 30 -7.79 -30.36 14.01
N SER B 31 -7.24 -29.79 12.91
CA SER B 31 -7.95 -29.21 11.78
C SER B 31 -7.83 -30.09 10.54
N PRO B 32 -8.89 -30.23 9.75
CA PRO B 32 -8.72 -30.52 8.32
C PRO B 32 -8.15 -29.31 7.60
N GLY B 33 -7.75 -29.54 6.35
CA GLY B 33 -7.08 -28.51 5.57
C GLY B 33 -5.63 -28.31 5.97
N HIS B 34 -5.04 -27.32 5.31
CA HIS B 34 -3.60 -27.05 5.35
C HIS B 34 -2.89 -28.39 5.20
N GLU B 35 -2.13 -28.87 6.19
CA GLU B 35 -1.44 -30.14 6.00
C GLU B 35 -1.32 -31.04 7.23
N GLN B 36 -1.84 -30.68 8.39
CA GLN B 36 -1.85 -31.56 9.57
C GLN B 36 -0.46 -32.09 9.90
N LYS B 37 0.46 -31.17 10.17
CA LYS B 37 1.89 -31.46 10.13
C LYS B 37 2.41 -32.30 11.31
N LYS B 38 1.72 -33.39 11.69
CA LYS B 38 2.16 -34.25 12.80
C LYS B 38 2.15 -35.75 12.49
N ALA B 39 3.22 -36.43 12.94
CA ALA B 39 3.27 -37.85 13.33
C ALA B 39 2.85 -38.89 12.26
N ASN B 40 2.82 -38.56 10.97
CA ASN B 40 2.43 -39.53 9.95
C ASN B 40 3.34 -40.77 9.93
N ILE B 41 2.75 -41.92 9.51
CA ILE B 41 3.46 -43.18 9.25
C ILE B 41 3.57 -43.38 7.73
N TYR B 42 4.74 -43.87 7.27
CA TYR B 42 5.00 -44.10 5.84
C TYR B 42 5.82 -45.36 5.58
N LYS B 43 5.75 -45.82 4.33
CA LYS B 43 6.52 -46.93 3.78
C LYS B 43 7.58 -46.39 2.82
N GLY B 44 8.86 -46.74 3.03
CA GLY B 44 9.97 -46.06 2.35
C GLY B 44 11.17 -46.93 2.05
N LYS B 45 12.06 -46.39 1.19
CA LYS B 45 13.23 -47.07 0.66
C LYS B 45 14.52 -46.34 1.02
N ILE B 46 15.53 -47.11 1.48
CA ILE B 46 16.88 -46.58 1.76
C ILE B 46 17.54 -46.04 0.48
N THR B 47 17.98 -44.78 0.54
CA THR B 47 18.40 -44.04 -0.63
C THR B 47 19.81 -43.48 -0.53
N ARG B 48 20.26 -43.14 0.69
CA ARG B 48 21.69 -42.87 0.89
C ARG B 48 22.10 -43.33 2.29
N ILE B 49 23.38 -43.64 2.46
CA ILE B 49 23.85 -44.18 3.75
C ILE B 49 25.12 -43.47 4.18
N GLU B 50 25.15 -43.05 5.45
CA GLU B 50 26.36 -42.58 6.12
C GLU B 50 26.28 -42.90 7.60
N GLU B 54 26.07 -40.76 10.88
CA GLU B 54 25.48 -41.63 11.89
C GLU B 54 24.04 -41.99 11.54
N ALA B 55 23.71 -41.96 10.25
CA ALA B 55 22.33 -42.07 9.81
C ALA B 55 22.26 -42.65 8.41
N ALA B 56 21.03 -42.96 7.97
CA ALA B 56 20.75 -43.22 6.57
C ALA B 56 19.48 -42.48 6.13
N PHE B 57 19.37 -42.26 4.82
CA PHE B 57 18.35 -41.40 4.23
C PHE B 57 17.35 -42.25 3.43
N VAL B 58 16.06 -42.00 3.68
CA VAL B 58 14.94 -42.80 3.20
C VAL B 58 14.10 -41.97 2.23
N ASP B 59 13.87 -42.50 1.03
CA ASP B 59 12.85 -41.98 0.13
C ASP B 59 11.52 -42.70 0.36
N TYR B 60 10.51 -41.97 0.84
CA TYR B 60 9.17 -42.50 1.07
C TYR B 60 8.08 -41.72 0.32
N GLY B 61 8.46 -40.94 -0.68
CA GLY B 61 7.52 -40.18 -1.49
C GLY B 61 7.29 -38.75 -1.04
N ALA B 62 7.93 -38.32 0.04
CA ALA B 62 7.93 -36.92 0.42
C ALA B 62 8.85 -36.14 -0.52
N GLU B 63 8.65 -34.82 -0.54
CA GLU B 63 9.44 -33.98 -1.44
C GLU B 63 10.88 -33.81 -0.94
N ARG B 64 11.11 -33.91 0.38
CA ARG B 64 12.45 -34.07 0.93
C ARG B 64 12.59 -35.38 1.71
N HIS B 65 13.70 -36.09 1.49
CA HIS B 65 13.97 -37.38 2.13
C HIS B 65 13.89 -37.35 3.65
N GLY B 66 13.65 -38.53 4.24
CA GLY B 66 13.71 -38.70 5.69
C GLY B 66 15.07 -39.12 6.21
N PHE B 67 15.32 -38.79 7.48
CA PHE B 67 16.58 -39.05 8.19
C PHE B 67 16.35 -40.12 9.26
N LEU B 68 17.13 -41.21 9.22
CA LEU B 68 17.05 -42.29 10.21
C LEU B 68 18.39 -42.55 10.91
N PRO B 69 18.56 -42.18 12.18
CA PRO B 69 19.82 -42.44 12.88
C PRO B 69 19.94 -43.86 13.46
N LEU B 70 21.19 -44.20 13.80
CA LEU B 70 21.55 -45.53 14.29
C LEU B 70 20.69 -45.99 15.46
N LYS B 71 20.30 -45.07 16.35
CA LYS B 71 19.43 -45.44 17.47
C LYS B 71 18.10 -46.03 17.02
N GLU B 72 17.69 -45.78 15.78
CA GLU B 72 16.33 -46.04 15.33
C GLU B 72 16.27 -47.13 14.27
N ILE B 73 17.36 -47.88 14.10
CA ILE B 73 17.45 -48.96 13.12
C ILE B 73 17.09 -50.27 13.82
N ALA B 74 15.96 -50.86 13.43
CA ALA B 74 15.51 -52.15 13.94
C ALA B 74 16.32 -53.31 13.37
N ARG B 75 16.34 -54.42 14.10
CA ARG B 75 17.11 -55.59 13.69
C ARG B 75 16.65 -56.18 12.36
N GLU B 76 15.42 -55.90 11.93
CA GLU B 76 14.93 -56.39 10.64
C GLU B 76 15.72 -55.88 9.44
N TYR B 77 16.61 -54.88 9.60
CA TYR B 77 17.53 -54.53 8.52
C TYR B 77 18.79 -55.37 8.44
N PHE B 78 19.18 -56.06 9.52
CA PHE B 78 20.57 -56.46 9.64
C PHE B 78 20.95 -57.55 8.65
N PRO B 79 22.26 -57.67 8.32
CA PRO B 79 22.75 -58.55 7.25
C PRO B 79 22.32 -60.01 7.44
N ARG B 87 29.02 -51.24 16.53
CA ARG B 87 28.11 -50.51 15.65
C ARG B 87 28.74 -49.23 15.10
N PRO B 88 29.90 -49.37 14.43
CA PRO B 88 30.70 -48.18 14.08
C PRO B 88 30.17 -47.38 12.90
N ASN B 89 29.74 -48.06 11.84
CA ASN B 89 29.37 -47.41 10.58
C ASN B 89 28.05 -47.97 10.08
N ILE B 90 27.20 -47.10 9.53
CA ILE B 90 25.88 -47.56 9.09
C ILE B 90 26.01 -48.47 7.88
N LYS B 91 27.04 -48.27 7.06
CA LYS B 91 27.32 -49.18 5.94
C LYS B 91 27.58 -50.61 6.39
N ASP B 92 27.91 -50.84 7.66
CA ASP B 92 28.04 -52.19 8.19
C ASP B 92 26.71 -52.76 8.68
N VAL B 93 25.62 -52.01 8.52
CA VAL B 93 24.30 -52.43 9.00
C VAL B 93 23.26 -52.37 7.87
N LEU B 94 23.41 -51.43 6.93
CA LEU B 94 22.39 -51.14 5.94
C LEU B 94 22.96 -51.25 4.52
N ARG B 95 22.06 -51.43 3.56
CA ARG B 95 22.41 -51.48 2.14
C ARG B 95 21.35 -50.77 1.31
N GLU B 96 21.77 -50.27 0.15
CA GLU B 96 20.90 -49.52 -0.75
C GLU B 96 19.69 -50.32 -1.22
N GLY B 97 18.56 -49.62 -1.37
CA GLY B 97 17.32 -50.16 -1.92
C GLY B 97 16.50 -51.01 -0.97
N GLN B 98 16.92 -51.15 0.28
CA GLN B 98 16.18 -51.90 1.28
C GLN B 98 14.96 -51.08 1.75
N GLU B 99 13.81 -51.74 1.86
CA GLU B 99 12.53 -51.08 2.14
C GLU B 99 11.98 -51.42 3.52
N VAL B 100 11.53 -50.38 4.25
CA VAL B 100 10.92 -50.53 5.57
C VAL B 100 9.80 -49.50 5.75
N ILE B 101 8.81 -49.83 6.58
CA ILE B 101 7.90 -48.84 7.16
C ILE B 101 8.57 -48.10 8.31
N VAL B 102 8.33 -46.78 8.37
CA VAL B 102 8.93 -45.83 9.31
C VAL B 102 7.86 -44.83 9.75
N GLN B 103 8.04 -44.26 10.94
CA GLN B 103 7.22 -43.16 11.43
C GLN B 103 8.04 -41.86 11.55
N ILE B 104 7.44 -40.77 11.07
CA ILE B 104 8.02 -39.42 11.21
C ILE B 104 7.88 -38.89 12.63
N ASP B 105 9.00 -38.46 13.22
CA ASP B 105 8.98 -37.64 14.43
C ASP B 105 8.84 -36.15 14.12
N LYS B 106 9.70 -35.63 13.23
CA LYS B 106 9.71 -34.22 12.85
C LYS B 106 9.55 -34.13 11.33
N GLU B 107 8.57 -33.34 10.87
CA GLU B 107 8.05 -33.49 9.51
C GLU B 107 8.55 -32.39 8.57
N GLU B 108 9.67 -32.67 7.88
CA GLU B 108 10.06 -31.98 6.66
C GLU B 108 10.30 -30.48 6.86
N ARG B 109 10.85 -30.11 8.02
CA ARG B 109 11.14 -28.72 8.32
C ARG B 109 12.34 -28.22 7.52
N GLY B 110 12.14 -27.15 6.76
CA GLY B 110 13.22 -26.46 6.06
C GLY B 110 13.95 -27.36 5.08
N ASN B 111 15.27 -27.15 4.98
CA ASN B 111 16.13 -27.96 4.13
C ASN B 111 16.67 -29.20 4.81
N LYS B 112 16.39 -29.40 6.11
CA LYS B 112 16.70 -30.66 6.75
C LYS B 112 15.60 -31.69 6.48
N GLY B 113 16.02 -32.95 6.38
CA GLY B 113 15.08 -34.04 6.21
C GLY B 113 14.18 -34.29 7.40
N ALA B 114 13.08 -34.99 7.13
CA ALA B 114 12.15 -35.43 8.17
C ALA B 114 12.75 -36.57 8.99
N ALA B 115 12.79 -36.40 10.31
CA ALA B 115 13.35 -37.41 11.20
C ALA B 115 12.43 -38.63 11.33
N LEU B 116 13.04 -39.82 11.40
CA LEU B 116 12.32 -41.09 11.29
C LEU B 116 12.66 -42.01 12.45
N THR B 117 11.78 -42.98 12.68
CA THR B 117 12.12 -44.23 13.38
C THR B 117 11.47 -45.41 12.68
N THR B 118 12.07 -46.60 12.83
CA THR B 118 11.42 -47.87 12.48
C THR B 118 10.71 -48.56 13.63
N PHE B 119 10.83 -48.08 14.87
CA PHE B 119 10.17 -48.70 16.03
C PHE B 119 8.71 -48.20 16.17
N ILE B 120 7.90 -48.57 15.18
CA ILE B 120 6.45 -48.41 15.28
C ILE B 120 5.91 -49.21 16.46
N SER B 121 4.91 -48.64 17.15
CA SER B 121 4.20 -49.32 18.23
C SER B 121 2.69 -49.17 18.05
N LEU B 122 1.96 -50.25 18.34
CA LEU B 122 0.52 -50.33 18.16
C LEU B 122 -0.18 -50.31 19.52
N ALA B 123 -1.09 -49.34 19.71
CA ALA B 123 -1.67 -49.08 21.03
C ALA B 123 -3.10 -49.62 21.09
N GLY B 124 -3.41 -50.32 22.20
CA GLY B 124 -4.71 -50.86 22.44
C GLY B 124 -5.47 -50.13 23.53
N SER B 125 -6.41 -50.84 24.15
CA SER B 125 -7.20 -50.34 25.27
C SER B 125 -6.47 -50.56 26.60
N TYR B 126 -5.79 -51.69 26.75
CA TYR B 126 -5.03 -51.99 27.94
C TYR B 126 -3.52 -52.05 27.70
N LEU B 127 -3.07 -52.39 26.49
CA LEU B 127 -1.65 -52.60 26.25
C LEU B 127 -1.24 -52.10 24.86
N VAL B 128 0.05 -51.78 24.75
CA VAL B 128 0.69 -51.29 23.53
C VAL B 128 1.70 -52.34 23.05
N LEU B 129 1.64 -52.68 21.75
CA LEU B 129 2.47 -53.73 21.16
C LEU B 129 3.64 -53.15 20.39
N MET B 130 4.85 -53.70 20.63
CA MET B 130 6.14 -53.27 20.09
C MET B 130 6.67 -54.33 19.11
N PRO B 131 6.07 -54.46 17.94
CA PRO B 131 6.36 -55.64 17.09
C PRO B 131 7.78 -55.70 16.55
N ASN B 132 8.53 -54.61 16.54
CA ASN B 132 9.91 -54.60 16.04
C ASN B 132 10.96 -54.74 17.13
N ASN B 133 10.57 -54.78 18.41
CA ASN B 133 11.55 -54.74 19.49
C ASN B 133 11.21 -55.75 20.59
N PRO B 134 11.95 -56.87 20.68
CA PRO B 134 11.67 -57.84 21.76
C PRO B 134 12.14 -57.44 23.14
N ARG B 135 13.08 -56.49 23.26
CA ARG B 135 13.55 -56.05 24.57
C ARG B 135 12.62 -55.04 25.24
N ALA B 136 11.96 -54.19 24.46
CA ALA B 136 11.19 -53.07 25.02
C ALA B 136 9.87 -53.55 25.60
N GLY B 137 9.70 -53.33 26.90
CA GLY B 137 8.49 -53.73 27.59
C GLY B 137 8.56 -53.29 29.04
N GLY B 138 7.39 -53.18 29.65
CA GLY B 138 7.31 -52.68 31.01
C GLY B 138 5.88 -52.29 31.38
N ILE B 139 5.77 -51.52 32.45
CA ILE B 139 4.49 -51.01 32.93
C ILE B 139 4.63 -49.53 33.25
N SER B 140 3.68 -48.74 32.78
CA SER B 140 3.64 -47.31 33.08
C SER B 140 3.65 -47.04 34.58
N ARG B 141 4.59 -46.20 35.02
CA ARG B 141 4.46 -45.59 36.35
C ARG B 141 3.16 -44.81 36.44
N GLY B 145 3.70 -50.25 42.62
CA GLY B 145 3.94 -51.00 43.85
C GLY B 145 3.33 -52.39 43.82
N ASP B 146 2.49 -52.68 44.81
CA ASP B 146 1.78 -53.96 44.85
C ASP B 146 0.92 -54.18 43.61
N ASP B 147 0.45 -53.11 42.98
CA ASP B 147 -0.25 -53.22 41.71
C ASP B 147 0.70 -53.49 40.55
N ARG B 148 1.74 -52.65 40.43
CA ARG B 148 2.76 -52.82 39.40
C ARG B 148 3.35 -54.24 39.37
N THR B 149 3.75 -54.77 40.52
CA THR B 149 4.47 -56.06 40.51
C THR B 149 3.58 -57.24 40.12
N GLU B 150 2.34 -57.28 40.61
CA GLU B 150 1.43 -58.37 40.24
C GLU B 150 0.94 -58.21 38.80
N LEU B 151 0.91 -56.99 38.29
CA LEU B 151 0.66 -56.81 36.86
C LEU B 151 1.87 -57.22 36.04
N LYS B 152 3.08 -57.02 36.56
CA LYS B 152 4.27 -57.47 35.84
C LYS B 152 4.32 -58.99 35.73
N GLU B 153 3.83 -59.70 36.75
CA GLU B 153 3.64 -61.15 36.62
C GLU B 153 2.62 -61.49 35.53
N ALA B 154 1.55 -60.70 35.42
CA ALA B 154 0.58 -60.96 34.36
C ALA B 154 1.20 -60.69 32.99
N LEU B 155 1.84 -59.53 32.83
CA LEU B 155 2.58 -59.21 31.61
C LEU B 155 3.51 -60.34 31.20
N ALA B 156 4.34 -60.83 32.13
CA ALA B 156 5.27 -61.90 31.81
C ALA B 156 4.59 -63.20 31.42
N SER B 157 3.30 -63.38 31.74
CA SER B 157 2.64 -64.63 31.36
C SER B 157 1.98 -64.60 29.97
N LEU B 158 1.86 -63.44 29.32
CA LEU B 158 1.05 -63.34 28.10
C LEU B 158 1.68 -64.07 26.91
N GLY B 163 9.90 -62.07 18.88
CA GLY B 163 10.46 -60.81 18.42
C GLY B 163 9.62 -59.60 18.84
N MET B 164 8.45 -59.88 19.40
CA MET B 164 7.60 -58.85 19.97
C MET B 164 8.06 -58.43 21.37
N GLY B 165 7.81 -57.17 21.70
CA GLY B 165 7.69 -56.72 23.07
C GLY B 165 6.34 -56.06 23.30
N LEU B 166 5.99 -55.82 24.57
CA LEU B 166 4.79 -55.05 24.83
C LEU B 166 4.87 -54.32 26.17
N ILE B 167 4.11 -53.23 26.25
CA ILE B 167 3.99 -52.38 27.43
C ILE B 167 2.52 -52.36 27.84
N VAL B 168 2.26 -52.31 29.15
CA VAL B 168 0.90 -52.23 29.67
C VAL B 168 0.57 -50.82 30.15
N ARG B 169 -0.58 -50.32 29.71
CA ARG B 169 -1.06 -48.97 29.98
C ARG B 169 -1.56 -48.88 31.42
N THR B 170 -1.72 -47.65 31.91
CA THR B 170 -2.30 -47.46 33.24
C THR B 170 -3.72 -48.01 33.31
N ALA B 171 -4.47 -47.97 32.20
CA ALA B 171 -5.79 -48.60 32.15
C ALA B 171 -5.74 -50.11 32.30
N GLY B 172 -4.55 -50.73 32.26
CA GLY B 172 -4.36 -52.13 32.58
C GLY B 172 -4.20 -52.47 34.05
N VAL B 173 -4.24 -51.48 34.94
CA VAL B 173 -4.02 -51.74 36.37
C VAL B 173 -5.03 -52.75 36.90
N GLY B 174 -4.53 -53.84 37.48
CA GLY B 174 -5.31 -54.94 38.01
C GLY B 174 -5.97 -55.86 37.01
N LYS B 175 -5.83 -55.63 35.71
CA LYS B 175 -6.39 -56.55 34.73
C LYS B 175 -5.66 -57.89 34.79
N SER B 176 -6.42 -58.98 34.65
CA SER B 176 -5.86 -60.31 34.76
C SER B 176 -5.05 -60.69 33.51
N ALA B 177 -4.20 -61.71 33.66
CA ALA B 177 -3.50 -62.32 32.55
C ALA B 177 -4.41 -62.87 31.45
N GLU B 178 -5.72 -62.99 31.70
CA GLU B 178 -6.64 -63.47 30.67
C GLU B 178 -7.44 -62.35 30.00
N ALA B 179 -7.69 -61.24 30.70
CA ALA B 179 -8.22 -60.04 30.07
C ALA B 179 -7.21 -59.41 29.12
N LEU B 180 -5.94 -59.36 29.56
CA LEU B 180 -4.88 -58.86 28.69
C LEU B 180 -4.72 -59.75 27.46
N GLN B 181 -5.01 -61.04 27.60
CA GLN B 181 -5.04 -61.92 26.45
C GLN B 181 -6.21 -61.62 25.52
N TRP B 182 -7.23 -60.93 26.03
CA TRP B 182 -8.29 -60.40 25.18
C TRP B 182 -7.76 -59.28 24.30
N ASP B 183 -7.22 -58.22 24.92
CA ASP B 183 -6.75 -57.07 24.15
C ASP B 183 -5.59 -57.41 23.22
N LEU B 184 -4.68 -58.29 23.65
CA LEU B 184 -3.55 -58.69 22.82
C LEU B 184 -3.97 -59.33 21.49
N SER B 185 -5.13 -59.99 21.43
CA SER B 185 -5.57 -60.58 20.16
C SER B 185 -5.88 -59.52 19.11
N PHE B 186 -6.38 -58.36 19.55
CA PHE B 186 -6.57 -57.23 18.64
C PHE B 186 -5.22 -56.66 18.21
N ARG B 187 -4.29 -56.53 19.16
CA ARG B 187 -2.98 -55.99 18.78
C ARG B 187 -2.26 -56.86 17.75
N LEU B 188 -2.30 -58.19 17.92
CA LEU B 188 -1.61 -59.06 16.96
C LEU B 188 -2.33 -59.13 15.60
N LYS B 189 -3.66 -58.99 15.57
CA LYS B 189 -4.30 -58.72 14.28
C LYS B 189 -3.77 -57.44 13.66
N HIS B 190 -3.56 -56.42 14.47
CA HIS B 190 -3.10 -55.11 13.99
C HIS B 190 -1.65 -55.17 13.48
N TRP B 191 -0.82 -56.04 14.05
CA TRP B 191 0.48 -56.41 13.47
C TRP B 191 0.35 -57.15 12.14
N GLU B 192 -0.61 -58.06 12.02
CA GLU B 192 -0.91 -58.61 10.70
C GLU B 192 -1.32 -57.52 9.72
N ALA B 193 -2.02 -56.50 10.20
CA ALA B 193 -2.32 -55.35 9.34
C ALA B 193 -1.08 -54.58 8.91
N ILE B 194 -0.08 -54.46 9.79
CA ILE B 194 1.21 -53.92 9.36
C ILE B 194 1.83 -54.75 8.24
N LYS B 195 1.78 -56.07 8.36
CA LYS B 195 2.37 -56.93 7.32
C LYS B 195 1.57 -56.94 6.01
N LYS B 196 0.25 -56.84 6.10
CA LYS B 196 -0.57 -56.60 4.91
C LYS B 196 -0.21 -55.27 4.25
N ALA B 197 -0.11 -54.21 5.05
CA ALA B 197 0.30 -52.91 4.52
C ALA B 197 1.64 -52.98 3.81
N ALA B 198 2.62 -53.66 4.42
CA ALA B 198 3.97 -53.67 3.85
C ALA B 198 4.09 -54.45 2.55
N GLU B 199 3.69 -55.74 2.51
CA GLU B 199 3.74 -56.42 1.21
C GLU B 199 2.43 -56.70 0.48
N SER B 200 1.26 -56.57 1.10
CA SER B 200 0.04 -56.64 0.29
C SER B 200 -0.31 -55.31 -0.38
N ARG B 201 -0.26 -54.21 0.36
CA ARG B 201 -0.86 -52.94 -0.06
C ARG B 201 0.12 -52.08 -0.85
N PRO B 202 -0.38 -50.99 -1.46
CA PRO B 202 0.46 -50.16 -2.36
C PRO B 202 1.73 -49.61 -1.71
N ALA B 203 2.61 -49.11 -2.58
CA ALA B 203 3.96 -48.71 -2.19
C ALA B 203 4.05 -47.65 -1.11
N PRO B 204 3.23 -46.59 -1.08
CA PRO B 204 3.32 -45.59 -0.02
C PRO B 204 2.41 -45.83 1.17
N PHE B 205 1.69 -46.94 1.21
CA PHE B 205 0.57 -47.15 2.09
C PHE B 205 1.00 -47.38 3.54
N LEU B 206 0.03 -47.27 4.44
CA LEU B 206 0.23 -47.40 5.88
C LEU B 206 -1.04 -47.95 6.51
N ILE B 207 -0.90 -48.45 7.74
CA ILE B 207 -2.04 -48.86 8.57
C ILE B 207 -2.88 -47.65 8.98
N HIS B 208 -3.98 -47.92 9.70
CA HIS B 208 -4.93 -46.90 10.12
C HIS B 208 -4.24 -45.62 10.57
N GLN B 209 -4.64 -44.52 9.95
CA GLN B 209 -3.79 -43.35 9.75
C GLN B 209 -3.92 -42.32 10.89
N GLU B 210 -3.02 -41.34 10.81
CA GLU B 210 -3.02 -40.13 11.64
C GLU B 210 -4.31 -39.32 11.57
N SER B 211 -5.10 -39.44 10.50
CA SER B 211 -6.31 -38.65 10.30
C SER B 211 -7.53 -39.07 11.12
N ASN B 212 -7.46 -40.09 11.99
CA ASN B 212 -8.67 -40.56 12.66
C ASN B 212 -9.03 -39.63 13.83
N VAL B 213 -10.26 -39.11 13.80
CA VAL B 213 -10.73 -38.16 14.82
C VAL B 213 -10.95 -38.81 16.19
N ILE B 214 -11.53 -40.00 16.23
CA ILE B 214 -11.97 -40.57 17.50
C ILE B 214 -10.89 -41.37 18.22
N VAL B 215 -10.25 -42.31 17.51
CA VAL B 215 -9.43 -43.30 18.19
C VAL B 215 -8.28 -42.63 18.93
N ARG B 216 -7.52 -41.80 18.21
CA ARG B 216 -6.36 -41.12 18.78
C ARG B 216 -6.77 -40.20 19.93
N ALA B 217 -7.99 -39.65 19.89
CA ALA B 217 -8.43 -38.67 20.88
C ALA B 217 -8.71 -39.31 22.24
N PHE B 218 -9.42 -40.43 22.27
CA PHE B 218 -9.60 -41.17 23.52
C PHE B 218 -8.35 -41.94 23.94
N ARG B 219 -7.81 -42.74 23.02
CA ARG B 219 -6.74 -43.69 23.33
C ARG B 219 -5.49 -43.06 23.95
N ASP B 220 -5.12 -41.83 23.56
CA ASP B 220 -3.92 -41.23 24.15
C ASP B 220 -4.09 -40.79 25.60
N TYR B 221 -5.32 -40.48 26.05
CA TYR B 221 -5.50 -39.76 27.31
C TYR B 221 -6.71 -40.17 28.15
N LEU B 222 -7.66 -40.93 27.63
CA LEU B 222 -8.87 -41.26 28.37
C LEU B 222 -8.59 -42.30 29.45
N ARG B 223 -8.81 -41.93 30.71
CA ARG B 223 -8.59 -42.80 31.85
C ARG B 223 -9.76 -42.66 32.82
N GLN B 224 -9.95 -43.70 33.64
CA GLN B 224 -11.25 -44.00 34.26
C GLN B 224 -11.77 -42.92 35.22
N ASP B 225 -10.92 -42.08 35.80
CA ASP B 225 -11.41 -41.10 36.76
C ASP B 225 -12.14 -39.93 36.10
N ILE B 226 -12.15 -39.87 34.77
CA ILE B 226 -12.99 -38.95 34.02
C ILE B 226 -14.45 -39.39 34.11
N GLY B 227 -15.31 -38.48 34.58
CA GLY B 227 -16.71 -38.76 34.84
C GLY B 227 -17.62 -38.73 33.63
N GLU B 228 -17.44 -37.77 32.72
CA GLU B 228 -18.36 -37.55 31.61
C GLU B 228 -17.59 -37.11 30.38
N ILE B 229 -18.13 -37.46 29.20
CA ILE B 229 -17.76 -36.83 27.93
C ILE B 229 -18.98 -36.08 27.41
N LEU B 230 -18.82 -34.77 27.23
CA LEU B 230 -19.86 -33.89 26.71
C LEU B 230 -19.51 -33.42 25.30
N ILE B 231 -20.45 -33.59 24.36
CA ILE B 231 -20.22 -33.31 22.95
C ILE B 231 -21.34 -32.41 22.41
N ASP B 232 -20.96 -31.38 21.65
CA ASP B 232 -21.92 -30.41 21.11
C ASP B 232 -22.55 -30.81 19.78
N ASN B 233 -21.99 -31.80 19.06
CA ASN B 233 -22.57 -32.21 17.77
C ASN B 233 -23.10 -33.64 17.85
N PRO B 234 -24.39 -33.88 17.61
CA PRO B 234 -24.89 -35.27 17.60
C PRO B 234 -24.25 -36.16 16.56
N LYS B 235 -23.86 -35.61 15.40
CA LYS B 235 -23.32 -36.42 14.32
C LYS B 235 -21.90 -36.88 14.63
N VAL B 236 -21.20 -36.14 15.47
CA VAL B 236 -19.91 -36.58 16.00
C VAL B 236 -20.10 -37.52 17.18
N LEU B 237 -21.04 -37.20 18.07
CA LEU B 237 -21.32 -38.05 19.22
C LEU B 237 -21.69 -39.48 18.84
N GLU B 238 -22.49 -39.66 17.79
CA GLU B 238 -22.82 -41.01 17.34
C GLU B 238 -21.59 -41.81 16.93
N LEU B 239 -20.67 -41.17 16.21
CA LEU B 239 -19.41 -41.83 15.85
C LEU B 239 -18.52 -42.06 17.07
N ALA B 240 -18.61 -41.21 18.08
CA ALA B 240 -17.90 -41.46 19.33
C ALA B 240 -18.43 -42.69 20.05
N ARG B 241 -19.76 -42.84 20.13
CA ARG B 241 -20.34 -44.06 20.66
C ARG B 241 -19.82 -45.29 19.93
N GLN B 242 -19.82 -45.21 18.59
CA GLN B 242 -19.40 -46.33 17.77
C GLN B 242 -17.92 -46.69 17.99
N HIS B 243 -17.05 -45.69 18.04
CA HIS B 243 -15.63 -45.98 18.21
C HIS B 243 -15.27 -46.42 19.62
N ILE B 244 -15.87 -45.82 20.66
CA ILE B 244 -15.57 -46.31 22.00
C ILE B 244 -16.09 -47.74 22.18
N ALA B 245 -17.18 -48.11 21.50
CA ALA B 245 -17.56 -49.52 21.46
C ALA B 245 -16.57 -50.36 20.66
N ALA B 246 -16.00 -49.81 19.58
CA ALA B 246 -15.00 -50.55 18.80
C ALA B 246 -13.67 -50.70 19.54
N LEU B 247 -13.28 -49.70 20.31
CA LEU B 247 -12.16 -49.81 21.23
C LEU B 247 -12.45 -50.77 22.43
N GLY B 248 -13.56 -51.52 22.43
CA GLY B 248 -13.83 -52.53 23.43
C GLY B 248 -14.45 -52.04 24.71
N ARG B 249 -14.97 -50.82 24.74
CA ARG B 249 -15.52 -50.20 25.93
C ARG B 249 -16.99 -49.80 25.75
N PRO B 250 -17.85 -50.68 25.23
CA PRO B 250 -19.24 -50.28 24.99
C PRO B 250 -20.02 -49.93 26.25
N ASP B 251 -19.60 -50.42 27.43
CA ASP B 251 -20.18 -49.95 28.69
C ASP B 251 -19.83 -48.48 28.96
N PHE B 252 -18.62 -48.08 28.57
CA PHE B 252 -18.17 -46.71 28.79
C PHE B 252 -18.92 -45.70 27.92
N SER B 253 -19.56 -46.17 26.84
CA SER B 253 -20.49 -45.35 26.06
C SER B 253 -21.60 -44.73 26.90
N SER B 254 -21.93 -45.31 28.06
CA SER B 254 -22.89 -44.70 28.97
C SER B 254 -22.45 -43.32 29.46
N LYS B 255 -21.16 -43.02 29.42
CA LYS B 255 -20.65 -41.73 29.84
C LYS B 255 -20.74 -40.64 28.77
N ILE B 256 -20.98 -40.99 27.51
CA ILE B 256 -21.08 -40.02 26.42
C ILE B 256 -22.45 -39.36 26.42
N LYS B 257 -22.47 -38.02 26.50
CA LYS B 257 -23.69 -37.23 26.67
C LYS B 257 -23.70 -36.03 25.73
N LEU B 258 -24.89 -35.68 25.25
CA LEU B 258 -25.11 -34.50 24.41
C LEU B 258 -25.09 -33.19 25.21
N TYR B 259 -24.65 -32.12 24.54
CA TYR B 259 -24.80 -30.74 25.01
C TYR B 259 -25.66 -29.91 24.06
N THR B 260 -26.46 -29.02 24.65
CA THR B 260 -27.44 -28.23 23.89
C THR B 260 -27.49 -26.76 24.30
N GLY B 261 -26.73 -26.32 25.30
CA GLY B 261 -26.93 -25.01 25.88
C GLY B 261 -26.57 -23.87 24.94
N GLU B 262 -27.18 -22.71 25.23
CA GLU B 262 -27.11 -21.54 24.35
C GLU B 262 -25.72 -20.90 24.33
N ILE B 263 -25.01 -20.92 25.45
CA ILE B 263 -23.58 -20.58 25.43
C ILE B 263 -22.80 -21.77 24.89
N PRO B 264 -21.85 -21.55 23.98
CA PRO B 264 -21.08 -22.69 23.46
C PRO B 264 -20.28 -23.38 24.56
N LEU B 265 -20.07 -24.68 24.35
CA LEU B 265 -19.69 -25.59 25.43
C LEU B 265 -18.50 -25.09 26.25
N PHE B 266 -17.46 -24.59 25.57
CA PHE B 266 -16.26 -24.17 26.29
C PHE B 266 -16.42 -22.84 27.00
N SER B 267 -17.23 -21.92 26.47
CA SER B 267 -17.59 -20.72 27.21
C SER B 267 -18.60 -20.99 28.30
N HIS B 268 -19.36 -22.09 28.17
CA HIS B 268 -20.28 -22.51 29.22
C HIS B 268 -19.52 -22.96 30.47
N TYR B 269 -18.46 -23.76 30.31
CA TYR B 269 -17.59 -24.16 31.41
C TYR B 269 -16.42 -23.22 31.67
N GLN B 270 -16.34 -22.09 30.96
CA GLN B 270 -15.31 -21.06 31.18
C GLN B 270 -13.87 -21.54 30.96
N ILE B 271 -13.66 -22.57 30.13
CA ILE B 271 -12.31 -22.95 29.73
C ILE B 271 -11.80 -22.22 28.47
N GLU B 272 -12.65 -21.41 27.83
CA GLU B 272 -12.33 -20.77 26.55
C GLU B 272 -11.03 -19.93 26.61
N SER B 273 -10.85 -19.16 27.68
CA SER B 273 -9.63 -18.37 27.83
C SER B 273 -8.45 -19.23 28.21
N GLN B 274 -8.70 -20.33 28.89
CA GLN B 274 -7.61 -21.23 29.24
C GLN B 274 -7.12 -21.94 28.00
N ILE B 275 -8.03 -22.27 27.09
CA ILE B 275 -7.64 -22.88 25.83
C ILE B 275 -6.77 -21.92 25.04
N GLU B 276 -7.21 -20.66 24.91
CA GLU B 276 -6.38 -19.74 24.14
C GLU B 276 -5.06 -19.41 24.85
N SER B 277 -4.98 -19.61 26.16
CA SER B 277 -3.69 -19.47 26.84
C SER B 277 -2.62 -20.43 26.33
N ALA B 278 -3.01 -21.58 25.76
CA ALA B 278 -2.04 -22.52 25.18
C ALA B 278 -1.35 -21.97 23.94
N PHE B 279 -1.87 -20.89 23.36
CA PHE B 279 -1.27 -20.25 22.20
C PHE B 279 -0.49 -18.99 22.60
N GLN B 280 -0.87 -18.38 23.71
CA GLN B 280 -0.21 -17.20 24.23
C GLN B 280 1.26 -17.48 24.56
N ARG B 281 2.07 -16.44 24.38
CA ARG B 281 3.46 -16.46 24.81
C ARG B 281 3.59 -16.43 26.33
N GLU B 282 2.70 -15.72 27.02
CA GLU B 282 2.84 -15.45 28.44
C GLU B 282 1.55 -15.85 29.16
N VAL B 283 1.70 -16.49 30.31
CA VAL B 283 0.57 -16.83 31.18
C VAL B 283 0.79 -16.22 32.56
N ARG B 284 -0.17 -15.42 33.01
CA ARG B 284 -0.10 -14.79 34.33
C ARG B 284 -0.66 -15.73 35.41
N LEU B 285 -0.15 -15.54 36.63
CA LEU B 285 -0.32 -16.47 37.74
C LEU B 285 -1.06 -15.84 38.90
N PRO B 286 -1.71 -16.65 39.74
CA PRO B 286 -2.58 -16.09 40.79
C PRO B 286 -1.91 -15.07 41.70
N SER B 287 -0.64 -15.26 42.05
CA SER B 287 0.08 -14.27 42.85
C SER B 287 0.47 -13.03 42.06
N GLY B 288 0.13 -12.95 40.77
CA GLY B 288 0.47 -11.79 39.95
C GLY B 288 1.78 -11.88 39.22
N GLY B 289 2.56 -12.95 39.42
CA GLY B 289 3.69 -13.22 38.56
C GLY B 289 3.23 -13.85 37.25
N SER B 290 4.19 -14.11 36.37
CA SER B 290 3.86 -14.72 35.09
C SER B 290 5.00 -15.63 34.63
N ILE B 291 4.66 -16.58 33.74
CA ILE B 291 5.65 -17.38 33.02
C ILE B 291 5.65 -16.97 31.55
N VAL B 292 6.84 -16.76 31.01
CA VAL B 292 7.05 -16.38 29.61
C VAL B 292 7.80 -17.50 28.90
N ILE B 293 7.22 -18.02 27.81
CA ILE B 293 7.76 -19.16 27.07
C ILE B 293 8.38 -18.67 25.78
N ASP B 294 9.68 -18.89 25.61
CA ASP B 294 10.42 -18.56 24.41
C ASP B 294 10.98 -19.83 23.77
N SER B 295 10.65 -20.09 22.51
CA SER B 295 11.23 -21.23 21.80
C SER B 295 12.45 -20.81 20.97
N THR B 296 13.51 -21.61 21.03
CA THR B 296 14.74 -21.37 20.26
C THR B 296 15.03 -22.54 19.32
N GLU B 297 16.20 -22.45 18.66
CA GLU B 297 16.64 -23.47 17.71
C GLU B 297 16.58 -24.89 18.28
N ALA B 298 16.88 -25.07 19.55
CA ALA B 298 17.02 -26.43 20.08
C ALA B 298 16.47 -26.61 21.49
N LEU B 299 15.96 -25.56 22.14
CA LEU B 299 15.41 -25.70 23.47
C LEU B 299 14.30 -24.69 23.67
N THR B 300 13.42 -24.97 24.64
CA THR B 300 12.37 -24.05 25.02
C THR B 300 12.71 -23.45 26.38
N ALA B 301 12.82 -22.12 26.45
CA ALA B 301 13.22 -21.42 27.67
C ALA B 301 12.01 -20.74 28.31
N ILE B 302 11.80 -20.98 29.60
CA ILE B 302 10.73 -20.37 30.39
C ILE B 302 11.34 -19.44 31.42
N ARG B 303 10.91 -18.18 31.45
CA ARG B 303 11.33 -17.20 32.45
C ARG B 303 10.16 -16.86 33.38
N ILE B 304 10.41 -16.83 34.69
CA ILE B 304 9.36 -16.52 35.67
C ILE B 304 9.54 -15.12 36.22
N ASN B 305 8.46 -14.32 36.15
CA ASN B 305 8.44 -12.90 36.53
C ASN B 305 7.65 -12.68 37.82
N SER B 306 8.24 -11.90 38.73
CA SER B 306 7.62 -11.44 39.99
C SER B 306 6.43 -10.48 39.79
N ALA B 307 5.57 -10.44 40.81
CA ALA B 307 4.66 -9.34 41.08
C ALA B 307 5.35 -8.17 41.81
N ARG B 308 4.56 -7.18 42.21
CA ARG B 308 5.00 -6.08 43.06
C ARG B 308 5.60 -6.57 44.39
N ALA B 309 6.58 -5.81 44.89
CA ALA B 309 7.33 -6.13 46.12
C ALA B 309 6.53 -6.01 47.41
N THR B 310 5.37 -5.36 47.40
CA THR B 310 4.54 -5.15 48.60
C THR B 310 5.29 -4.45 49.73
N ARG B 311 6.02 -3.38 49.37
CA ARG B 311 6.67 -2.48 50.35
C ARG B 311 7.36 -3.22 51.51
N GLY B 312 8.34 -4.06 51.13
CA GLY B 312 9.07 -4.85 52.10
C GLY B 312 8.35 -6.04 52.68
N GLY B 313 7.51 -6.71 51.90
CA GLY B 313 7.09 -8.06 52.19
C GLY B 313 8.26 -9.04 52.18
N ASP B 314 7.98 -10.32 52.46
CA ASP B 314 9.03 -11.34 52.57
C ASP B 314 9.30 -11.87 51.17
N ILE B 315 10.40 -11.41 50.57
CA ILE B 315 10.76 -11.77 49.20
C ILE B 315 10.98 -13.26 49.01
N GLU B 316 11.39 -13.97 50.07
CA GLU B 316 11.52 -15.43 49.94
C GLU B 316 10.18 -16.11 49.69
N GLU B 317 9.17 -15.81 50.49
CA GLU B 317 7.87 -16.44 50.26
C GLU B 317 7.22 -15.93 48.98
N THR B 318 7.50 -14.70 48.58
CA THR B 318 7.03 -14.19 47.30
C THR B 318 7.61 -14.99 46.15
N ALA B 319 8.93 -15.16 46.14
CA ALA B 319 9.58 -15.96 45.11
C ALA B 319 9.13 -17.41 45.14
N PHE B 320 9.17 -18.01 46.33
CA PHE B 320 8.87 -19.43 46.47
C PHE B 320 7.44 -19.76 46.05
N ASN B 321 6.46 -18.97 46.53
CA ASN B 321 5.07 -19.20 46.15
C ASN B 321 4.85 -18.93 44.66
N THR B 322 5.48 -17.89 44.10
CA THR B 322 5.34 -17.66 42.67
C THR B 322 5.95 -18.80 41.87
N ASN B 323 7.09 -19.32 42.32
CA ASN B 323 7.70 -20.46 41.65
C ASN B 323 6.82 -21.70 41.74
N LEU B 324 6.15 -21.91 42.87
CA LEU B 324 5.27 -23.06 42.99
C LEU B 324 4.06 -22.95 42.08
N GLU B 325 3.41 -21.79 42.08
CA GLU B 325 2.30 -21.57 41.15
C GLU B 325 2.79 -21.65 39.70
N ALA B 326 4.04 -21.25 39.45
CA ALA B 326 4.65 -21.42 38.15
C ALA B 326 4.87 -22.88 37.81
N ALA B 327 5.34 -23.67 38.76
CA ALA B 327 5.53 -25.09 38.48
C ALA B 327 4.21 -25.77 38.15
N ASP B 328 3.16 -25.43 38.90
CA ASP B 328 1.82 -25.92 38.61
C ASP B 328 1.38 -25.53 37.21
N GLU B 329 1.72 -24.32 36.77
CA GLU B 329 1.30 -23.89 35.45
C GLU B 329 2.19 -24.45 34.34
N ILE B 330 3.49 -24.61 34.61
CA ILE B 330 4.45 -25.08 33.60
C ILE B 330 4.19 -26.54 33.23
N ALA B 331 3.95 -27.39 34.23
CA ALA B 331 3.57 -28.78 33.94
C ALA B 331 2.32 -28.84 33.05
N ARG B 332 1.38 -27.93 33.31
CA ARG B 332 0.13 -27.86 32.57
C ARG B 332 0.35 -27.36 31.15
N GLN B 333 1.17 -26.32 30.97
CA GLN B 333 1.44 -25.87 29.61
C GLN B 333 2.19 -26.91 28.82
N LEU B 334 3.12 -27.63 29.46
CA LEU B 334 3.79 -28.75 28.78
C LEU B 334 2.78 -29.74 28.25
N ARG B 335 1.75 -30.06 29.04
CA ARG B 335 0.67 -30.89 28.52
C ARG B 335 -0.08 -30.20 27.39
N LEU B 336 -0.61 -29.00 27.65
CA LEU B 336 -1.48 -28.32 26.69
C LEU B 336 -0.83 -28.16 25.33
N ARG B 337 0.45 -27.83 25.31
CA ARG B 337 1.15 -27.56 24.06
C ARG B 337 1.73 -28.81 23.42
N ASP B 338 1.74 -29.93 24.15
CA ASP B 338 2.45 -31.15 23.75
C ASP B 338 3.88 -30.86 23.32
N LEU B 339 4.58 -30.10 24.15
CA LEU B 339 5.98 -29.79 23.94
C LEU B 339 6.81 -31.08 23.96
N GLY B 340 7.98 -31.01 23.33
CA GLY B 340 8.89 -32.13 23.32
C GLY B 340 10.31 -31.67 23.07
N GLY B 341 11.26 -32.52 23.45
CA GLY B 341 12.65 -32.12 23.52
C GLY B 341 12.97 -31.29 24.76
N LEU B 342 14.12 -30.60 24.68
CA LEU B 342 14.76 -29.96 25.82
C LEU B 342 14.08 -28.67 26.24
N ILE B 343 14.03 -28.46 27.55
CA ILE B 343 13.44 -27.29 28.17
C ILE B 343 14.42 -26.76 29.21
N VAL B 344 14.42 -25.44 29.40
CA VAL B 344 15.16 -24.76 30.46
C VAL B 344 14.20 -23.84 31.20
N ILE B 345 14.26 -23.83 32.52
CA ILE B 345 13.40 -22.99 33.35
C ILE B 345 14.25 -22.06 34.20
N ARG B 346 14.00 -20.76 34.12
CA ARG B 346 14.60 -19.77 35.02
C ARG B 346 13.58 -19.33 36.07
N PHE B 347 13.54 -20.09 37.17
CA PHE B 347 12.78 -19.71 38.37
C PHE B 347 13.37 -18.46 39.03
N ILE B 348 12.55 -17.80 39.85
CA ILE B 348 13.02 -16.73 40.70
C ILE B 348 13.97 -17.27 41.76
N ASP B 349 15.02 -16.50 42.08
CA ASP B 349 16.14 -16.96 42.88
C ASP B 349 15.74 -17.23 44.33
N MET B 350 16.00 -18.45 44.81
CA MET B 350 15.65 -18.87 46.17
C MET B 350 16.92 -19.17 46.96
N THR B 351 17.08 -18.50 48.12
CA THR B 351 18.31 -18.63 48.89
C THR B 351 18.44 -20.01 49.51
N PRO B 352 17.45 -20.52 50.25
CA PRO B 352 17.66 -21.79 50.96
C PRO B 352 17.31 -23.00 50.11
N VAL B 353 18.09 -24.04 50.36
CA VAL B 353 17.98 -25.29 49.62
C VAL B 353 16.59 -25.91 49.73
N ARG B 354 15.98 -25.86 50.91
CA ARG B 354 14.65 -26.45 51.09
C ARG B 354 13.60 -25.86 50.14
N HIS B 355 13.69 -24.56 49.84
CA HIS B 355 12.79 -23.98 48.84
C HIS B 355 13.08 -24.52 47.45
N GLN B 356 14.35 -24.69 47.11
CA GLN B 356 14.74 -25.24 45.82
C GLN B 356 14.19 -26.65 45.65
N ARG B 357 14.45 -27.54 46.62
CA ARG B 357 13.90 -28.88 46.59
C ARG B 357 12.39 -28.88 46.46
N ALA B 358 11.72 -28.02 47.24
CA ALA B 358 10.26 -28.03 47.24
C ALA B 358 9.72 -27.67 45.87
N VAL B 359 10.37 -26.74 45.18
CA VAL B 359 9.92 -26.42 43.82
C VAL B 359 10.23 -27.57 42.86
N GLU B 360 11.42 -28.17 42.97
CA GLU B 360 11.77 -29.28 42.09
C GLU B 360 10.77 -30.43 42.21
N ASN B 361 10.50 -30.86 43.44
CA ASN B 361 9.59 -31.97 43.68
C ASN B 361 8.13 -31.62 43.39
N ARG B 362 7.71 -30.36 43.58
CA ARG B 362 6.36 -29.98 43.14
C ARG B 362 6.23 -30.07 41.63
N LEU B 363 7.25 -29.64 40.90
CA LEU B 363 7.23 -29.80 39.45
C LEU B 363 7.14 -31.27 39.06
N ARG B 364 7.98 -32.11 39.66
CA ARG B 364 7.91 -33.55 39.38
C ARG B 364 6.52 -34.11 39.64
N GLU B 365 5.92 -33.77 40.78
CA GLU B 365 4.61 -34.30 41.14
C GLU B 365 3.50 -33.74 40.24
N ALA B 366 3.69 -32.55 39.68
CA ALA B 366 2.70 -32.05 38.73
C ALA B 366 2.82 -32.67 37.34
N VAL B 367 4.03 -32.99 36.87
CA VAL B 367 4.19 -33.47 35.49
C VAL B 367 4.06 -34.98 35.30
N ARG B 368 4.21 -35.78 36.34
CA ARG B 368 4.15 -37.23 36.18
C ARG B 368 2.76 -37.74 35.81
N GLN B 369 1.70 -36.97 36.03
CA GLN B 369 0.35 -37.50 35.86
C GLN B 369 -0.15 -37.50 34.40
N ASP B 370 0.52 -36.83 33.46
CA ASP B 370 0.47 -37.25 32.06
C ASP B 370 1.49 -38.35 31.81
N ARG B 371 1.14 -39.32 30.97
CA ARG B 371 1.95 -40.53 30.85
C ARG B 371 3.28 -40.28 30.12
N ALA B 372 3.47 -39.13 29.48
CA ALA B 372 4.70 -38.91 28.73
C ALA B 372 5.91 -38.79 29.67
N ARG B 373 7.01 -39.45 29.28
CA ARG B 373 8.22 -39.44 30.08
C ARG B 373 8.81 -38.03 30.15
N ILE B 374 9.02 -37.54 31.36
CA ILE B 374 9.59 -36.22 31.61
C ILE B 374 10.73 -36.36 32.61
N GLN B 375 11.86 -35.71 32.32
CA GLN B 375 13.06 -35.89 33.15
C GLN B 375 13.62 -34.53 33.56
N ILE B 376 14.05 -34.41 34.82
CA ILE B 376 14.31 -33.10 35.41
C ILE B 376 15.65 -33.11 36.15
N SER B 377 16.42 -32.04 35.96
CA SER B 377 17.60 -31.79 36.78
C SER B 377 17.23 -30.93 37.98
N HIS B 378 18.16 -30.84 38.91
CA HIS B 378 18.19 -29.84 39.98
C HIS B 378 18.59 -28.45 39.47
N ILE B 379 18.21 -27.45 40.27
CA ILE B 379 18.60 -26.06 40.03
C ILE B 379 20.11 -25.89 40.10
N SER B 380 20.68 -25.28 39.06
CA SER B 380 22.10 -24.94 38.96
C SER B 380 22.43 -23.69 39.77
N ARG B 381 23.73 -23.39 39.85
CA ARG B 381 24.20 -22.18 40.52
C ARG B 381 23.60 -20.92 39.89
N PHE B 382 23.33 -20.94 38.59
CA PHE B 382 22.76 -19.79 37.89
C PHE B 382 21.25 -19.66 38.06
N GLY B 383 20.60 -20.60 38.74
CA GLY B 383 19.15 -20.58 38.86
C GLY B 383 18.42 -21.17 37.67
N LEU B 384 19.11 -21.95 36.83
CA LEU B 384 18.53 -22.55 35.64
C LEU B 384 18.33 -24.04 35.90
N LEU B 385 17.11 -24.51 35.64
CA LEU B 385 16.77 -25.92 35.73
C LEU B 385 16.59 -26.53 34.34
N GLU B 386 17.17 -27.70 34.14
CA GLU B 386 17.11 -28.40 32.87
C GLU B 386 16.11 -29.55 32.94
N MET B 387 15.30 -29.70 31.89
CA MET B 387 14.39 -30.84 31.83
C MET B 387 14.15 -31.22 30.37
N SER B 388 13.60 -32.42 30.17
CA SER B 388 13.25 -32.89 28.84
C SER B 388 11.85 -33.49 28.85
N ARG B 389 11.22 -33.52 27.68
CA ARG B 389 9.91 -34.16 27.53
C ARG B 389 9.87 -35.05 26.29
N GLN B 390 9.24 -36.21 26.47
CA GLN B 390 9.17 -37.25 25.45
C GLN B 390 8.54 -36.73 24.15
N ARG B 391 9.12 -37.18 23.03
CA ARG B 391 8.84 -36.65 21.69
C ARG B 391 7.60 -37.32 21.09
N LEU B 392 6.44 -37.05 21.69
CA LEU B 392 5.24 -37.74 21.22
C LEU B 392 4.65 -37.16 19.93
N SER B 393 4.61 -35.83 19.80
CA SER B 393 4.29 -35.23 18.52
C SER B 393 4.77 -33.79 18.52
N PRO B 394 4.86 -33.16 17.36
CA PRO B 394 5.15 -31.72 17.32
C PRO B 394 4.13 -30.90 18.08
N SER B 395 4.63 -29.80 18.67
CA SER B 395 3.85 -28.89 19.48
C SER B 395 2.79 -28.17 18.63
N LEU B 396 1.94 -27.41 19.33
CA LEU B 396 1.02 -26.51 18.65
C LEU B 396 1.77 -25.39 17.93
N GLY B 397 2.83 -24.88 18.52
CA GLY B 397 3.76 -24.03 17.82
C GLY B 397 4.45 -24.72 16.66
N GLU B 398 4.45 -24.06 15.50
CA GLU B 398 4.94 -24.65 14.25
C GLU B 398 4.15 -25.88 13.84
N SER B 399 2.89 -25.97 14.24
CA SER B 399 1.93 -26.73 13.44
C SER B 399 0.69 -25.90 13.14
N SER B 400 0.27 -25.04 14.08
CA SER B 400 -0.76 -24.04 13.83
C SER B 400 -0.14 -22.66 13.63
N HIS B 401 1.15 -22.63 13.31
CA HIS B 401 1.90 -21.40 13.07
C HIS B 401 2.90 -21.65 11.95
N HIS B 402 3.42 -20.56 11.39
CA HIS B 402 4.48 -20.60 10.39
C HIS B 402 5.55 -19.58 10.74
N VAL B 403 6.73 -19.79 10.15
CA VAL B 403 7.87 -18.92 10.42
C VAL B 403 7.59 -17.51 9.91
N CYS B 404 7.90 -16.52 10.74
CA CYS B 404 7.57 -15.13 10.50
C CYS B 404 8.19 -14.66 9.18
N PRO B 405 7.40 -14.27 8.17
CA PRO B 405 7.99 -13.88 6.88
C PRO B 405 8.79 -12.60 6.92
N ARG B 406 8.63 -11.76 7.94
CA ARG B 406 9.31 -10.46 7.94
C ARG B 406 10.74 -10.56 8.46
N CYS B 407 10.89 -10.98 9.70
CA CYS B 407 12.19 -11.10 10.34
C CYS B 407 12.88 -12.43 10.06
N SER B 408 12.26 -13.29 9.26
CA SER B 408 12.71 -14.66 8.99
C SER B 408 12.78 -15.52 10.24
N GLY B 409 12.02 -15.17 11.27
CA GLY B 409 12.00 -15.90 12.52
C GLY B 409 13.06 -15.53 13.53
N THR B 410 13.82 -14.47 13.29
CA THR B 410 14.77 -14.01 14.30
C THR B 410 14.07 -13.36 15.48
N GLY B 411 12.87 -12.83 15.26
CA GLY B 411 12.21 -12.06 16.29
C GLY B 411 12.75 -10.65 16.44
N THR B 412 13.56 -10.17 15.49
CA THR B 412 14.08 -8.82 15.55
C THR B 412 14.25 -8.23 14.14
N VAL B 413 14.09 -6.91 14.06
CA VAL B 413 14.33 -6.15 12.84
C VAL B 413 15.60 -5.32 13.03
N ARG B 414 16.48 -5.40 12.06
CA ARG B 414 17.73 -4.64 12.02
C ARG B 414 17.43 -3.14 11.92
N ASP B 415 18.13 -2.34 12.73
CA ASP B 415 17.85 -0.90 12.82
C ASP B 415 18.16 -0.17 11.51
N ASN B 416 17.30 0.79 11.17
CA ASN B 416 17.32 1.39 9.83
C ASN B 416 18.66 2.05 9.49
N GLU B 417 19.28 2.81 10.41
CA GLU B 417 20.55 3.41 10.02
C GLU B 417 21.67 2.38 9.92
N SER B 418 21.63 1.35 10.76
CA SER B 418 22.65 0.31 10.70
C SER B 418 22.56 -0.49 9.41
N LEU B 419 21.33 -0.78 8.98
CA LEU B 419 21.14 -1.45 7.70
C LEU B 419 21.51 -0.55 6.54
N SER B 420 21.11 0.72 6.59
CA SER B 420 21.42 1.62 5.48
C SER B 420 22.93 1.75 5.29
N LEU B 421 23.66 1.94 6.38
CA LEU B 421 25.12 2.06 6.29
C LEU B 421 25.79 0.76 5.86
N SER B 422 25.17 -0.38 6.20
CA SER B 422 25.70 -1.66 5.74
C SER B 422 25.49 -1.83 4.24
N ILE B 423 24.29 -1.51 3.75
CA ILE B 423 24.04 -1.60 2.31
C ILE B 423 24.94 -0.64 1.54
N LEU B 424 25.17 0.55 2.08
CA LEU B 424 26.10 1.49 1.44
C LEU B 424 27.47 0.87 1.19
N ARG B 425 28.00 0.18 2.20
CA ARG B 425 29.31 -0.45 2.01
C ARG B 425 29.24 -1.77 1.25
N LEU B 426 28.09 -2.44 1.22
CA LEU B 426 27.91 -3.58 0.33
C LEU B 426 27.92 -3.16 -1.13
N ILE B 427 27.23 -2.06 -1.46
CA ILE B 427 27.31 -1.50 -2.81
C ILE B 427 28.75 -1.20 -3.18
N GLU B 428 29.49 -0.58 -2.25
CA GLU B 428 30.90 -0.31 -2.51
C GLU B 428 31.68 -1.58 -2.82
N GLU B 429 31.42 -2.64 -2.08
CA GLU B 429 32.17 -3.89 -2.24
C GLU B 429 31.75 -4.70 -3.47
N GLU B 430 30.53 -4.53 -3.97
CA GLU B 430 30.21 -5.06 -5.29
C GLU B 430 30.87 -4.26 -6.41
N ALA B 431 30.84 -2.92 -6.31
CA ALA B 431 31.44 -2.09 -7.35
C ALA B 431 32.95 -2.26 -7.49
N LEU B 432 33.63 -2.71 -6.43
CA LEU B 432 35.06 -3.03 -6.50
C LEU B 432 35.38 -4.21 -7.42
N LYS B 433 34.41 -5.07 -7.71
CA LYS B 433 34.68 -6.29 -8.46
C LYS B 433 35.12 -6.04 -9.91
N GLU B 434 35.95 -6.96 -10.42
CA GLU B 434 36.28 -7.04 -11.84
C GLU B 434 35.04 -7.20 -12.71
N ASN B 435 35.18 -6.81 -13.98
CA ASN B 435 34.17 -7.03 -15.01
C ASN B 435 32.83 -6.39 -14.67
N THR B 436 32.84 -5.34 -13.86
CA THR B 436 31.61 -4.76 -13.32
C THR B 436 31.25 -3.49 -14.07
N GLN B 437 29.99 -3.38 -14.48
CA GLN B 437 29.47 -2.22 -15.18
C GLN B 437 28.41 -1.46 -14.39
N GLU B 438 27.53 -2.17 -13.68
CA GLU B 438 26.54 -1.53 -12.82
C GLU B 438 26.37 -2.34 -11.54
N VAL B 439 25.86 -1.66 -10.52
CA VAL B 439 25.34 -2.27 -9.30
C VAL B 439 23.96 -1.71 -9.01
N HIS B 440 23.03 -2.60 -8.66
CA HIS B 440 21.66 -2.23 -8.29
C HIS B 440 21.44 -2.63 -6.84
N ALA B 441 21.06 -1.66 -6.01
CA ALA B 441 20.51 -1.92 -4.70
C ALA B 441 19.00 -1.71 -4.77
N ILE B 442 18.23 -2.74 -4.43
CA ILE B 442 16.78 -2.63 -4.33
C ILE B 442 16.40 -2.78 -2.87
N VAL B 443 15.72 -1.77 -2.32
CA VAL B 443 15.65 -1.62 -0.87
C VAL B 443 14.27 -1.10 -0.49
N PRO B 444 13.91 -1.22 0.78
CA PRO B 444 12.72 -0.55 1.28
C PRO B 444 12.81 0.96 1.13
N VAL B 445 11.65 1.57 0.92
CA VAL B 445 11.49 3.01 0.70
C VAL B 445 12.32 3.87 1.66
N PRO B 446 12.24 3.67 2.98
CA PRO B 446 13.05 4.52 3.87
C PRO B 446 14.54 4.25 3.73
N ILE B 447 14.94 3.03 3.39
CA ILE B 447 16.37 2.76 3.19
C ILE B 447 16.87 3.53 1.98
N ALA B 448 16.09 3.54 0.90
CA ALA B 448 16.43 4.36 -0.25
C ALA B 448 16.48 5.84 0.10
N SER B 449 15.53 6.30 0.91
CA SER B 449 15.52 7.71 1.32
C SER B 449 16.78 8.08 2.09
N TYR B 450 17.22 7.20 2.99
CA TYR B 450 18.43 7.47 3.76
C TYR B 450 19.67 7.43 2.88
N LEU B 451 19.77 6.43 2.01
CA LEU B 451 20.92 6.30 1.12
C LEU B 451 21.05 7.49 0.17
N LEU B 452 19.96 7.89 -0.46
CA LEU B 452 19.97 8.87 -1.54
C LEU B 452 19.86 10.32 -1.07
N ASN B 453 19.87 10.56 0.24
CA ASN B 453 19.91 11.93 0.76
C ASN B 453 21.00 12.11 1.81
N GLU B 454 20.86 11.41 2.94
CA GLU B 454 21.87 11.50 3.98
C GLU B 454 23.23 11.03 3.48
N LYS B 455 23.26 9.93 2.74
CA LYS B 455 24.51 9.32 2.29
C LYS B 455 24.81 9.58 0.82
N ARG B 456 24.04 10.45 0.17
CA ARG B 456 24.27 10.74 -1.25
C ARG B 456 25.72 11.09 -1.51
N SER B 457 26.32 11.87 -0.61
CA SER B 457 27.74 12.20 -0.75
C SER B 457 28.60 10.95 -0.84
N ALA B 458 28.25 9.91 -0.09
CA ALA B 458 29.01 8.67 -0.17
C ALA B 458 28.67 7.83 -1.40
N VAL B 459 27.42 7.85 -1.88
CA VAL B 459 27.11 7.17 -3.12
C VAL B 459 27.87 7.79 -4.28
N ASN B 460 27.92 9.13 -4.33
CA ASN B 460 28.78 9.82 -5.28
C ASN B 460 30.26 9.47 -5.08
N ALA B 461 30.69 9.34 -3.83
CA ALA B 461 32.07 8.94 -3.57
C ALA B 461 32.38 7.55 -4.11
N ILE B 462 31.41 6.62 -4.01
CA ILE B 462 31.58 5.30 -4.60
C ILE B 462 31.66 5.41 -6.13
N GLU B 463 30.73 6.13 -6.74
CA GLU B 463 30.72 6.25 -8.19
C GLU B 463 32.00 6.89 -8.72
N THR B 464 32.62 7.77 -7.94
CA THR B 464 33.86 8.42 -8.36
C THR B 464 35.14 7.64 -8.03
N ARG B 465 35.21 6.98 -6.88
CA ARG B 465 36.40 6.19 -6.55
C ARG B 465 36.46 4.90 -7.38
N GLN B 466 35.41 4.08 -7.31
CA GLN B 466 35.28 2.89 -8.14
C GLN B 466 34.77 3.30 -9.52
N ASP B 467 35.58 4.12 -10.18
CA ASP B 467 35.18 4.84 -11.37
C ASP B 467 34.67 3.92 -12.47
N GLY B 468 33.66 4.39 -13.22
CA GLY B 468 33.06 3.66 -14.32
C GLY B 468 31.89 2.75 -14.01
N VAL B 469 31.49 2.61 -12.76
CA VAL B 469 30.36 1.75 -12.39
C VAL B 469 29.15 2.63 -12.07
N ARG B 470 28.02 2.30 -12.70
CA ARG B 470 26.74 2.92 -12.40
C ARG B 470 26.19 2.35 -11.09
N CYS B 471 25.81 3.22 -10.16
CA CYS B 471 25.13 2.82 -8.93
C CYS B 471 23.67 3.25 -8.93
N VAL B 472 22.77 2.28 -8.87
CA VAL B 472 21.32 2.49 -8.84
C VAL B 472 20.79 2.06 -7.47
N ILE B 473 20.02 2.93 -6.82
CA ILE B 473 19.35 2.59 -5.56
C ILE B 473 17.85 2.82 -5.77
N VAL B 474 17.08 1.76 -5.59
CA VAL B 474 15.66 1.72 -5.96
C VAL B 474 14.80 1.57 -4.70
N PRO B 475 13.90 2.51 -4.43
CA PRO B 475 12.84 2.27 -3.42
C PRO B 475 11.81 1.29 -3.95
N ASN B 476 11.52 0.24 -3.18
CA ASN B 476 10.60 -0.81 -3.61
C ASN B 476 9.32 -0.77 -2.79
N ASP B 477 8.18 -0.85 -3.49
CA ASP B 477 6.87 -1.02 -2.85
C ASP B 477 6.78 -2.34 -2.07
N GLN B 478 7.44 -3.38 -2.56
CA GLN B 478 7.27 -4.74 -2.04
C GLN B 478 8.26 -5.10 -0.94
N MET B 479 8.96 -4.12 -0.38
CA MET B 479 9.96 -4.39 0.65
C MET B 479 9.68 -3.59 1.91
N GLU B 480 9.98 -4.20 3.05
CA GLU B 480 9.93 -3.55 4.34
C GLU B 480 11.16 -4.00 5.12
N THR B 481 11.55 -3.15 6.06
CA THR B 481 12.93 -2.97 6.54
C THR B 481 13.88 -4.16 6.38
N PRO B 482 13.61 -5.33 6.97
CA PRO B 482 14.65 -6.38 7.00
C PRO B 482 15.03 -6.99 5.66
N HIS B 483 14.29 -6.80 4.58
CA HIS B 483 14.65 -7.36 3.28
C HIS B 483 15.18 -6.31 2.30
N TYR B 484 16.29 -6.65 1.65
CA TYR B 484 16.90 -5.84 0.60
C TYR B 484 17.62 -6.78 -0.37
N HIS B 485 17.87 -6.31 -1.58
CA HIS B 485 18.78 -6.95 -2.53
C HIS B 485 19.78 -5.95 -3.07
N VAL B 486 21.03 -6.36 -3.16
CA VAL B 486 22.06 -5.70 -3.96
C VAL B 486 22.54 -6.67 -5.03
N LEU B 487 22.49 -6.23 -6.28
CA LEU B 487 22.89 -7.03 -7.44
C LEU B 487 23.94 -6.30 -8.26
N ARG B 488 24.74 -7.09 -8.98
CA ARG B 488 25.83 -6.59 -9.79
C ARG B 488 25.60 -6.96 -11.25
N VAL B 489 25.90 -6.01 -12.14
CA VAL B 489 25.74 -6.20 -13.58
C VAL B 489 27.11 -6.25 -14.22
N ARG B 490 27.37 -7.34 -14.95
CA ARG B 490 28.68 -7.61 -15.54
C ARG B 490 28.74 -6.97 -16.93
N LYS B 491 29.96 -6.77 -17.42
CA LYS B 491 30.15 -6.12 -18.71
C LYS B 491 29.33 -6.78 -19.81
N GLY B 492 28.55 -5.95 -20.53
CA GLY B 492 27.69 -6.40 -21.60
C GLY B 492 26.33 -6.88 -21.19
N GLU B 493 26.06 -6.99 -19.89
CA GLU B 493 24.72 -7.27 -19.38
C GLU B 493 23.91 -6.00 -19.12
N GLU B 494 24.49 -4.83 -19.37
CA GLU B 494 23.80 -3.56 -19.16
C GLU B 494 22.49 -3.49 -19.91
N THR B 495 21.57 -2.68 -19.39
CA THR B 495 20.21 -2.55 -19.90
C THR B 495 19.76 -1.10 -19.83
N PRO B 496 18.91 -0.65 -20.77
CA PRO B 496 18.25 0.65 -20.63
C PRO B 496 17.13 0.69 -19.60
N THR B 497 16.86 -0.42 -18.91
CA THR B 497 15.73 -0.49 -17.98
C THR B 497 15.80 0.61 -16.92
N LEU B 498 14.73 1.40 -16.83
CA LEU B 498 14.66 2.51 -15.88
C LEU B 498 14.71 1.98 -14.45
N SER B 499 15.22 2.82 -13.55
CA SER B 499 15.38 2.42 -12.15
C SER B 499 14.08 1.91 -11.53
N TYR B 500 12.98 2.61 -11.74
CA TYR B 500 11.72 2.16 -11.18
C TYR B 500 11.17 0.91 -11.85
N MET B 501 11.74 0.51 -12.98
CA MET B 501 11.32 -0.70 -13.65
C MET B 501 12.03 -1.94 -13.13
N LEU B 502 13.11 -1.78 -12.35
CA LEU B 502 13.86 -2.96 -11.91
C LEU B 502 13.07 -3.91 -11.02
N PRO B 503 12.28 -3.47 -10.03
CA PRO B 503 11.45 -4.44 -9.29
C PRO B 503 10.40 -5.11 -10.15
N LYS B 504 9.81 -4.37 -11.10
CA LYS B 504 8.80 -4.93 -11.99
C LYS B 504 9.40 -6.02 -12.89
N LEU B 505 10.65 -5.83 -13.30
CA LEU B 505 11.39 -6.88 -13.98
C LEU B 505 11.61 -8.09 -13.08
N HIS B 506 12.02 -7.86 -11.83
CA HIS B 506 12.40 -8.99 -11.00
C HIS B 506 11.22 -9.76 -10.42
N GLU B 507 10.05 -9.14 -10.28
CA GLU B 507 8.85 -9.90 -9.96
C GLU B 507 8.58 -10.98 -11.01
N GLU B 508 8.87 -10.68 -12.27
CA GLU B 508 8.79 -11.70 -13.31
C GLU B 508 10.07 -12.55 -13.37
N ALA B 509 11.25 -11.94 -13.20
CA ALA B 509 12.47 -12.68 -13.48
C ALA B 509 12.84 -13.67 -12.36
N MET B 510 12.60 -13.32 -11.11
CA MET B 510 13.00 -14.20 -10.01
C MET B 510 12.14 -15.46 -9.95
N MET C 1 12.59 42.22 -28.79
CA MET C 1 13.23 41.32 -29.79
C MET C 1 12.59 39.94 -29.77
N LYS C 2 12.38 39.35 -30.95
CA LYS C 2 12.04 37.94 -31.04
C LYS C 2 13.30 37.09 -30.99
N ARG C 3 13.26 36.02 -30.18
CA ARG C 3 14.39 35.14 -29.96
C ARG C 3 13.98 33.69 -30.11
N MET C 4 14.90 32.84 -30.53
CA MET C 4 14.77 31.39 -30.37
C MET C 4 15.74 30.92 -29.28
N LEU C 5 15.21 30.20 -28.29
CA LEU C 5 15.97 29.66 -27.18
C LEU C 5 15.94 28.14 -27.24
N ILE C 6 17.12 27.51 -27.29
CA ILE C 6 17.22 26.05 -27.23
C ILE C 6 17.83 25.66 -25.90
N ASN C 7 17.13 24.80 -25.16
CA ASN C 7 17.64 24.23 -23.91
C ASN C 7 17.83 22.73 -24.07
N ALA C 8 19.07 22.28 -23.89
CA ALA C 8 19.47 20.90 -24.10
C ALA C 8 20.30 20.38 -22.94
N THR C 9 20.41 21.16 -21.86
CA THR C 9 21.23 20.78 -20.71
C THR C 9 20.91 19.40 -20.16
N GLN C 10 19.66 18.97 -20.26
CA GLN C 10 19.27 17.61 -19.91
C GLN C 10 18.83 16.87 -21.16
N GLN C 11 19.50 15.75 -21.46
CA GLN C 11 19.32 15.09 -22.74
C GLN C 11 17.98 14.38 -22.88
N GLU C 12 17.31 14.06 -21.77
CA GLU C 12 16.08 13.27 -21.84
C GLU C 12 14.88 14.05 -22.39
N GLU C 13 14.97 15.37 -22.52
CA GLU C 13 14.08 16.09 -23.44
C GLU C 13 14.77 17.35 -23.94
N LEU C 14 14.78 17.50 -25.27
CA LEU C 14 15.26 18.71 -25.93
C LEU C 14 14.10 19.71 -26.06
N ARG C 15 14.29 20.93 -25.54
CA ARG C 15 13.26 21.96 -25.54
C ARG C 15 13.65 23.10 -26.46
N VAL C 16 12.81 23.37 -27.46
CA VAL C 16 12.95 24.54 -28.33
C VAL C 16 11.80 25.49 -28.01
N ALA C 17 12.14 26.71 -27.63
CA ALA C 17 11.15 27.73 -27.32
C ALA C 17 11.41 28.96 -28.18
N LEU C 18 10.33 29.64 -28.55
CA LEU C 18 10.40 30.87 -29.32
C LEU C 18 9.72 31.93 -28.48
N VAL C 19 10.35 33.10 -28.36
CA VAL C 19 9.93 34.14 -27.42
C VAL C 19 9.83 35.49 -28.14
N ASP C 20 8.80 36.25 -27.78
CA ASP C 20 8.65 37.65 -28.20
C ASP C 20 8.98 38.51 -26.98
N GLY C 21 10.25 38.89 -26.88
CA GLY C 21 10.78 39.57 -25.70
C GLY C 21 10.87 38.65 -24.49
N GLN C 22 9.90 38.73 -23.58
CA GLN C 22 9.78 37.76 -22.50
C GLN C 22 8.43 37.03 -22.53
N ARG C 23 7.67 37.19 -23.61
CA ARG C 23 6.41 36.49 -23.82
C ARG C 23 6.67 35.23 -24.65
N LEU C 24 6.40 34.07 -24.06
CA LEU C 24 6.49 32.80 -24.78
C LEU C 24 5.59 32.83 -26.01
N TYR C 25 6.20 32.62 -27.17
CA TYR C 25 5.56 32.75 -28.47
C TYR C 25 5.18 31.40 -29.08
N ASP C 26 6.11 30.43 -29.04
CA ASP C 26 5.84 29.08 -29.52
C ASP C 26 6.75 28.08 -28.80
N LEU C 27 6.37 26.80 -28.81
CA LEU C 27 7.16 25.78 -28.13
C LEU C 27 7.10 24.45 -28.88
N ASP C 28 8.22 23.71 -28.92
CA ASP C 28 8.19 22.25 -29.05
C ASP C 28 9.20 21.59 -28.10
N ILE C 29 8.79 20.48 -27.49
CA ILE C 29 9.64 19.64 -26.65
C ILE C 29 9.59 18.22 -27.22
N GLU C 30 10.76 17.68 -27.61
CA GLU C 30 10.85 16.27 -27.99
C GLU C 30 11.89 15.51 -27.19
N SER C 31 11.49 14.31 -26.68
CA SER C 31 12.34 13.33 -26.01
C SER C 31 13.09 12.45 -27.03
N PRO C 32 14.27 11.95 -26.66
CA PRO C 32 15.14 11.26 -27.64
C PRO C 32 14.68 9.87 -28.06
N GLY C 33 13.45 9.47 -27.77
CA GLY C 33 12.95 8.22 -28.32
C GLY C 33 12.83 8.31 -29.83
N HIS C 34 13.81 7.74 -30.54
CA HIS C 34 13.86 7.83 -32.01
C HIS C 34 12.82 6.95 -32.69
N GLU C 35 11.59 6.96 -32.17
CA GLU C 35 10.47 6.30 -32.83
C GLU C 35 10.07 7.09 -34.08
N GLN C 36 10.17 6.45 -35.25
CA GLN C 36 9.82 7.09 -36.52
C GLN C 36 8.47 6.62 -37.08
N LYS C 37 7.38 7.10 -36.49
CA LYS C 37 6.12 7.30 -37.21
C LYS C 37 5.95 8.73 -37.73
N LYS C 38 6.89 9.62 -37.45
CA LYS C 38 6.62 11.05 -37.35
C LYS C 38 6.05 11.61 -38.65
N ALA C 39 6.84 11.57 -39.75
CA ALA C 39 6.40 12.16 -41.01
C ALA C 39 7.16 11.65 -42.23
N ASN C 40 7.89 10.55 -42.06
CA ASN C 40 8.88 10.07 -43.03
C ASN C 40 8.24 9.61 -44.34
N ILE C 41 9.07 9.63 -45.42
CA ILE C 41 8.68 9.16 -46.75
C ILE C 41 9.24 7.76 -46.96
N TYR C 42 8.40 6.87 -47.53
CA TYR C 42 8.59 5.42 -47.61
C TYR C 42 8.22 4.87 -48.98
N LYS C 43 8.66 3.64 -49.24
CA LYS C 43 8.06 2.74 -50.23
C LYS C 43 7.28 1.63 -49.51
N GLY C 44 6.05 1.33 -50.01
CA GLY C 44 5.20 0.33 -49.39
C GLY C 44 4.52 -0.58 -50.38
N LYS C 45 3.99 -1.69 -49.85
CA LYS C 45 3.31 -2.73 -50.62
C LYS C 45 1.81 -2.74 -50.34
N ILE C 46 1.00 -2.66 -51.39
CA ILE C 46 -0.45 -2.81 -51.27
C ILE C 46 -0.78 -4.21 -50.74
N THR C 47 -1.48 -4.25 -49.60
CA THR C 47 -1.61 -5.47 -48.81
C THR C 47 -3.06 -5.87 -48.54
N ARG C 48 -3.99 -4.91 -48.46
CA ARG C 48 -5.42 -5.24 -48.43
C ARG C 48 -6.19 -4.20 -49.23
N ILE C 49 -7.38 -4.59 -49.69
CA ILE C 49 -8.21 -3.74 -50.54
C ILE C 49 -9.64 -3.75 -50.01
N GLU C 50 -10.26 -2.57 -49.96
CA GLU C 50 -11.62 -2.41 -49.44
C GLU C 50 -12.42 -1.47 -50.33
N PRO C 51 -13.04 -2.00 -51.40
CA PRO C 51 -13.98 -1.16 -52.16
C PRO C 51 -15.18 -0.70 -51.36
N SER C 52 -15.46 -1.33 -50.20
CA SER C 52 -16.47 -0.79 -49.28
C SER C 52 -16.05 0.57 -48.73
N LEU C 53 -14.78 0.72 -48.34
CA LEU C 53 -14.24 2.01 -47.92
C LEU C 53 -13.77 2.85 -49.10
N GLU C 54 -13.61 2.26 -50.28
CA GLU C 54 -12.91 2.89 -51.40
C GLU C 54 -11.45 3.17 -51.05
N ALA C 55 -10.81 2.21 -50.37
CA ALA C 55 -9.49 2.44 -49.78
C ALA C 55 -8.66 1.17 -49.87
N ALA C 56 -7.35 1.31 -49.62
CA ALA C 56 -6.45 0.16 -49.55
C ALA C 56 -5.54 0.29 -48.33
N PHE C 57 -4.99 -0.83 -47.90
CA PHE C 57 -4.08 -0.89 -46.77
C PHE C 57 -2.70 -1.36 -47.23
N VAL C 58 -1.66 -0.73 -46.69
CA VAL C 58 -0.29 -0.81 -47.19
C VAL C 58 0.63 -1.32 -46.10
N ASP C 59 1.51 -2.26 -46.48
CA ASP C 59 2.69 -2.63 -45.70
C ASP C 59 3.86 -1.70 -46.03
N TYR C 60 4.18 -0.79 -45.11
CA TYR C 60 5.36 0.08 -45.23
C TYR C 60 6.48 -0.33 -44.28
N GLY C 61 6.46 -1.57 -43.80
CA GLY C 61 7.48 -2.10 -42.90
C GLY C 61 7.16 -2.00 -41.43
N ALA C 62 6.07 -1.35 -41.05
CA ALA C 62 5.64 -1.25 -39.65
C ALA C 62 4.77 -2.44 -39.26
N GLU C 63 4.69 -2.66 -37.94
CA GLU C 63 3.79 -3.66 -37.37
C GLU C 63 2.34 -3.18 -37.40
N ARG C 64 2.13 -1.89 -37.64
CA ARG C 64 0.82 -1.29 -37.79
C ARG C 64 0.55 -0.98 -39.25
N HIS C 65 -0.63 -1.34 -39.75
CA HIS C 65 -0.98 -1.08 -41.14
C HIS C 65 -0.85 0.40 -41.48
N GLY C 66 -0.58 0.66 -42.76
CA GLY C 66 -0.87 1.97 -43.35
C GLY C 66 -2.24 1.99 -44.02
N PHE C 67 -2.91 3.14 -43.96
CA PHE C 67 -4.20 3.33 -44.61
C PHE C 67 -4.07 4.33 -45.75
N LEU C 68 -4.47 3.92 -46.96
CA LEU C 68 -4.28 4.69 -48.19
C LEU C 68 -5.57 4.76 -48.99
N PRO C 69 -6.39 5.79 -48.76
CA PRO C 69 -7.64 5.92 -49.53
C PRO C 69 -7.39 6.43 -50.95
N LEU C 70 -8.36 6.13 -51.83
CA LEU C 70 -8.28 6.55 -53.23
C LEU C 70 -8.23 8.08 -53.36
N LYS C 71 -8.62 8.80 -52.31
CA LYS C 71 -8.36 10.24 -52.25
C LYS C 71 -6.90 10.55 -52.49
N GLU C 72 -6.00 9.64 -52.12
CA GLU C 72 -4.58 9.92 -51.94
C GLU C 72 -3.69 9.14 -52.90
N ILE C 73 -4.24 8.53 -53.94
CA ILE C 73 -3.47 7.76 -54.91
C ILE C 73 -3.37 8.55 -56.21
N ALA C 74 -2.13 8.82 -56.63
CA ALA C 74 -1.87 9.49 -57.90
C ALA C 74 -2.11 8.55 -59.09
N ARG C 75 -2.48 9.15 -60.23
CA ARG C 75 -2.81 8.40 -61.43
C ARG C 75 -1.66 7.56 -61.98
N GLU C 76 -0.40 7.86 -61.61
CA GLU C 76 0.72 7.03 -62.02
C GLU C 76 0.63 5.58 -61.55
N TYR C 77 -0.22 5.28 -60.57
CA TYR C 77 -0.39 3.91 -60.08
C TYR C 77 -1.57 3.18 -60.70
N PHE C 78 -2.38 3.83 -61.54
CA PHE C 78 -3.55 3.21 -62.12
C PHE C 78 -3.17 2.30 -63.28
N PRO C 79 -4.07 1.38 -63.68
CA PRO C 79 -3.80 0.49 -64.81
C PRO C 79 -3.48 1.24 -66.09
N ARG C 87 -13.95 7.16 -61.28
CA ARG C 87 -12.95 6.82 -60.28
C ARG C 87 -13.57 5.99 -59.16
N PRO C 88 -14.22 4.86 -59.51
CA PRO C 88 -15.20 4.25 -58.59
C PRO C 88 -14.66 3.27 -57.57
N ASN C 89 -13.75 2.37 -57.96
CA ASN C 89 -13.38 1.24 -57.11
C ASN C 89 -11.87 1.05 -57.08
N ILE C 90 -11.35 0.69 -55.90
CA ILE C 90 -9.94 0.34 -55.76
C ILE C 90 -9.58 -0.90 -56.57
N LYS C 91 -10.49 -1.87 -56.71
CA LYS C 91 -10.21 -2.99 -57.59
C LYS C 91 -10.01 -2.56 -59.04
N ASP C 92 -10.47 -1.38 -59.41
CA ASP C 92 -10.16 -0.81 -60.71
C ASP C 92 -8.88 0.01 -60.68
N VAL C 93 -8.15 0.02 -59.57
CA VAL C 93 -6.97 0.87 -59.40
C VAL C 93 -5.76 0.07 -58.95
N LEU C 94 -5.95 -0.93 -58.10
CA LEU C 94 -4.83 -1.60 -57.43
C LEU C 94 -4.99 -3.11 -57.46
N ARG C 95 -3.89 -3.80 -57.14
CA ARG C 95 -3.92 -5.20 -56.75
C ARG C 95 -2.96 -5.41 -55.58
N GLU C 96 -3.16 -6.50 -54.85
CA GLU C 96 -2.23 -6.91 -53.81
C GLU C 96 -0.83 -7.12 -54.38
N GLY C 97 0.17 -6.67 -53.61
CA GLY C 97 1.57 -6.77 -54.00
C GLY C 97 2.10 -5.65 -54.87
N GLN C 98 1.25 -4.69 -55.24
CA GLN C 98 1.71 -3.49 -55.93
C GLN C 98 2.55 -2.61 -55.01
N GLU C 99 3.59 -1.97 -55.56
CA GLU C 99 4.53 -1.15 -54.81
C GLU C 99 4.33 0.33 -55.12
N VAL C 100 4.21 1.15 -54.07
CA VAL C 100 3.90 2.59 -54.17
C VAL C 100 4.82 3.41 -53.28
N ILE C 101 5.19 4.61 -53.74
CA ILE C 101 5.82 5.62 -52.88
C ILE C 101 4.74 6.35 -52.07
N VAL C 102 4.97 6.49 -50.76
CA VAL C 102 3.97 7.02 -49.84
C VAL C 102 4.62 7.83 -48.72
N GLN C 103 3.82 8.70 -48.09
CA GLN C 103 4.21 9.50 -46.93
C GLN C 103 3.18 9.34 -45.81
N ILE C 104 3.65 9.24 -44.56
CA ILE C 104 2.74 9.19 -43.42
C ILE C 104 2.10 10.54 -43.18
N ASP C 105 0.78 10.60 -43.30
CA ASP C 105 0.00 11.79 -42.95
C ASP C 105 -0.49 11.81 -41.50
N LYS C 106 -0.99 10.68 -40.99
CA LYS C 106 -1.58 10.61 -39.65
C LYS C 106 -0.86 9.58 -38.78
N GLU C 107 -0.55 9.99 -37.55
CA GLU C 107 0.28 9.21 -36.64
C GLU C 107 -0.53 8.53 -35.53
N GLU C 108 -0.64 7.19 -35.62
CA GLU C 108 -0.95 6.32 -34.47
C GLU C 108 -2.32 6.55 -33.83
N ARG C 109 -3.38 6.59 -34.65
CA ARG C 109 -4.73 6.47 -34.10
C ARG C 109 -4.96 5.11 -33.42
N GLY C 110 -5.14 5.10 -32.11
CA GLY C 110 -5.65 3.92 -31.41
C GLY C 110 -4.80 2.69 -31.70
N ASN C 111 -5.47 1.61 -32.10
CA ASN C 111 -4.83 0.47 -32.73
C ASN C 111 -4.79 0.61 -34.25
N LYS C 112 -5.57 1.53 -34.80
CA LYS C 112 -5.80 1.63 -36.24
C LYS C 112 -4.60 2.24 -36.97
N GLY C 113 -4.45 1.84 -38.23
CA GLY C 113 -3.33 2.20 -39.07
C GLY C 113 -3.00 3.67 -39.25
N ALA C 114 -1.73 3.94 -39.56
CA ALA C 114 -1.29 5.26 -39.99
C ALA C 114 -1.79 5.57 -41.41
N ALA C 115 -2.46 6.71 -41.56
CA ALA C 115 -2.92 7.13 -42.88
C ALA C 115 -1.77 7.63 -43.75
N LEU C 116 -1.84 7.33 -45.04
CA LEU C 116 -0.76 7.57 -46.00
C LEU C 116 -1.25 8.43 -47.16
N THR C 117 -0.32 9.18 -47.76
CA THR C 117 -0.55 9.83 -49.05
C THR C 117 0.62 9.54 -49.99
N THR C 118 0.31 9.45 -51.29
CA THR C 118 1.31 9.42 -52.35
C THR C 118 1.69 10.80 -52.86
N PHE C 119 0.98 11.86 -52.47
CA PHE C 119 1.25 13.22 -52.94
C PHE C 119 2.31 13.91 -52.07
N ILE C 120 3.53 13.36 -52.16
CA ILE C 120 4.68 13.94 -51.47
C ILE C 120 4.86 15.41 -51.84
N SER C 121 5.19 16.22 -50.84
CA SER C 121 5.64 17.60 -51.05
C SER C 121 6.86 17.88 -50.19
N LEU C 122 7.82 18.60 -50.76
CA LEU C 122 9.13 18.85 -50.14
C LEU C 122 9.27 20.35 -49.84
N ALA C 123 9.49 20.68 -48.57
CA ALA C 123 9.44 22.06 -48.07
C ALA C 123 10.85 22.57 -47.77
N GLY C 124 11.26 23.64 -48.45
CA GLY C 124 12.57 24.22 -48.30
C GLY C 124 12.60 25.41 -47.36
N SER C 125 13.64 26.24 -47.51
CA SER C 125 13.82 27.40 -46.65
C SER C 125 13.02 28.60 -47.13
N TYR C 126 12.90 28.76 -48.44
CA TYR C 126 12.06 29.80 -49.04
C TYR C 126 10.87 29.27 -49.84
N LEU C 127 10.88 28.01 -50.28
CA LEU C 127 9.78 27.50 -51.08
C LEU C 127 9.53 26.02 -50.79
N VAL C 128 8.31 25.59 -51.11
CA VAL C 128 7.88 24.19 -51.04
C VAL C 128 7.65 23.67 -52.45
N LEU C 129 8.24 22.51 -52.75
CA LEU C 129 8.09 21.86 -54.05
C LEU C 129 7.05 20.75 -53.97
N MET C 130 6.16 20.69 -54.99
CA MET C 130 5.05 19.75 -55.09
C MET C 130 5.26 18.79 -56.26
N PRO C 131 6.24 17.87 -56.17
CA PRO C 131 6.68 17.14 -57.37
C PRO C 131 5.66 16.15 -57.95
N ASN C 132 4.71 15.64 -57.15
CA ASN C 132 3.68 14.75 -57.65
C ASN C 132 2.34 15.45 -57.90
N ASN C 133 2.33 16.80 -57.90
CA ASN C 133 1.07 17.53 -57.99
C ASN C 133 1.23 18.83 -58.78
N PRO C 134 0.65 18.93 -59.98
CA PRO C 134 0.76 20.18 -60.74
C PRO C 134 -0.18 21.28 -60.30
N ARG C 135 -1.32 20.95 -59.67
CA ARG C 135 -2.33 21.97 -59.37
C ARG C 135 -1.90 22.91 -58.24
N ALA C 136 -1.27 22.37 -57.19
CA ALA C 136 -0.93 23.14 -55.99
C ALA C 136 0.27 24.06 -56.23
N GLY C 137 0.03 25.37 -56.19
CA GLY C 137 1.12 26.33 -56.17
C GLY C 137 0.58 27.75 -56.07
N GLY C 138 1.45 28.64 -55.58
CA GLY C 138 1.03 30.01 -55.27
C GLY C 138 1.97 30.68 -54.29
N ILE C 139 1.41 31.63 -53.55
CA ILE C 139 2.14 32.42 -52.56
C ILE C 139 1.34 32.44 -51.26
N SER C 140 2.05 32.41 -50.13
CA SER C 140 1.47 32.49 -48.80
C SER C 140 0.30 33.46 -48.69
N ARG C 141 -0.78 32.97 -48.07
CA ARG C 141 -1.91 33.81 -47.68
C ARG C 141 -1.51 34.85 -46.64
N ARG C 142 -0.62 34.48 -45.74
CA ARG C 142 -0.19 35.28 -44.61
C ARG C 142 0.86 36.33 -44.98
N ILE C 143 1.45 36.22 -46.17
CA ILE C 143 2.13 37.35 -46.79
C ILE C 143 1.19 38.03 -47.76
N GLU C 150 10.98 41.57 -55.01
CA GLU C 150 11.28 40.89 -56.27
C GLU C 150 10.27 39.80 -56.60
N LEU C 151 9.45 39.41 -55.62
CA LEU C 151 8.89 38.06 -55.61
C LEU C 151 7.97 37.82 -56.80
N LYS C 152 7.22 38.83 -57.22
CA LYS C 152 6.36 38.65 -58.40
C LYS C 152 7.18 38.37 -59.65
N GLU C 153 8.33 39.04 -59.81
CA GLU C 153 9.26 38.69 -60.88
C GLU C 153 9.99 37.37 -60.59
N ALA C 154 10.46 37.21 -59.35
CA ALA C 154 11.30 36.06 -59.00
C ALA C 154 10.57 34.75 -59.25
N LEU C 155 9.34 34.63 -58.76
CA LEU C 155 8.56 33.41 -58.95
C LEU C 155 8.44 33.06 -60.43
N ALA C 156 8.11 34.05 -61.27
CA ALA C 156 7.98 33.79 -62.70
C ALA C 156 9.30 33.44 -63.37
N SER C 157 10.44 33.86 -62.80
CA SER C 157 11.74 33.53 -63.37
C SER C 157 12.21 32.11 -63.07
N LEU C 158 11.63 31.43 -62.10
CA LEU C 158 12.13 30.11 -61.68
C LEU C 158 11.94 29.05 -62.76
N GLU C 159 12.96 28.21 -62.90
CA GLU C 159 13.02 27.13 -63.90
C GLU C 159 12.34 25.86 -63.41
N LEU C 160 11.21 26.00 -62.74
CA LEU C 160 10.43 24.90 -62.20
C LEU C 160 10.19 23.81 -63.26
N PRO C 161 10.56 22.55 -63.00
CA PRO C 161 10.27 21.48 -63.96
C PRO C 161 8.78 21.33 -64.23
N GLU C 162 8.48 20.79 -65.42
CA GLU C 162 7.10 20.59 -65.86
C GLU C 162 6.43 19.47 -65.08
N GLY C 163 5.12 19.65 -64.81
CA GLY C 163 4.35 18.74 -63.99
C GLY C 163 4.51 18.89 -62.50
N MET C 164 5.52 19.61 -62.04
CA MET C 164 5.68 19.97 -60.63
C MET C 164 5.01 21.30 -60.31
N GLY C 165 4.57 21.45 -59.07
CA GLY C 165 4.15 22.73 -58.56
C GLY C 165 5.11 23.28 -57.50
N LEU C 166 4.94 24.56 -57.16
CA LEU C 166 5.62 25.09 -55.98
C LEU C 166 4.79 26.18 -55.31
N ILE C 167 4.99 26.28 -53.99
CA ILE C 167 4.37 27.28 -53.12
C ILE C 167 5.48 28.10 -52.49
N VAL C 168 5.31 29.42 -52.44
CA VAL C 168 6.30 30.30 -51.81
C VAL C 168 5.97 30.47 -50.33
N ARG C 169 7.00 30.35 -49.48
CA ARG C 169 6.87 30.35 -48.04
C ARG C 169 6.63 31.76 -47.49
N THR C 170 6.18 31.80 -46.23
CA THR C 170 6.20 33.03 -45.45
C THR C 170 7.60 33.60 -45.34
N ALA C 171 8.60 32.74 -45.12
CA ALA C 171 10.01 33.12 -45.14
C ALA C 171 10.50 33.55 -46.51
N GLY C 172 9.71 33.38 -47.57
CA GLY C 172 10.02 33.89 -48.89
C GLY C 172 9.79 35.38 -49.10
N VAL C 173 9.30 36.09 -48.07
CA VAL C 173 9.08 37.53 -48.18
C VAL C 173 10.36 38.25 -48.57
N GLY C 174 10.31 38.96 -49.69
CA GLY C 174 11.44 39.71 -50.24
C GLY C 174 12.59 38.91 -50.79
N LYS C 175 12.55 37.59 -50.75
CA LYS C 175 13.70 36.80 -51.17
C LYS C 175 13.89 36.87 -52.68
N SER C 176 15.15 36.95 -53.12
CA SER C 176 15.51 37.33 -54.47
C SER C 176 15.31 36.19 -55.47
N ALA C 177 15.23 36.59 -56.75
CA ALA C 177 15.15 35.67 -57.88
C ALA C 177 16.34 34.73 -58.00
N GLU C 178 17.44 34.98 -57.29
CA GLU C 178 18.59 34.07 -57.29
C GLU C 178 18.66 33.20 -56.03
N ALA C 179 18.25 33.72 -54.88
CA ALA C 179 18.15 32.91 -53.67
C ALA C 179 17.11 31.79 -53.83
N LEU C 180 15.96 32.14 -54.40
CA LEU C 180 14.91 31.14 -54.65
C LEU C 180 15.33 30.06 -55.65
N GLN C 181 16.25 30.36 -56.57
CA GLN C 181 16.80 29.31 -57.43
C GLN C 181 17.82 28.44 -56.73
N TRP C 182 18.41 28.94 -55.64
CA TRP C 182 19.25 28.10 -54.79
C TRP C 182 18.40 27.07 -54.07
N ASP C 183 17.36 27.54 -53.36
CA ASP C 183 16.50 26.60 -52.64
C ASP C 183 15.84 25.59 -53.58
N LEU C 184 15.38 26.05 -54.77
CA LEU C 184 14.78 25.15 -55.75
C LEU C 184 15.73 24.02 -56.17
N SER C 185 17.04 24.32 -56.24
CA SER C 185 17.97 23.28 -56.69
C SER C 185 18.06 22.13 -55.69
N PHE C 186 17.98 22.42 -54.39
CA PHE C 186 17.99 21.35 -53.39
C PHE C 186 16.72 20.52 -53.44
N ARG C 187 15.56 21.17 -53.62
CA ARG C 187 14.31 20.40 -53.70
C ARG C 187 14.32 19.42 -54.87
N LEU C 188 14.79 19.88 -56.04
CA LEU C 188 14.80 18.99 -57.21
C LEU C 188 15.97 17.99 -57.22
N LYS C 189 17.04 18.22 -56.45
CA LYS C 189 17.95 17.12 -56.09
C LYS C 189 17.23 16.02 -55.30
N HIS C 190 16.52 16.43 -54.25
CA HIS C 190 15.95 15.48 -53.30
C HIS C 190 14.89 14.57 -53.93
N TRP C 191 14.11 15.07 -54.89
CA TRP C 191 13.18 14.19 -55.60
C TRP C 191 13.87 13.11 -56.44
N GLU C 192 15.04 13.40 -57.01
CA GLU C 192 15.83 12.35 -57.66
C GLU C 192 16.34 11.32 -56.66
N ALA C 193 16.85 11.78 -55.52
CA ALA C 193 17.28 10.81 -54.51
C ALA C 193 16.15 9.88 -54.10
N ILE C 194 14.94 10.42 -53.97
CA ILE C 194 13.76 9.60 -53.66
C ILE C 194 13.54 8.52 -54.72
N LYS C 195 13.50 8.92 -55.99
CA LYS C 195 13.22 7.94 -57.05
C LYS C 195 14.33 6.92 -57.24
N LYS C 196 15.59 7.34 -57.10
CA LYS C 196 16.71 6.40 -57.17
C LYS C 196 16.61 5.33 -56.09
N ALA C 197 16.35 5.75 -54.85
CA ALA C 197 16.13 4.77 -53.78
C ALA C 197 14.94 3.87 -54.10
N ALA C 198 13.82 4.47 -54.52
CA ALA C 198 12.59 3.71 -54.70
C ALA C 198 12.73 2.60 -55.73
N GLU C 199 13.38 2.87 -56.86
CA GLU C 199 13.49 1.84 -57.88
C GLU C 199 14.75 0.99 -57.79
N SER C 200 15.73 1.36 -56.97
CA SER C 200 16.81 0.43 -56.67
C SER C 200 16.46 -0.60 -55.59
N ARG C 201 15.82 -0.17 -54.51
CA ARG C 201 15.70 -0.96 -53.29
C ARG C 201 14.49 -1.88 -53.31
N PRO C 202 14.41 -2.80 -52.30
CA PRO C 202 13.24 -3.70 -52.18
C PRO C 202 11.90 -3.01 -52.00
N ALA C 203 10.87 -3.81 -51.65
CA ALA C 203 9.49 -3.33 -51.57
C ALA C 203 9.21 -2.44 -50.35
N PRO C 204 9.02 -2.96 -49.13
CA PRO C 204 8.81 -2.05 -47.99
C PRO C 204 10.13 -1.54 -47.42
N PHE C 205 10.34 -0.23 -47.49
CA PHE C 205 11.54 0.38 -46.93
C PHE C 205 11.34 1.88 -46.74
N LEU C 206 12.27 2.48 -45.99
CA LEU C 206 12.25 3.89 -45.63
C LEU C 206 13.19 4.72 -46.50
N ILE C 207 12.67 5.81 -47.06
CA ILE C 207 13.43 6.65 -48.00
C ILE C 207 14.10 7.83 -47.30
N HIS C 208 13.37 8.59 -46.47
CA HIS C 208 13.99 9.80 -45.92
C HIS C 208 13.41 10.14 -44.54
N GLN C 209 14.14 11.00 -43.82
CA GLN C 209 14.14 11.04 -42.36
C GLN C 209 13.69 12.39 -41.80
N GLU C 210 12.98 12.32 -40.66
CA GLU C 210 12.69 13.47 -39.80
C GLU C 210 13.85 13.80 -38.85
N SER C 211 14.99 14.14 -39.45
CA SER C 211 16.18 14.56 -38.70
C SER C 211 16.01 15.96 -38.12
N ASN C 212 14.91 16.15 -37.38
CA ASN C 212 14.34 17.47 -37.09
C ASN C 212 15.23 18.37 -36.24
N VAL C 213 15.99 17.79 -35.31
CA VAL C 213 16.34 18.51 -34.08
C VAL C 213 17.07 19.82 -34.34
N ILE C 214 18.13 19.82 -35.16
CA ILE C 214 18.67 21.11 -35.61
C ILE C 214 17.98 21.71 -36.83
N VAL C 215 17.98 20.99 -37.96
CA VAL C 215 17.83 21.69 -39.23
C VAL C 215 16.41 22.17 -39.48
N ARG C 216 15.46 21.24 -39.44
CA ARG C 216 14.04 21.55 -39.61
C ARG C 216 13.43 22.22 -38.38
N ALA C 217 13.99 21.99 -37.21
CA ALA C 217 13.66 22.85 -36.07
C ALA C 217 13.91 24.33 -36.35
N PHE C 218 14.95 24.69 -37.12
CA PHE C 218 15.00 26.03 -37.71
C PHE C 218 14.03 26.22 -38.87
N ARG C 219 14.11 25.33 -39.87
CA ARG C 219 13.58 25.64 -41.19
C ARG C 219 12.06 25.78 -41.18
N ASP C 220 11.36 25.00 -40.36
CA ASP C 220 9.92 25.21 -40.18
C ASP C 220 9.59 26.43 -39.33
N TYR C 221 10.56 27.09 -38.71
CA TYR C 221 10.29 28.04 -37.63
C TYR C 221 11.01 29.37 -37.79
N LEU C 222 12.14 29.38 -38.48
CA LEU C 222 13.09 30.48 -38.42
C LEU C 222 12.77 31.51 -39.50
N ARG C 223 12.47 32.73 -39.06
CA ARG C 223 12.10 33.83 -39.92
C ARG C 223 13.07 34.99 -39.69
N GLN C 224 13.20 35.85 -40.70
CA GLN C 224 14.25 36.87 -40.69
C GLN C 224 14.12 37.85 -39.53
N ASP C 225 12.92 38.01 -38.97
CA ASP C 225 12.69 38.92 -37.85
C ASP C 225 13.23 38.42 -36.51
N ILE C 226 13.58 37.13 -36.41
CA ILE C 226 14.17 36.62 -35.17
C ILE C 226 15.59 37.12 -35.02
N GLY C 227 15.86 37.81 -33.91
CA GLY C 227 17.11 38.51 -33.70
C GLY C 227 18.27 37.64 -33.24
N GLU C 228 17.98 36.63 -32.42
CA GLU C 228 19.04 35.78 -31.89
C GLU C 228 18.54 34.35 -31.75
N ILE C 229 19.46 33.40 -31.86
CA ILE C 229 19.29 32.04 -31.37
C ILE C 229 20.29 31.82 -30.25
N LEU C 230 19.80 31.50 -29.05
CA LEU C 230 20.63 31.23 -27.89
C LEU C 230 20.59 29.75 -27.56
N ILE C 231 21.75 29.14 -27.36
CA ILE C 231 21.91 27.71 -27.13
C ILE C 231 22.82 27.51 -25.93
N ASP C 232 22.44 26.58 -25.05
CA ASP C 232 23.23 26.28 -23.84
C ASP C 232 24.17 25.10 -23.99
N ASN C 233 24.09 24.34 -25.09
CA ASN C 233 24.97 23.20 -25.33
C ASN C 233 25.86 23.45 -26.54
N PRO C 234 27.19 23.50 -26.37
CA PRO C 234 28.06 23.74 -27.53
C PRO C 234 27.99 22.71 -28.64
N LYS C 235 27.67 21.44 -28.34
CA LYS C 235 27.59 20.43 -29.39
C LYS C 235 26.39 20.70 -30.30
N VAL C 236 25.32 21.22 -29.71
CA VAL C 236 24.15 21.60 -30.49
C VAL C 236 24.43 22.89 -31.26
N LEU C 237 25.12 23.83 -30.63
CA LEU C 237 25.48 25.08 -31.30
C LEU C 237 26.34 24.81 -32.54
N GLU C 238 27.31 23.89 -32.43
CA GLU C 238 28.11 23.47 -33.58
C GLU C 238 27.24 22.92 -34.71
N LEU C 239 26.36 21.97 -34.38
CA LEU C 239 25.50 21.39 -35.41
C LEU C 239 24.52 22.40 -36.00
N ALA C 240 24.08 23.38 -35.20
CA ALA C 240 23.26 24.47 -35.71
C ALA C 240 24.01 25.34 -36.71
N ARG C 241 25.23 25.76 -36.37
CA ARG C 241 25.99 26.58 -37.30
C ARG C 241 26.33 25.83 -38.60
N GLN C 242 26.51 24.52 -38.53
CA GLN C 242 26.70 23.75 -39.77
C GLN C 242 25.44 23.73 -40.64
N HIS C 243 24.30 23.45 -40.02
CA HIS C 243 23.07 23.30 -40.82
C HIS C 243 22.59 24.65 -41.35
N ILE C 244 22.68 25.71 -40.56
CA ILE C 244 22.18 26.99 -41.06
C ILE C 244 22.94 27.43 -42.30
N ALA C 245 24.19 26.97 -42.46
CA ALA C 245 24.90 27.20 -43.71
C ALA C 245 24.39 26.31 -44.83
N ALA C 246 24.06 25.06 -44.53
CA ALA C 246 23.50 24.21 -45.60
C ALA C 246 22.10 24.65 -46.00
N LEU C 247 21.31 25.17 -45.07
CA LEU C 247 20.05 25.86 -45.36
C LEU C 247 20.20 27.10 -46.23
N GLY C 248 21.41 27.53 -46.56
CA GLY C 248 21.62 28.69 -47.42
C GLY C 248 21.55 30.03 -46.74
N ARG C 249 21.62 30.08 -45.40
CA ARG C 249 21.62 31.32 -44.63
C ARG C 249 22.89 31.42 -43.78
N PRO C 250 24.08 31.20 -44.36
CA PRO C 250 25.29 31.20 -43.52
C PRO C 250 25.61 32.54 -42.87
N ASP C 251 25.11 33.66 -43.40
CA ASP C 251 25.24 34.93 -42.70
C ASP C 251 24.56 34.86 -41.35
N PHE C 252 23.44 34.13 -41.27
CA PHE C 252 22.67 34.01 -40.05
C PHE C 252 23.40 33.19 -39.01
N SER C 253 24.47 32.47 -39.39
CA SER C 253 25.36 31.86 -38.40
C SER C 253 25.97 32.87 -37.44
N SER C 254 26.00 34.16 -37.80
CA SER C 254 26.41 35.19 -36.86
C SER C 254 25.46 35.34 -35.68
N LYS C 255 24.21 34.92 -35.83
CA LYS C 255 23.19 35.08 -34.80
C LYS C 255 23.13 33.93 -33.79
N ILE C 256 23.73 32.78 -34.09
CA ILE C 256 23.77 31.65 -33.16
C ILE C 256 24.80 31.92 -32.07
N LYS C 257 24.34 31.93 -30.80
CA LYS C 257 25.17 32.29 -29.67
C LYS C 257 24.96 31.31 -28.51
N LEU C 258 26.02 31.08 -27.72
CA LEU C 258 25.84 30.33 -26.48
C LEU C 258 25.33 31.18 -25.32
N TYR C 259 24.54 30.52 -24.47
CA TYR C 259 24.17 31.04 -23.15
C TYR C 259 24.94 30.32 -22.05
N THR C 260 25.43 31.09 -21.08
CA THR C 260 26.43 30.61 -20.14
C THR C 260 26.10 30.89 -18.67
N GLY C 261 24.99 31.54 -18.36
CA GLY C 261 24.72 31.93 -16.99
C GLY C 261 24.41 30.78 -16.06
N GLU C 262 24.58 31.04 -14.76
CA GLU C 262 24.27 30.03 -13.75
C GLU C 262 22.77 29.82 -13.60
N ILE C 263 21.97 30.86 -13.84
CA ILE C 263 20.53 30.66 -14.01
C ILE C 263 20.29 30.03 -15.38
N PRO C 264 19.53 28.94 -15.47
CA PRO C 264 19.33 28.29 -16.77
C PRO C 264 18.57 29.19 -17.73
N LEU C 265 18.81 28.92 -19.03
CA LEU C 265 18.37 29.81 -20.09
C LEU C 265 16.90 30.23 -19.96
N PHE C 266 16.01 29.25 -19.76
CA PHE C 266 14.58 29.54 -19.69
C PHE C 266 14.17 30.31 -18.44
N SER C 267 14.89 30.13 -17.32
CA SER C 267 14.60 30.95 -16.14
C SER C 267 15.21 32.34 -16.21
N HIS C 268 16.29 32.54 -16.98
CA HIS C 268 16.79 33.89 -17.20
C HIS C 268 15.76 34.75 -17.92
N TYR C 269 15.15 34.22 -18.98
CA TYR C 269 14.13 34.95 -19.73
C TYR C 269 12.72 34.77 -19.17
N GLN C 270 12.59 34.14 -18.00
CA GLN C 270 11.34 34.04 -17.26
C GLN C 270 10.21 33.33 -18.00
N ILE C 271 10.50 32.50 -19.01
CA ILE C 271 9.44 31.76 -19.69
C ILE C 271 9.13 30.41 -19.04
N GLU C 272 9.97 29.95 -18.11
CA GLU C 272 9.80 28.62 -17.54
C GLU C 272 8.45 28.42 -16.86
N SER C 273 7.93 29.47 -16.20
CA SER C 273 6.60 29.39 -15.60
C SER C 273 5.46 29.47 -16.62
N GLN C 274 5.71 30.08 -17.78
CA GLN C 274 4.70 30.14 -18.82
C GLN C 274 4.55 28.81 -19.55
N ILE C 275 5.67 28.09 -19.73
CA ILE C 275 5.64 26.83 -20.46
C ILE C 275 4.70 25.83 -19.81
N GLU C 276 4.72 25.74 -18.48
CA GLU C 276 3.89 24.74 -17.81
C GLU C 276 2.40 25.00 -17.97
N SER C 277 2.01 26.23 -18.32
CA SER C 277 0.62 26.48 -18.65
C SER C 277 0.15 25.62 -19.82
N ALA C 278 1.06 25.19 -20.68
CA ALA C 278 0.70 24.32 -21.80
C ALA C 278 0.37 22.90 -21.36
N PHE C 279 0.59 22.57 -20.10
CA PHE C 279 0.31 21.24 -19.56
C PHE C 279 -0.90 21.25 -18.63
N GLN C 280 -1.15 22.39 -17.99
CA GLN C 280 -2.24 22.57 -17.03
C GLN C 280 -3.61 22.47 -17.68
N ARG C 281 -4.60 22.08 -16.87
CA ARG C 281 -6.00 22.16 -17.28
C ARG C 281 -6.49 23.61 -17.37
N GLU C 282 -5.97 24.51 -16.52
CA GLU C 282 -6.49 25.87 -16.40
C GLU C 282 -5.35 26.88 -16.51
N VAL C 283 -5.61 28.00 -17.17
CA VAL C 283 -4.65 29.10 -17.28
C VAL C 283 -5.30 30.42 -16.86
N ARG C 284 -4.61 31.20 -16.04
CA ARG C 284 -5.12 32.47 -15.52
C ARG C 284 -4.86 33.63 -16.50
N LEU C 285 -5.68 34.69 -16.35
CA LEU C 285 -5.72 35.86 -17.22
C LEU C 285 -5.45 37.15 -16.45
N PRO C 286 -4.91 38.18 -17.12
CA PRO C 286 -4.57 39.43 -16.39
C PRO C 286 -5.74 40.06 -15.65
N SER C 287 -6.95 40.02 -16.20
CA SER C 287 -8.12 40.52 -15.47
C SER C 287 -8.54 39.63 -14.31
N GLY C 288 -7.80 38.59 -13.97
CA GLY C 288 -8.17 37.68 -12.91
C GLY C 288 -9.12 36.58 -13.31
N GLY C 289 -9.56 36.54 -14.58
CA GLY C 289 -10.30 35.40 -15.09
C GLY C 289 -9.40 34.22 -15.41
N SER C 290 -10.03 33.15 -15.89
CA SER C 290 -9.29 31.94 -16.26
C SER C 290 -9.97 31.22 -17.40
N ILE C 291 -9.21 30.38 -18.10
CA ILE C 291 -9.73 29.49 -19.13
C ILE C 291 -9.46 28.04 -18.77
N VAL C 292 -10.43 27.17 -19.05
CA VAL C 292 -10.41 25.75 -18.70
C VAL C 292 -10.54 24.93 -19.99
N ILE C 293 -9.57 24.05 -20.24
CA ILE C 293 -9.51 23.26 -21.47
C ILE C 293 -9.73 21.78 -21.15
N ASP C 294 -10.77 21.18 -21.71
CA ASP C 294 -11.02 19.74 -21.58
C ASP C 294 -11.10 19.09 -22.95
N SER C 295 -10.33 18.02 -23.16
CA SER C 295 -10.35 17.27 -24.41
C SER C 295 -11.15 15.97 -24.26
N THR C 296 -12.05 15.72 -25.21
CA THR C 296 -12.97 14.60 -25.21
C THR C 296 -12.60 13.57 -26.29
N GLU C 297 -13.52 12.63 -26.52
CA GLU C 297 -13.36 11.62 -27.57
C GLU C 297 -13.08 12.21 -28.94
N ALA C 298 -13.60 13.40 -29.24
CA ALA C 298 -13.46 13.96 -30.59
C ALA C 298 -13.29 15.47 -30.65
N LEU C 299 -13.42 16.20 -29.55
CA LEU C 299 -13.30 17.65 -29.60
C LEU C 299 -12.67 18.17 -28.32
N THR C 300 -12.12 19.37 -28.39
CA THR C 300 -11.59 20.07 -27.23
C THR C 300 -12.49 21.26 -26.90
N ALA C 301 -13.05 21.26 -25.70
CA ALA C 301 -13.98 22.31 -25.25
C ALA C 301 -13.28 23.24 -24.27
N ILE C 302 -13.36 24.53 -24.52
CA ILE C 302 -12.84 25.55 -23.61
C ILE C 302 -13.99 26.29 -22.92
N ARG C 303 -13.86 26.50 -21.62
CA ARG C 303 -14.76 27.41 -20.89
C ARG C 303 -13.97 28.57 -20.31
N ILE C 304 -14.56 29.77 -20.35
CA ILE C 304 -13.97 30.98 -19.76
C ILE C 304 -14.73 31.35 -18.50
N ASN C 305 -14.01 31.55 -17.39
CA ASN C 305 -14.61 31.96 -16.13
C ASN C 305 -14.15 33.36 -15.72
N SER C 306 -15.11 34.15 -15.23
CA SER C 306 -14.89 35.50 -14.70
C SER C 306 -14.17 35.47 -13.34
N ALA C 307 -13.61 36.63 -12.98
CA ALA C 307 -13.30 36.95 -11.60
C ALA C 307 -14.58 37.24 -10.79
N ARG C 308 -14.41 37.32 -9.47
CA ARG C 308 -15.52 37.66 -8.56
C ARG C 308 -16.19 38.97 -8.99
N GLY C 313 -15.93 46.03 -10.86
CA GLY C 313 -16.08 46.10 -12.30
C GLY C 313 -17.53 46.13 -12.76
N ASP C 314 -17.73 46.34 -14.06
CA ASP C 314 -19.05 46.36 -14.68
C ASP C 314 -19.21 45.06 -15.46
N ILE C 315 -20.23 44.28 -15.11
CA ILE C 315 -20.29 42.89 -15.54
C ILE C 315 -20.33 42.78 -17.06
N GLU C 316 -20.98 43.73 -17.73
CA GLU C 316 -20.99 43.70 -19.19
C GLU C 316 -19.62 44.04 -19.76
N GLU C 317 -18.92 45.00 -19.14
CA GLU C 317 -17.60 45.39 -19.64
C GLU C 317 -16.56 44.34 -19.29
N THR C 318 -16.69 43.74 -18.10
CA THR C 318 -15.76 42.73 -17.63
C THR C 318 -15.84 41.46 -18.47
N ALA C 319 -17.05 41.03 -18.83
CA ALA C 319 -17.18 39.88 -19.72
C ALA C 319 -16.45 40.10 -21.04
N PHE C 320 -16.71 41.23 -21.70
CA PHE C 320 -16.10 41.52 -23.00
C PHE C 320 -14.57 41.58 -22.91
N ASN C 321 -14.03 42.30 -21.92
CA ASN C 321 -12.58 42.37 -21.75
C ASN C 321 -11.97 41.01 -21.43
N THR C 322 -12.60 40.22 -20.56
CA THR C 322 -12.10 38.91 -20.23
C THR C 322 -12.15 37.96 -21.43
N ASN C 323 -13.18 38.07 -22.25
CA ASN C 323 -13.24 37.25 -23.46
C ASN C 323 -12.14 37.60 -24.44
N LEU C 324 -11.82 38.89 -24.57
CA LEU C 324 -10.72 39.27 -25.46
C LEU C 324 -9.37 38.76 -24.96
N GLU C 325 -9.08 38.98 -23.68
CA GLU C 325 -7.84 38.44 -23.13
C GLU C 325 -7.78 36.92 -23.24
N ALA C 326 -8.94 36.28 -23.12
CA ALA C 326 -9.03 34.83 -23.33
C ALA C 326 -8.76 34.45 -24.77
N ALA C 327 -9.26 35.21 -25.74
CA ALA C 327 -8.96 34.87 -27.12
C ALA C 327 -7.47 34.95 -27.42
N ASP C 328 -6.80 35.99 -26.90
CA ASP C 328 -5.34 36.08 -27.04
C ASP C 328 -4.66 34.83 -26.49
N GLU C 329 -5.11 34.38 -25.33
CA GLU C 329 -4.46 33.23 -24.72
C GLU C 329 -4.86 31.92 -25.39
N ILE C 330 -6.09 31.80 -25.87
CA ILE C 330 -6.51 30.57 -26.52
C ILE C 330 -5.77 30.35 -27.84
N ALA C 331 -5.58 31.41 -28.63
CA ALA C 331 -4.73 31.28 -29.82
C ALA C 331 -3.31 30.87 -29.47
N ARG C 332 -2.78 31.45 -28.39
CA ARG C 332 -1.43 31.10 -27.96
C ARG C 332 -1.33 29.66 -27.46
N GLN C 333 -2.34 29.20 -26.70
CA GLN C 333 -2.36 27.82 -26.25
C GLN C 333 -2.54 26.84 -27.41
N LEU C 334 -3.37 27.19 -28.39
CA LEU C 334 -3.51 26.35 -29.56
C LEU C 334 -2.16 26.10 -30.22
N ARG C 335 -1.31 27.11 -30.28
CA ARG C 335 0.05 26.87 -30.77
C ARG C 335 0.86 26.05 -29.78
N LEU C 336 0.96 26.51 -28.53
CA LEU C 336 1.86 25.89 -27.57
C LEU C 336 1.54 24.42 -27.31
N ARG C 337 0.26 24.07 -27.33
CA ARG C 337 -0.15 22.68 -27.14
C ARG C 337 -0.06 21.88 -28.43
N ASP C 338 0.05 22.55 -29.57
CA ASP C 338 -0.13 21.94 -30.89
C ASP C 338 -1.41 21.12 -30.93
N LEU C 339 -2.50 21.76 -30.53
CA LEU C 339 -3.83 21.17 -30.55
C LEU C 339 -4.28 20.91 -31.98
N GLY C 340 -5.21 19.97 -32.13
CA GLY C 340 -5.71 19.64 -33.44
C GLY C 340 -7.07 18.99 -33.37
N GLY C 341 -7.79 19.08 -34.49
CA GLY C 341 -9.20 18.75 -34.54
C GLY C 341 -10.11 19.91 -34.16
N LEU C 342 -11.35 19.53 -33.82
CA LEU C 342 -12.42 20.48 -33.50
C LEU C 342 -12.21 21.11 -32.13
N ILE C 343 -12.57 22.39 -32.01
CA ILE C 343 -12.53 23.12 -30.76
C ILE C 343 -13.85 23.86 -30.58
N VAL C 344 -14.33 23.93 -29.35
CA VAL C 344 -15.58 24.58 -28.97
C VAL C 344 -15.33 25.45 -27.75
N ILE C 345 -15.87 26.66 -27.75
CA ILE C 345 -15.60 27.62 -26.67
C ILE C 345 -16.90 28.21 -26.11
N ARG C 346 -17.10 28.12 -24.80
CA ARG C 346 -17.94 29.06 -24.05
C ARG C 346 -17.15 30.31 -23.69
N PHE C 347 -17.30 31.37 -24.47
CA PHE C 347 -17.07 32.72 -23.98
C PHE C 347 -18.19 33.16 -23.04
N ILE C 348 -17.89 34.13 -22.17
CA ILE C 348 -18.91 34.74 -21.34
C ILE C 348 -19.89 35.49 -22.22
N ASP C 349 -21.18 35.33 -21.95
CA ASP C 349 -22.23 35.88 -22.82
C ASP C 349 -22.20 37.41 -22.86
N MET C 350 -22.17 37.95 -24.07
CA MET C 350 -22.10 39.40 -24.29
C MET C 350 -23.39 39.93 -24.92
N THR C 351 -23.91 41.03 -24.37
CA THR C 351 -25.19 41.57 -24.84
C THR C 351 -25.11 42.12 -26.25
N PRO C 352 -24.25 43.07 -26.57
CA PRO C 352 -24.33 43.61 -27.93
C PRO C 352 -23.50 42.73 -28.83
N VAL C 353 -24.08 42.54 -30.00
CA VAL C 353 -23.57 41.62 -31.00
C VAL C 353 -22.21 42.07 -31.55
N ARG C 354 -22.01 43.38 -31.73
CA ARG C 354 -20.73 43.89 -32.24
C ARG C 354 -19.55 43.54 -31.34
N HIS C 355 -19.78 43.29 -30.06
CA HIS C 355 -18.73 42.75 -29.20
C HIS C 355 -18.50 41.27 -29.52
N GLN C 356 -19.55 40.53 -29.90
CA GLN C 356 -19.39 39.16 -30.34
C GLN C 356 -18.51 39.05 -31.58
N ARG C 357 -18.82 39.81 -32.66
CA ARG C 357 -17.89 39.79 -33.80
C ARG C 357 -16.50 40.32 -33.45
N ALA C 358 -16.39 41.32 -32.56
CA ALA C 358 -15.05 41.78 -32.19
C ALA C 358 -14.21 40.69 -31.52
N VAL C 359 -14.83 39.85 -30.68
CA VAL C 359 -14.08 38.74 -30.11
C VAL C 359 -13.78 37.68 -31.16
N GLU C 360 -14.72 37.40 -32.06
CA GLU C 360 -14.47 36.46 -33.13
C GLU C 360 -13.27 36.86 -33.96
N ASN C 361 -13.19 38.13 -34.34
CA ASN C 361 -12.11 38.59 -35.19
C ASN C 361 -10.83 38.88 -34.43
N ARG C 362 -10.88 39.16 -33.13
CA ARG C 362 -9.68 39.12 -32.31
C ARG C 362 -9.06 37.72 -32.36
N LEU C 363 -9.89 36.70 -32.16
CA LEU C 363 -9.41 35.33 -32.23
C LEU C 363 -8.83 35.02 -33.61
N ARG C 364 -9.52 35.41 -34.68
CA ARG C 364 -8.96 35.23 -36.03
C ARG C 364 -7.59 35.89 -36.16
N GLU C 365 -7.45 37.13 -35.70
CA GLU C 365 -6.18 37.81 -35.88
C GLU C 365 -5.09 37.16 -35.04
N ALA C 366 -5.44 36.64 -33.87
CA ALA C 366 -4.44 35.94 -33.06
C ALA C 366 -4.02 34.61 -33.68
N VAL C 367 -4.92 33.90 -34.35
CA VAL C 367 -4.55 32.63 -34.97
C VAL C 367 -4.02 32.73 -36.40
N ARG C 368 -4.27 33.84 -37.11
CA ARG C 368 -3.73 33.97 -38.45
C ARG C 368 -2.20 33.97 -38.45
N GLN C 369 -1.59 34.25 -37.30
CA GLN C 369 -0.14 34.19 -37.12
C GLN C 369 0.43 32.78 -37.16
N ASP C 370 -0.41 31.74 -37.06
CA ASP C 370 0.03 30.35 -37.22
C ASP C 370 0.04 29.94 -38.69
N ARG C 371 1.08 29.19 -39.09
CA ARG C 371 1.04 28.59 -40.44
C ARG C 371 0.19 27.34 -40.51
N ALA C 372 -0.22 26.76 -39.38
CA ALA C 372 -1.19 25.68 -39.41
C ALA C 372 -2.55 26.21 -39.84
N ARG C 373 -3.24 25.44 -40.68
CA ARG C 373 -4.57 25.83 -41.12
C ARG C 373 -5.53 25.90 -39.94
N ILE C 374 -6.17 27.05 -39.78
CA ILE C 374 -7.13 27.27 -38.70
C ILE C 374 -8.40 27.89 -39.27
N GLN C 375 -9.55 27.40 -38.81
CA GLN C 375 -10.83 27.92 -39.27
C GLN C 375 -11.73 28.27 -38.10
N ILE C 376 -12.47 29.38 -38.21
CA ILE C 376 -13.30 29.89 -37.12
C ILE C 376 -14.72 30.18 -37.64
N SER C 377 -15.73 29.78 -36.87
CA SER C 377 -17.10 30.19 -37.08
C SER C 377 -17.49 31.30 -36.11
N HIS C 378 -18.71 31.81 -36.30
CA HIS C 378 -19.32 32.78 -35.40
C HIS C 378 -19.80 32.14 -34.10
N ILE C 379 -19.93 33.00 -33.08
CA ILE C 379 -20.55 32.61 -31.80
C ILE C 379 -21.97 32.16 -32.06
N SER C 380 -22.28 30.93 -31.66
CA SER C 380 -23.57 30.31 -31.91
C SER C 380 -24.68 30.85 -31.02
N ARG C 381 -25.88 30.36 -31.31
CA ARG C 381 -27.07 30.59 -30.50
C ARG C 381 -26.89 30.33 -29.01
N PHE C 382 -26.16 29.29 -28.65
CA PHE C 382 -25.94 28.91 -27.26
C PHE C 382 -24.68 29.54 -26.66
N GLY C 383 -24.06 30.49 -27.37
CA GLY C 383 -22.84 31.10 -26.89
C GLY C 383 -21.63 30.23 -27.06
N LEU C 384 -21.65 29.32 -28.03
CA LEU C 384 -20.55 28.41 -28.32
C LEU C 384 -19.90 28.84 -29.64
N LEU C 385 -18.59 29.02 -29.61
CA LEU C 385 -17.80 29.29 -30.81
C LEU C 385 -17.09 28.03 -31.27
N GLU C 386 -17.25 27.70 -32.54
CA GLU C 386 -16.62 26.53 -33.14
C GLU C 386 -15.44 26.93 -34.02
N MET C 387 -14.36 26.16 -33.91
CA MET C 387 -13.18 26.37 -34.75
C MET C 387 -12.47 25.04 -34.93
N SER C 388 -11.57 24.96 -35.91
CA SER C 388 -10.75 23.77 -36.09
C SER C 388 -9.29 24.14 -36.31
N ARG C 389 -8.39 23.20 -35.97
CA ARG C 389 -6.95 23.37 -36.24
C ARG C 389 -6.35 22.09 -36.83
N GLN C 390 -5.45 22.28 -37.79
CA GLN C 390 -4.80 21.19 -38.50
C GLN C 390 -3.96 20.28 -37.58
N ARG C 391 -4.05 18.98 -37.85
CA ARG C 391 -3.28 17.92 -37.17
C ARG C 391 -1.85 17.81 -37.71
N LEU C 392 -1.03 18.83 -37.41
CA LEU C 392 0.37 18.77 -37.85
C LEU C 392 1.19 17.76 -37.07
N SER C 393 0.95 17.60 -35.77
CA SER C 393 1.53 16.49 -35.03
C SER C 393 0.71 16.28 -33.76
N PRO C 394 0.87 15.14 -33.10
CA PRO C 394 0.19 14.93 -31.82
C PRO C 394 0.53 16.01 -30.80
N SER C 395 -0.49 16.42 -30.05
CA SER C 395 -0.37 17.44 -29.02
C SER C 395 0.46 16.94 -27.84
N LEU C 396 0.71 17.85 -26.91
CA LEU C 396 1.23 17.46 -25.59
C LEU C 396 0.29 16.53 -24.83
N GLY C 397 -1.01 16.56 -25.13
CA GLY C 397 -1.92 15.60 -24.52
C GLY C 397 -1.78 14.17 -25.03
N GLU C 398 -1.40 14.01 -26.30
CA GLU C 398 -1.20 12.69 -26.88
C GLU C 398 0.22 12.17 -26.69
N SER C 399 1.22 13.05 -26.72
CA SER C 399 2.62 12.63 -26.70
C SER C 399 3.21 12.57 -25.30
N SER C 400 2.66 13.32 -24.34
CA SER C 400 3.31 13.55 -23.05
C SER C 400 2.36 13.29 -21.87
N HIS C 401 1.22 12.65 -22.12
CA HIS C 401 0.31 12.17 -21.09
C HIS C 401 -0.22 10.81 -21.52
N HIS C 402 -0.72 10.05 -20.55
CA HIS C 402 -1.35 8.77 -20.80
C HIS C 402 -2.73 8.75 -20.16
N VAL C 403 -3.60 7.86 -20.68
CA VAL C 403 -4.92 7.70 -20.12
C VAL C 403 -4.82 7.34 -18.64
N CYS C 404 -5.65 7.98 -17.83
CA CYS C 404 -5.66 7.70 -16.40
C CYS C 404 -5.94 6.21 -16.18
N PRO C 405 -5.10 5.48 -15.44
CA PRO C 405 -5.39 4.05 -15.18
C PRO C 405 -6.56 3.82 -14.23
N ARG C 406 -6.88 4.80 -13.39
CA ARG C 406 -7.87 4.60 -12.33
C ARG C 406 -9.29 4.64 -12.87
N CYS C 407 -9.64 5.75 -13.48
CA CYS C 407 -10.98 6.02 -13.95
C CYS C 407 -11.21 5.57 -15.40
N SER C 408 -10.20 4.99 -16.04
CA SER C 408 -10.21 4.66 -17.47
C SER C 408 -10.39 5.89 -18.35
N GLY C 409 -10.04 7.06 -17.83
CA GLY C 409 -10.17 8.30 -18.55
C GLY C 409 -11.53 8.96 -18.49
N THR C 410 -12.45 8.45 -17.66
CA THR C 410 -13.77 9.08 -17.54
C THR C 410 -13.69 10.38 -16.77
N GLY C 411 -12.73 10.51 -15.86
CA GLY C 411 -12.66 11.67 -15.00
C GLY C 411 -13.61 11.62 -13.81
N THR C 412 -14.24 10.47 -13.53
CA THR C 412 -15.07 10.33 -12.35
C THR C 412 -14.98 8.93 -11.77
N VAL C 413 -15.16 8.84 -10.45
CA VAL C 413 -15.26 7.59 -9.72
C VAL C 413 -16.69 7.38 -9.24
N ARG C 414 -17.24 6.21 -9.54
CA ARG C 414 -18.58 5.83 -9.07
C ARG C 414 -18.64 5.69 -7.56
N ASP C 415 -19.73 6.15 -6.97
CA ASP C 415 -19.88 6.14 -5.52
C ASP C 415 -19.93 4.71 -5.00
N ASN C 416 -19.24 4.47 -3.89
CA ASN C 416 -18.99 3.11 -3.42
C ASN C 416 -20.27 2.32 -3.20
N GLU C 417 -21.30 2.93 -2.59
CA GLU C 417 -22.55 2.20 -2.39
C GLU C 417 -23.31 1.96 -3.70
N SER C 418 -23.25 2.88 -4.66
CA SER C 418 -24.02 2.70 -5.90
C SER C 418 -23.41 1.59 -6.75
N LEU C 419 -22.09 1.54 -6.77
CA LEU C 419 -21.38 0.44 -7.40
C LEU C 419 -21.60 -0.85 -6.65
N SER C 420 -21.55 -0.81 -5.32
CA SER C 420 -21.76 -2.01 -4.54
C SER C 420 -23.14 -2.61 -4.83
N LEU C 421 -24.17 -1.78 -4.85
CA LEU C 421 -25.52 -2.28 -5.09
C LEU C 421 -25.70 -2.79 -6.52
N SER C 422 -24.95 -2.23 -7.47
CA SER C 422 -25.01 -2.79 -8.82
C SER C 422 -24.34 -4.15 -8.88
N ILE C 423 -23.18 -4.27 -8.23
CA ILE C 423 -22.52 -5.56 -8.15
C ILE C 423 -23.40 -6.59 -7.44
N LEU C 424 -24.08 -6.16 -6.38
CA LEU C 424 -24.98 -7.05 -5.64
C LEU C 424 -26.03 -7.66 -6.55
N ARG C 425 -26.65 -6.85 -7.41
CA ARG C 425 -27.65 -7.41 -8.31
C ARG C 425 -27.06 -8.09 -9.54
N LEU C 426 -25.82 -7.80 -9.91
CA LEU C 426 -25.12 -8.64 -10.89
C LEU C 426 -24.83 -10.03 -10.34
N ILE C 427 -24.39 -10.11 -9.07
CA ILE C 427 -24.22 -11.41 -8.42
C ILE C 427 -25.53 -12.18 -8.40
N GLU C 428 -26.62 -11.52 -8.04
CA GLU C 428 -27.92 -12.19 -8.03
C GLU C 428 -28.30 -12.69 -9.42
N GLU C 429 -28.07 -11.88 -10.45
CA GLU C 429 -28.45 -12.26 -11.81
C GLU C 429 -27.57 -13.37 -12.39
N GLU C 430 -26.31 -13.46 -11.96
CA GLU C 430 -25.49 -14.62 -12.29
C GLU C 430 -25.96 -15.88 -11.56
N ALA C 431 -26.22 -15.76 -10.25
CA ALA C 431 -26.64 -16.92 -9.46
C ALA C 431 -27.96 -17.52 -9.93
N LEU C 432 -28.80 -16.71 -10.59
CA LEU C 432 -30.03 -17.21 -11.18
C LEU C 432 -29.79 -18.21 -12.30
N LYS C 433 -28.64 -18.18 -12.95
CA LYS C 433 -28.40 -19.03 -14.11
C LYS C 433 -28.41 -20.51 -13.76
N GLU C 434 -28.89 -21.31 -14.71
CA GLU C 434 -28.74 -22.75 -14.74
C GLU C 434 -27.27 -23.14 -14.92
N ASN C 435 -27.01 -24.44 -14.73
CA ASN C 435 -25.67 -25.03 -14.86
C ASN C 435 -24.65 -24.36 -13.95
N THR C 436 -25.12 -23.66 -12.91
CA THR C 436 -24.29 -22.78 -12.10
C THR C 436 -24.19 -23.35 -10.68
N GLN C 437 -22.96 -23.46 -10.18
CA GLN C 437 -22.65 -24.00 -8.86
C GLN C 437 -22.20 -22.96 -7.85
N GLU C 438 -21.42 -21.95 -8.27
CA GLU C 438 -21.02 -20.86 -7.39
C GLU C 438 -20.92 -19.57 -8.20
N VAL C 439 -21.00 -18.44 -7.50
CA VAL C 439 -20.63 -17.13 -8.04
C VAL C 439 -19.52 -16.51 -7.18
N HIS C 440 -18.45 -16.04 -7.84
CA HIS C 440 -17.35 -15.35 -7.19
C HIS C 440 -17.28 -13.90 -7.67
N ALA C 441 -17.28 -12.96 -6.72
CA ALA C 441 -17.03 -11.55 -6.99
C ALA C 441 -15.74 -11.14 -6.30
N ILE C 442 -14.81 -10.57 -7.06
CA ILE C 442 -13.56 -10.04 -6.53
C ILE C 442 -13.59 -8.52 -6.63
N VAL C 443 -13.42 -7.83 -5.51
CA VAL C 443 -13.82 -6.43 -5.42
C VAL C 443 -12.87 -5.65 -4.52
N PRO C 444 -12.86 -4.32 -4.60
CA PRO C 444 -12.06 -3.51 -3.67
C PRO C 444 -12.53 -3.65 -2.23
N VAL C 445 -11.58 -3.41 -1.32
CA VAL C 445 -11.84 -3.56 0.12
C VAL C 445 -13.12 -2.89 0.59
N PRO C 446 -13.35 -1.60 0.32
CA PRO C 446 -14.59 -0.98 0.83
C PRO C 446 -15.86 -1.53 0.21
N ILE C 447 -15.79 -2.04 -1.02
CA ILE C 447 -16.97 -2.64 -1.64
C ILE C 447 -17.32 -3.96 -0.96
N ALA C 448 -16.31 -4.80 -0.70
CA ALA C 448 -16.56 -6.03 0.07
C ALA C 448 -17.06 -5.70 1.47
N SER C 449 -16.47 -4.69 2.12
CA SER C 449 -16.91 -4.30 3.44
C SER C 449 -18.37 -3.91 3.47
N TYR C 450 -18.82 -3.18 2.45
CA TYR C 450 -20.21 -2.76 2.36
C TYR C 450 -21.14 -3.92 2.00
N LEU C 451 -20.71 -4.79 1.08
CA LEU C 451 -21.52 -5.94 0.67
C LEU C 451 -21.73 -6.94 1.82
N LEU C 452 -20.68 -7.24 2.58
CA LEU C 452 -20.70 -8.30 3.57
C LEU C 452 -21.03 -7.84 4.98
N ASN C 453 -21.33 -6.56 5.18
CA ASN C 453 -21.83 -6.07 6.45
C ASN C 453 -23.16 -5.33 6.29
N GLU C 454 -23.16 -4.17 5.65
CA GLU C 454 -24.41 -3.44 5.42
C GLU C 454 -25.41 -4.27 4.63
N LYS C 455 -24.96 -4.92 3.54
CA LYS C 455 -25.84 -5.71 2.68
C LYS C 455 -25.74 -7.20 2.93
N ARG C 456 -25.19 -7.62 4.07
CA ARG C 456 -25.14 -9.04 4.37
C ARG C 456 -26.52 -9.69 4.32
N SER C 457 -27.54 -9.00 4.82
CA SER C 457 -28.90 -9.53 4.77
C SER C 457 -29.33 -9.84 3.34
N ALA C 458 -28.90 -9.06 2.37
CA ALA C 458 -29.23 -9.36 0.97
C ALA C 458 -28.37 -10.46 0.39
N VAL C 459 -27.09 -10.55 0.79
CA VAL C 459 -26.26 -11.67 0.36
C VAL C 459 -26.86 -12.99 0.84
N ASN C 460 -27.28 -13.04 2.11
CA ASN C 460 -28.02 -14.19 2.61
C ASN C 460 -29.33 -14.39 1.86
N ALA C 461 -30.01 -13.30 1.49
CA ALA C 461 -31.24 -13.42 0.71
C ALA C 461 -30.99 -14.09 -0.64
N ILE C 462 -29.89 -13.73 -1.31
CA ILE C 462 -29.52 -14.39 -2.55
C ILE C 462 -29.18 -15.85 -2.31
N GLU C 463 -28.36 -16.13 -1.31
CA GLU C 463 -27.98 -17.52 -1.03
C GLU C 463 -29.17 -18.39 -0.68
N THR C 464 -30.22 -17.81 -0.11
CA THR C 464 -31.43 -18.57 0.21
C THR C 464 -32.44 -18.66 -0.92
N ARG C 465 -32.65 -17.59 -1.70
CA ARG C 465 -33.58 -17.66 -2.83
C ARG C 465 -33.02 -18.50 -3.96
N GLN C 466 -31.83 -18.18 -4.45
CA GLN C 466 -31.16 -18.95 -5.49
C GLN C 466 -30.44 -20.15 -4.87
N ASP C 467 -31.24 -20.98 -4.20
CA ASP C 467 -30.73 -22.03 -3.34
C ASP C 467 -29.86 -23.02 -4.09
N GLY C 468 -28.81 -23.50 -3.40
CA GLY C 468 -27.82 -24.39 -3.96
C GLY C 468 -26.58 -23.73 -4.52
N VAL C 469 -26.59 -22.41 -4.74
CA VAL C 469 -25.44 -21.68 -5.27
C VAL C 469 -24.79 -20.88 -4.14
N ARG C 470 -23.48 -21.08 -3.97
CA ARG C 470 -22.67 -20.28 -3.05
C ARG C 470 -22.35 -18.91 -3.62
N CYS C 471 -22.36 -17.88 -2.77
CA CYS C 471 -21.83 -16.56 -3.08
C CYS C 471 -20.53 -16.30 -2.31
N VAL C 472 -19.44 -16.03 -3.03
CA VAL C 472 -18.17 -15.63 -2.44
C VAL C 472 -17.84 -14.20 -2.87
N ILE C 473 -17.55 -13.33 -1.90
CA ILE C 473 -17.13 -11.94 -2.15
C ILE C 473 -15.75 -11.75 -1.51
N VAL C 474 -14.77 -11.38 -2.33
CA VAL C 474 -13.36 -11.31 -1.92
C VAL C 474 -12.88 -9.87 -1.92
N PRO C 475 -12.42 -9.34 -0.77
CA PRO C 475 -11.68 -8.06 -0.77
C PRO C 475 -10.29 -8.25 -1.35
N ASN C 476 -9.96 -7.46 -2.37
CA ASN C 476 -8.68 -7.59 -3.07
C ASN C 476 -7.78 -6.41 -2.75
N ASP C 477 -6.52 -6.72 -2.43
CA ASP C 477 -5.49 -5.69 -2.31
C ASP C 477 -5.28 -4.94 -3.62
N GLN C 478 -5.39 -5.65 -4.75
CA GLN C 478 -5.01 -5.14 -6.06
C GLN C 478 -6.17 -4.60 -6.87
N MET C 479 -7.29 -4.25 -6.25
CA MET C 479 -8.36 -3.52 -6.94
C MET C 479 -8.71 -2.21 -6.24
N GLU C 480 -8.83 -1.17 -7.05
CA GLU C 480 -9.25 0.17 -6.67
C GLU C 480 -10.78 0.26 -6.79
N THR C 481 -11.33 1.40 -6.36
CA THR C 481 -12.78 1.53 -6.32
C THR C 481 -13.48 1.27 -7.65
N PRO C 482 -13.01 1.78 -8.79
CA PRO C 482 -13.76 1.53 -10.05
C PRO C 482 -13.87 0.07 -10.49
N HIS C 483 -12.78 -0.71 -10.41
CA HIS C 483 -12.75 -2.07 -10.93
C HIS C 483 -13.46 -3.12 -10.08
N TYR C 484 -14.00 -4.13 -10.76
CA TYR C 484 -14.59 -5.32 -10.15
C TYR C 484 -14.64 -6.44 -11.19
N HIS C 485 -14.71 -7.69 -10.72
CA HIS C 485 -15.05 -8.85 -11.53
C HIS C 485 -16.13 -9.69 -10.85
N VAL C 486 -17.12 -10.13 -11.61
CA VAL C 486 -18.05 -11.18 -11.20
C VAL C 486 -17.93 -12.37 -12.14
N LEU C 487 -17.69 -13.56 -11.58
CA LEU C 487 -17.44 -14.76 -12.36
C LEU C 487 -18.40 -15.88 -11.97
N ARG C 488 -18.66 -16.77 -12.93
CA ARG C 488 -19.60 -17.87 -12.79
C ARG C 488 -18.84 -19.19 -12.76
N VAL C 489 -19.21 -20.06 -11.84
CA VAL C 489 -18.65 -21.41 -11.71
C VAL C 489 -19.68 -22.42 -12.17
N ARG C 490 -19.32 -23.23 -13.16
CA ARG C 490 -20.19 -24.24 -13.75
C ARG C 490 -20.15 -25.54 -12.94
N LYS C 491 -21.03 -26.47 -13.31
CA LYS C 491 -21.07 -27.81 -12.71
C LYS C 491 -19.69 -28.44 -12.62
N GLY C 492 -19.27 -28.79 -11.40
CA GLY C 492 -18.02 -29.50 -11.19
C GLY C 492 -16.76 -28.65 -11.24
N GLU C 493 -16.88 -27.36 -11.50
CA GLU C 493 -15.74 -26.45 -11.51
C GLU C 493 -15.39 -25.93 -10.12
N GLU C 494 -16.13 -26.34 -9.10
CA GLU C 494 -15.87 -25.96 -7.71
C GLU C 494 -14.44 -26.25 -7.28
N THR C 495 -13.96 -25.54 -6.25
CA THR C 495 -12.61 -25.68 -5.76
C THR C 495 -12.58 -25.56 -4.24
N PRO C 496 -11.68 -26.26 -3.56
CA PRO C 496 -11.41 -26.00 -2.15
C PRO C 496 -10.57 -24.76 -1.89
N THR C 497 -10.15 -24.04 -2.92
CA THR C 497 -9.31 -22.87 -2.78
C THR C 497 -9.95 -21.80 -1.90
N LEU C 498 -9.20 -21.34 -0.89
CA LEU C 498 -9.71 -20.36 0.07
C LEU C 498 -10.11 -19.06 -0.63
N SER C 499 -11.07 -18.36 -0.03
CA SER C 499 -11.51 -17.08 -0.56
C SER C 499 -10.35 -16.09 -0.75
N TYR C 500 -9.46 -15.98 0.23
CA TYR C 500 -8.33 -15.07 0.11
C TYR C 500 -7.29 -15.54 -0.90
N MET C 501 -7.44 -16.77 -1.41
CA MET C 501 -6.55 -17.28 -2.43
C MET C 501 -7.11 -17.11 -3.83
N LEU C 502 -8.43 -16.87 -3.97
CA LEU C 502 -9.00 -16.79 -5.31
C LEU C 502 -8.40 -15.72 -6.19
N PRO C 503 -8.02 -14.53 -5.70
CA PRO C 503 -7.33 -13.58 -6.60
C PRO C 503 -5.99 -14.09 -7.11
N LYS C 504 -5.23 -14.78 -6.26
CA LYS C 504 -3.96 -15.36 -6.68
C LYS C 504 -4.16 -16.41 -7.76
N LEU C 505 -5.23 -17.19 -7.64
CA LEU C 505 -5.58 -18.14 -8.69
C LEU C 505 -5.88 -17.42 -10.01
N HIS C 506 -6.73 -16.40 -9.96
CA HIS C 506 -7.15 -15.77 -11.20
C HIS C 506 -6.13 -14.83 -11.79
N GLU C 507 -5.22 -14.29 -10.99
CA GLU C 507 -4.09 -13.56 -11.57
C GLU C 507 -3.19 -14.48 -12.39
N GLU C 508 -3.02 -15.74 -11.98
CA GLU C 508 -2.22 -16.65 -12.82
C GLU C 508 -3.00 -17.28 -13.97
N ALA C 509 -4.27 -17.64 -13.75
CA ALA C 509 -5.03 -18.30 -14.80
C ALA C 509 -5.45 -17.31 -15.88
N MET C 510 -5.98 -16.15 -15.49
CA MET C 510 -6.52 -15.16 -16.42
C MET C 510 -6.23 -13.75 -15.93
N MET D 1 -47.56 -2.28 -24.27
CA MET D 1 -48.11 -1.60 -23.07
C MET D 1 -47.05 -0.76 -22.35
N LYS D 2 -47.44 0.44 -21.89
CA LYS D 2 -46.62 1.21 -20.98
C LYS D 2 -46.89 0.80 -19.54
N ARG D 3 -45.81 0.65 -18.76
CA ARG D 3 -45.86 0.24 -17.37
C ARG D 3 -44.98 1.14 -16.51
N MET D 4 -45.34 1.27 -15.23
CA MET D 4 -44.43 1.78 -14.21
C MET D 4 -44.01 0.64 -13.30
N LEU D 5 -42.69 0.44 -13.17
CA LEU D 5 -42.11 -0.59 -12.31
C LEU D 5 -41.33 0.12 -11.19
N ILE D 6 -41.66 -0.22 -9.94
CA ILE D 6 -40.91 0.27 -8.78
C ILE D 6 -40.24 -0.91 -8.09
N ASN D 7 -38.91 -0.82 -7.93
CA ASN D 7 -38.15 -1.75 -7.08
C ASN D 7 -37.66 -1.02 -5.83
N ALA D 8 -38.05 -1.53 -4.67
CA ALA D 8 -37.82 -0.88 -3.39
C ALA D 8 -37.42 -1.91 -2.33
N THR D 9 -37.07 -3.13 -2.74
CA THR D 9 -36.72 -4.20 -1.80
C THR D 9 -35.43 -3.93 -1.04
N GLN D 10 -34.53 -3.12 -1.58
CA GLN D 10 -33.34 -2.71 -0.86
C GLN D 10 -33.38 -1.20 -0.66
N GLN D 11 -33.41 -0.77 0.60
CA GLN D 11 -33.73 0.62 0.93
C GLN D 11 -32.64 1.61 0.53
N GLU D 12 -31.39 1.16 0.35
CA GLU D 12 -30.31 2.09 0.09
C GLU D 12 -30.36 2.72 -1.30
N GLU D 13 -31.21 2.23 -2.21
CA GLU D 13 -31.65 3.07 -3.31
C GLU D 13 -33.02 2.61 -3.81
N LEU D 14 -33.94 3.57 -3.91
CA LEU D 14 -35.26 3.36 -4.49
C LEU D 14 -35.24 3.61 -6.00
N ARG D 15 -35.71 2.63 -6.79
CA ARG D 15 -35.66 2.70 -8.25
C ARG D 15 -37.06 2.75 -8.84
N VAL D 16 -37.35 3.84 -9.58
CA VAL D 16 -38.62 4.04 -10.28
C VAL D 16 -38.35 4.05 -11.77
N ALA D 17 -39.01 3.18 -12.52
CA ALA D 17 -38.79 3.05 -13.95
C ALA D 17 -40.12 3.07 -14.70
N LEU D 18 -40.14 3.73 -15.86
CA LEU D 18 -41.22 3.60 -16.83
C LEU D 18 -40.69 2.77 -17.99
N VAL D 19 -41.49 1.79 -18.43
CA VAL D 19 -41.10 0.84 -19.48
C VAL D 19 -42.19 0.78 -20.55
N ASP D 20 -41.77 0.73 -21.82
CA ASP D 20 -42.68 0.53 -22.94
C ASP D 20 -42.52 -0.92 -23.39
N GLY D 21 -43.38 -1.79 -22.87
CA GLY D 21 -43.23 -3.23 -23.00
C GLY D 21 -42.05 -3.79 -22.25
N GLN D 22 -40.98 -4.16 -22.95
CA GLN D 22 -39.70 -4.50 -22.31
C GLN D 22 -38.61 -3.47 -22.60
N ARG D 23 -38.95 -2.33 -23.17
CA ARG D 23 -37.99 -1.29 -23.52
C ARG D 23 -38.08 -0.17 -22.48
N LEU D 24 -36.98 0.05 -21.77
CA LEU D 24 -36.94 1.08 -20.74
C LEU D 24 -37.18 2.47 -21.33
N TYR D 25 -38.13 3.19 -20.75
CA TYR D 25 -38.63 4.46 -21.26
C TYR D 25 -38.04 5.65 -20.51
N ASP D 26 -38.13 5.64 -19.18
CA ASP D 26 -37.52 6.69 -18.35
C ASP D 26 -37.22 6.14 -16.97
N LEU D 27 -36.28 6.78 -16.26
CA LEU D 27 -35.81 6.23 -14.99
C LEU D 27 -35.47 7.34 -13.99
N ASP D 28 -35.73 7.09 -12.70
CA ASP D 28 -34.99 7.70 -11.60
C ASP D 28 -34.56 6.65 -10.57
N ILE D 29 -33.34 6.81 -10.06
CA ILE D 29 -32.85 6.10 -8.89
C ILE D 29 -32.45 7.17 -7.89
N GLU D 30 -33.08 7.19 -6.71
CA GLU D 30 -32.56 8.02 -5.61
C GLU D 30 -32.32 7.23 -4.34
N SER D 31 -31.18 7.53 -3.70
CA SER D 31 -30.79 6.99 -2.41
C SER D 31 -31.54 7.67 -1.25
N PRO D 32 -31.67 6.98 -0.12
CA PRO D 32 -32.52 7.47 0.98
C PRO D 32 -31.97 8.73 1.65
N GLY D 33 -32.79 9.25 2.56
CA GLY D 33 -32.67 10.59 3.11
C GLY D 33 -33.19 11.64 2.15
N HIS D 34 -34.37 12.17 2.45
CA HIS D 34 -34.99 13.20 1.62
C HIS D 34 -34.34 14.56 1.79
N GLU D 35 -33.05 14.65 1.48
CA GLU D 35 -32.28 15.88 1.66
C GLU D 35 -32.86 16.98 0.76
N GLN D 36 -33.29 18.08 1.38
CA GLN D 36 -34.34 18.97 0.83
C GLN D 36 -33.78 20.24 0.17
N LYS D 37 -33.34 20.16 -1.09
CA LYS D 37 -33.41 21.34 -1.96
C LYS D 37 -34.46 21.33 -3.07
N LYS D 38 -35.23 20.25 -3.29
CA LYS D 38 -36.21 20.28 -4.38
C LYS D 38 -37.25 21.38 -4.16
N ALA D 39 -37.28 22.34 -5.09
CA ALA D 39 -38.42 23.23 -5.29
C ALA D 39 -38.87 23.94 -4.01
N ASN D 40 -38.00 24.01 -3.00
CA ASN D 40 -38.42 24.40 -1.65
C ASN D 40 -39.03 25.80 -1.63
N ILE D 41 -40.12 25.95 -0.88
CA ILE D 41 -40.70 27.27 -0.61
C ILE D 41 -40.34 27.68 0.81
N TYR D 42 -39.83 28.91 0.97
CA TYR D 42 -39.33 29.44 2.24
C TYR D 42 -39.81 30.86 2.51
N LYS D 43 -39.79 31.24 3.78
CA LYS D 43 -39.86 32.64 4.16
C LYS D 43 -38.40 32.99 4.48
N GLY D 44 -37.87 34.07 3.91
CA GLY D 44 -36.47 34.40 4.09
C GLY D 44 -36.22 35.88 4.37
N LYS D 45 -35.03 36.15 4.91
CA LYS D 45 -34.59 37.49 5.29
C LYS D 45 -33.48 38.03 4.39
N ILE D 46 -33.70 39.22 3.81
CA ILE D 46 -32.71 39.90 2.97
C ILE D 46 -31.53 40.34 3.83
N THR D 47 -30.33 39.80 3.54
CA THR D 47 -29.19 39.90 4.43
C THR D 47 -27.98 40.63 3.83
N ARG D 48 -27.80 40.58 2.50
CA ARG D 48 -26.85 41.47 1.84
C ARG D 48 -27.41 41.91 0.50
N ILE D 49 -26.95 43.06 0.01
CA ILE D 49 -27.44 43.64 -1.25
C ILE D 49 -26.23 44.07 -2.07
N GLU D 50 -26.28 43.77 -3.37
CA GLU D 50 -25.18 44.09 -4.28
C GLU D 50 -25.73 44.61 -5.61
N PRO D 51 -25.87 45.94 -5.74
CA PRO D 51 -26.30 46.49 -7.05
C PRO D 51 -25.26 46.32 -8.15
N SER D 52 -23.99 46.06 -7.81
CA SER D 52 -23.01 45.69 -8.83
C SER D 52 -23.33 44.33 -9.44
N LEU D 53 -23.75 43.39 -8.60
CA LEU D 53 -24.17 42.07 -9.07
C LEU D 53 -25.61 42.08 -9.57
N GLU D 54 -26.37 43.12 -9.22
CA GLU D 54 -27.82 43.13 -9.41
C GLU D 54 -28.49 41.99 -8.64
N ALA D 55 -28.02 41.74 -7.41
CA ALA D 55 -28.51 40.59 -6.66
C ALA D 55 -28.65 40.91 -5.19
N ALA D 56 -29.44 40.10 -4.50
CA ALA D 56 -29.56 40.12 -3.04
C ALA D 56 -29.25 38.74 -2.49
N PHE D 57 -28.71 38.72 -1.27
CA PHE D 57 -28.33 37.49 -0.60
C PHE D 57 -29.21 37.31 0.63
N VAL D 58 -29.86 36.15 0.72
CA VAL D 58 -30.98 35.89 1.60
C VAL D 58 -30.64 34.81 2.62
N ASP D 59 -30.87 35.10 3.90
CA ASP D 59 -30.65 34.10 4.95
C ASP D 59 -32.01 33.42 5.11
N TYR D 60 -32.19 32.28 4.42
CA TYR D 60 -33.47 31.57 4.41
C TYR D 60 -33.52 30.40 5.37
N GLY D 61 -32.50 30.24 6.22
CA GLY D 61 -32.43 29.13 7.16
C GLY D 61 -31.18 28.30 6.99
N ALA D 62 -30.58 28.31 5.81
CA ALA D 62 -29.36 27.59 5.51
C ALA D 62 -28.15 28.28 6.13
N GLU D 63 -27.07 27.51 6.27
CA GLU D 63 -25.84 28.06 6.83
C GLU D 63 -25.09 28.98 5.87
N ARG D 64 -25.32 28.83 4.56
CA ARG D 64 -24.81 29.78 3.57
C ARG D 64 -25.97 30.44 2.82
N HIS D 65 -25.87 31.76 2.65
CA HIS D 65 -26.93 32.55 2.03
C HIS D 65 -27.33 32.02 0.65
N GLY D 66 -28.61 32.19 0.34
CA GLY D 66 -29.14 31.93 -0.99
C GLY D 66 -29.12 33.18 -1.86
N PHE D 67 -29.15 32.98 -3.18
CA PHE D 67 -28.94 34.04 -4.16
C PHE D 67 -30.27 34.38 -4.82
N LEU D 68 -30.67 35.66 -4.74
CA LEU D 68 -31.93 36.19 -5.28
C LEU D 68 -31.65 37.33 -6.24
N PRO D 69 -31.55 37.06 -7.54
CA PRO D 69 -31.29 38.15 -8.50
C PRO D 69 -32.51 39.03 -8.74
N LEU D 70 -32.20 40.27 -9.16
CA LEU D 70 -33.22 41.27 -9.50
C LEU D 70 -34.18 40.76 -10.57
N LYS D 71 -33.75 39.78 -11.37
CA LYS D 71 -34.62 39.13 -12.33
C LYS D 71 -35.88 38.53 -11.70
N GLU D 72 -35.82 38.14 -10.42
CA GLU D 72 -36.78 37.21 -9.84
C GLU D 72 -37.64 37.83 -8.75
N ILE D 73 -37.75 39.15 -8.68
CA ILE D 73 -38.47 39.83 -7.61
C ILE D 73 -39.79 40.37 -8.17
N ALA D 74 -40.90 39.95 -7.57
CA ALA D 74 -42.24 40.45 -7.91
C ALA D 74 -42.48 41.83 -7.30
N ARG D 75 -43.34 42.60 -7.97
CA ARG D 75 -43.60 43.99 -7.58
C ARG D 75 -44.17 44.14 -6.17
N GLU D 76 -44.75 43.09 -5.59
CA GLU D 76 -45.25 43.17 -4.22
C GLU D 76 -44.17 43.48 -3.20
N TYR D 77 -42.91 43.21 -3.50
CA TYR D 77 -41.81 43.47 -2.57
C TYR D 77 -41.19 44.86 -2.72
N PHE D 78 -41.53 45.60 -3.77
CA PHE D 78 -40.93 46.90 -4.01
C PHE D 78 -41.38 47.92 -2.96
N PRO D 79 -40.57 48.98 -2.73
CA PRO D 79 -40.95 50.02 -1.76
C PRO D 79 -42.30 50.66 -2.08
N ARG D 87 -36.54 49.25 -13.44
CA ARG D 87 -36.19 48.12 -12.59
C ARG D 87 -34.67 48.02 -12.38
N PRO D 88 -34.04 49.12 -11.94
CA PRO D 88 -32.59 49.27 -12.15
C PRO D 88 -31.70 48.67 -11.07
N ASN D 89 -32.03 48.87 -9.79
CA ASN D 89 -31.12 48.55 -8.70
C ASN D 89 -31.86 47.81 -7.59
N ILE D 90 -31.17 46.84 -6.98
CA ILE D 90 -31.71 46.17 -5.79
C ILE D 90 -31.98 47.15 -4.66
N LYS D 91 -31.09 48.13 -4.46
CA LYS D 91 -31.33 49.13 -3.42
C LYS D 91 -32.60 49.95 -3.66
N ASP D 92 -33.11 49.98 -4.89
CA ASP D 92 -34.40 50.60 -5.16
C ASP D 92 -35.56 49.62 -4.99
N VAL D 93 -35.29 48.36 -4.67
CA VAL D 93 -36.29 47.30 -4.71
C VAL D 93 -36.36 46.53 -3.40
N LEU D 94 -35.24 46.47 -2.67
CA LEU D 94 -35.16 45.74 -1.40
C LEU D 94 -34.35 46.55 -0.40
N ARG D 95 -34.48 46.20 0.89
CA ARG D 95 -33.60 46.75 1.92
C ARG D 95 -33.25 45.68 2.94
N GLU D 96 -32.18 45.97 3.69
CA GLU D 96 -31.68 45.08 4.74
C GLU D 96 -32.75 44.77 5.78
N GLY D 97 -32.84 43.48 6.14
CA GLY D 97 -33.80 42.97 7.11
C GLY D 97 -35.21 42.78 6.60
N GLN D 98 -35.46 43.08 5.32
CA GLN D 98 -36.75 42.77 4.70
C GLN D 98 -36.99 41.27 4.62
N GLU D 99 -38.26 40.88 4.77
CA GLU D 99 -38.69 39.48 4.67
C GLU D 99 -39.42 39.25 3.36
N VAL D 100 -39.04 38.16 2.66
CA VAL D 100 -39.55 37.80 1.34
C VAL D 100 -39.95 36.32 1.32
N ILE D 101 -41.00 36.00 0.58
CA ILE D 101 -41.32 34.61 0.25
C ILE D 101 -40.59 34.19 -1.02
N VAL D 102 -39.96 33.01 -1.00
CA VAL D 102 -39.09 32.57 -2.09
C VAL D 102 -39.23 31.07 -2.31
N GLN D 103 -38.86 30.63 -3.51
CA GLN D 103 -38.78 29.23 -3.91
C GLN D 103 -37.38 28.95 -4.48
N ILE D 104 -36.81 27.80 -4.12
CA ILE D 104 -35.52 27.36 -4.68
C ILE D 104 -35.69 26.97 -6.14
N ASP D 105 -34.91 27.61 -7.02
CA ASP D 105 -34.84 27.26 -8.43
C ASP D 105 -33.64 26.37 -8.78
N LYS D 106 -32.46 26.63 -8.21
CA LYS D 106 -31.22 25.97 -8.61
C LYS D 106 -30.59 25.25 -7.42
N GLU D 107 -30.17 24.01 -7.64
CA GLU D 107 -29.73 23.12 -6.57
C GLU D 107 -28.20 22.98 -6.54
N GLU D 108 -27.58 23.56 -5.51
CA GLU D 108 -26.27 23.12 -5.01
C GLU D 108 -25.12 23.26 -6.01
N ARG D 109 -24.99 24.44 -6.61
CA ARG D 109 -23.71 24.78 -7.24
C ARG D 109 -22.58 24.72 -6.22
N GLY D 110 -21.54 23.94 -6.53
CA GLY D 110 -20.26 24.10 -5.87
C GLY D 110 -20.36 23.99 -4.35
N ASN D 111 -19.76 24.97 -3.67
CA ASN D 111 -19.99 25.22 -2.25
C ASN D 111 -21.14 26.20 -2.01
N LYS D 112 -21.70 26.76 -3.08
CA LYS D 112 -22.58 27.92 -3.00
C LYS D 112 -24.00 27.55 -2.61
N GLY D 113 -24.68 28.49 -1.95
CA GLY D 113 -26.08 28.33 -1.60
C GLY D 113 -26.98 28.20 -2.82
N ALA D 114 -28.25 27.91 -2.52
CA ALA D 114 -29.30 27.79 -3.55
C ALA D 114 -29.67 29.15 -4.14
N ALA D 115 -29.93 29.15 -5.45
CA ALA D 115 -30.55 30.29 -6.12
C ALA D 115 -32.07 30.31 -5.97
N LEU D 116 -32.63 31.51 -5.83
CA LEU D 116 -33.98 31.71 -5.34
C LEU D 116 -34.79 32.55 -6.33
N THR D 117 -36.11 32.33 -6.36
CA THR D 117 -37.05 33.19 -7.04
C THR D 117 -38.21 33.53 -6.11
N THR D 118 -38.84 34.69 -6.32
CA THR D 118 -40.10 34.99 -5.64
C THR D 118 -41.33 34.56 -6.42
N PHE D 119 -41.18 34.11 -7.66
CA PHE D 119 -42.31 33.65 -8.50
C PHE D 119 -42.63 32.18 -8.23
N ILE D 120 -43.25 31.94 -7.07
CA ILE D 120 -43.70 30.60 -6.69
C ILE D 120 -44.61 30.02 -7.77
N SER D 121 -44.41 28.73 -8.06
CA SER D 121 -45.32 27.95 -8.91
C SER D 121 -45.64 26.61 -8.27
N LEU D 122 -46.91 26.22 -8.35
CA LEU D 122 -47.39 24.93 -7.85
C LEU D 122 -47.90 24.08 -9.01
N ALA D 123 -47.32 22.90 -9.19
CA ALA D 123 -47.62 22.01 -10.31
C ALA D 123 -48.43 20.81 -9.83
N GLY D 124 -49.58 20.59 -10.45
CA GLY D 124 -50.47 19.50 -10.10
C GLY D 124 -50.35 18.30 -11.03
N SER D 125 -51.45 17.54 -11.13
CA SER D 125 -51.50 16.41 -12.05
C SER D 125 -51.88 16.85 -13.47
N TYR D 126 -52.76 17.84 -13.59
CA TYR D 126 -53.22 18.34 -14.88
C TYR D 126 -52.77 19.77 -15.20
N LEU D 127 -52.48 20.58 -14.19
CA LEU D 127 -52.18 22.00 -14.42
C LEU D 127 -51.08 22.48 -13.47
N VAL D 128 -50.46 23.59 -13.87
CA VAL D 128 -49.54 24.36 -13.05
C VAL D 128 -50.17 25.70 -12.71
N LEU D 129 -50.17 26.05 -11.42
CA LEU D 129 -50.77 27.28 -10.94
C LEU D 129 -49.68 28.31 -10.63
N MET D 130 -49.85 29.53 -11.15
CA MET D 130 -48.89 30.62 -11.09
C MET D 130 -49.42 31.77 -10.23
N PRO D 131 -49.51 31.61 -8.91
CA PRO D 131 -50.25 32.59 -8.10
C PRO D 131 -49.61 33.97 -8.01
N ASN D 132 -48.30 34.11 -8.23
CA ASN D 132 -47.63 35.40 -8.15
C ASN D 132 -47.37 36.03 -9.53
N ASN D 133 -47.99 35.51 -10.59
CA ASN D 133 -47.73 36.03 -11.93
C ASN D 133 -48.99 35.98 -12.80
N PRO D 134 -49.59 37.13 -13.13
CA PRO D 134 -50.79 37.12 -13.98
C PRO D 134 -50.52 36.95 -15.46
N ARG D 135 -49.31 37.25 -15.94
CA ARG D 135 -49.02 37.19 -17.38
C ARG D 135 -48.79 35.76 -17.89
N ALA D 136 -48.22 34.88 -17.07
CA ALA D 136 -47.88 33.53 -17.48
C ALA D 136 -49.10 32.62 -17.59
N GLY D 137 -49.31 32.05 -18.77
CA GLY D 137 -50.41 31.12 -18.97
C GLY D 137 -50.41 30.55 -20.38
N GLY D 138 -51.05 29.40 -20.52
CA GLY D 138 -51.11 28.73 -21.81
C GLY D 138 -51.49 27.26 -21.66
N ILE D 139 -51.24 26.51 -22.74
CA ILE D 139 -51.40 25.06 -22.78
C ILE D 139 -50.17 24.45 -23.42
N SER D 140 -49.73 23.31 -22.89
CA SER D 140 -48.57 22.62 -23.42
C SER D 140 -48.69 22.38 -24.93
N ARG D 141 -47.63 22.75 -25.65
CA ARG D 141 -47.61 22.69 -27.11
C ARG D 141 -47.79 21.26 -27.61
N ARG D 142 -47.48 20.27 -26.76
CA ARG D 142 -47.67 18.85 -27.05
C ARG D 142 -49.13 18.49 -27.29
N ILE D 143 -50.06 19.36 -26.92
CA ILE D 143 -51.46 19.22 -27.30
C ILE D 143 -51.77 20.06 -28.53
N GLU D 150 -60.11 20.62 -27.74
CA GLU D 150 -61.19 21.11 -26.91
C GLU D 150 -60.67 21.71 -25.60
N LEU D 151 -59.40 21.40 -25.29
CA LEU D 151 -58.85 21.74 -23.97
C LEU D 151 -58.76 23.24 -23.75
N LYS D 152 -58.58 24.03 -24.82
CA LYS D 152 -58.61 25.48 -24.67
C LYS D 152 -59.98 26.00 -24.25
N GLU D 153 -61.05 25.32 -24.67
CA GLU D 153 -62.39 25.68 -24.18
C GLU D 153 -62.58 25.30 -22.72
N ALA D 154 -62.08 24.13 -22.33
CA ALA D 154 -62.16 23.72 -20.93
C ALA D 154 -61.38 24.68 -20.04
N LEU D 155 -60.16 25.03 -20.45
CA LEU D 155 -59.39 26.04 -19.76
C LEU D 155 -60.20 27.33 -19.61
N ALA D 156 -60.81 27.81 -20.70
CA ALA D 156 -61.60 29.04 -20.63
C ALA D 156 -62.79 28.92 -19.69
N SER D 157 -63.21 27.71 -19.33
CA SER D 157 -64.32 27.57 -18.37
C SER D 157 -63.88 27.57 -16.90
N LEU D 158 -62.59 27.46 -16.62
CA LEU D 158 -62.11 27.36 -15.25
C LEU D 158 -62.27 28.67 -14.47
N GLU D 159 -62.64 28.53 -13.18
CA GLU D 159 -62.85 29.65 -12.26
C GLU D 159 -61.57 30.15 -11.61
N LEU D 160 -60.49 30.26 -12.38
CA LEU D 160 -59.21 30.75 -11.93
C LEU D 160 -59.33 32.06 -11.14
N PRO D 161 -58.82 32.13 -9.91
CA PRO D 161 -58.84 33.41 -9.19
C PRO D 161 -58.10 34.52 -9.92
N GLU D 162 -58.64 35.73 -9.83
CA GLU D 162 -58.09 36.90 -10.49
C GLU D 162 -56.72 37.27 -9.95
N GLY D 163 -55.83 37.69 -10.86
CA GLY D 163 -54.44 37.98 -10.56
C GLY D 163 -53.51 36.78 -10.53
N MET D 164 -54.02 35.56 -10.57
CA MET D 164 -53.22 34.37 -10.78
C MET D 164 -53.15 34.01 -12.28
N GLY D 165 -52.11 33.26 -12.64
CA GLY D 165 -52.06 32.57 -13.91
C GLY D 165 -52.14 31.06 -13.74
N LEU D 166 -52.41 30.37 -14.84
CA LEU D 166 -52.24 28.92 -14.86
C LEU D 166 -51.87 28.43 -16.26
N ILE D 167 -51.17 27.30 -16.31
CA ILE D 167 -50.83 26.59 -17.53
C ILE D 167 -51.37 25.16 -17.43
N VAL D 168 -51.85 24.61 -18.55
CA VAL D 168 -52.40 23.26 -18.58
C VAL D 168 -51.42 22.26 -19.20
N ARG D 169 -51.20 21.15 -18.50
CA ARG D 169 -50.28 20.10 -18.88
C ARG D 169 -50.87 19.24 -20.00
N THR D 170 -50.00 18.48 -20.68
CA THR D 170 -50.44 17.38 -21.55
C THR D 170 -51.35 16.39 -20.83
N ALA D 171 -51.17 16.21 -19.51
CA ALA D 171 -52.11 15.40 -18.74
C ALA D 171 -53.54 15.93 -18.80
N GLY D 172 -53.75 17.14 -19.33
CA GLY D 172 -55.09 17.63 -19.63
C GLY D 172 -55.75 17.01 -20.85
N VAL D 173 -55.06 16.16 -21.61
CA VAL D 173 -55.63 15.54 -22.80
C VAL D 173 -56.93 14.81 -22.47
N GLY D 174 -58.01 15.20 -23.14
CA GLY D 174 -59.35 14.65 -22.96
C GLY D 174 -60.02 14.92 -21.63
N LYS D 175 -59.35 15.57 -20.68
CA LYS D 175 -59.94 15.78 -19.36
C LYS D 175 -61.12 16.74 -19.42
N SER D 176 -62.08 16.54 -18.51
CA SER D 176 -63.27 17.36 -18.41
C SER D 176 -63.03 18.64 -17.61
N ALA D 177 -63.83 19.67 -17.92
CA ALA D 177 -63.82 20.92 -17.17
C ALA D 177 -64.17 20.77 -15.69
N GLU D 178 -64.66 19.61 -15.25
CA GLU D 178 -65.01 19.39 -13.86
C GLU D 178 -63.96 18.57 -13.12
N ALA D 179 -63.26 17.68 -13.82
CA ALA D 179 -62.06 17.05 -13.27
C ALA D 179 -60.93 18.04 -13.12
N LEU D 180 -60.74 18.91 -14.11
CA LEU D 180 -59.71 19.95 -14.06
C LEU D 180 -59.95 20.92 -12.90
N GLN D 181 -61.22 21.19 -12.56
CA GLN D 181 -61.55 21.98 -11.38
C GLN D 181 -61.16 21.32 -10.06
N TRP D 182 -61.01 19.99 -10.03
CA TRP D 182 -60.57 19.32 -8.81
C TRP D 182 -59.10 19.60 -8.54
N ASP D 183 -58.25 19.38 -9.54
CA ASP D 183 -56.83 19.72 -9.41
C ASP D 183 -56.68 21.20 -9.06
N LEU D 184 -57.42 22.07 -9.76
CA LEU D 184 -57.38 23.49 -9.45
C LEU D 184 -57.76 23.77 -8.00
N SER D 185 -58.72 23.03 -7.47
CA SER D 185 -59.16 23.25 -6.09
C SER D 185 -58.07 22.89 -5.09
N PHE D 186 -57.34 21.79 -5.33
CA PHE D 186 -56.22 21.48 -4.45
C PHE D 186 -55.09 22.48 -4.58
N ARG D 187 -54.68 22.82 -5.80
CA ARG D 187 -53.55 23.73 -5.98
C ARG D 187 -53.82 25.12 -5.39
N LEU D 188 -55.04 25.66 -5.57
CA LEU D 188 -55.32 26.96 -4.96
C LEU D 188 -55.51 26.87 -3.45
N LYS D 189 -56.05 25.77 -2.94
CA LYS D 189 -56.06 25.57 -1.49
C LYS D 189 -54.64 25.54 -0.94
N HIS D 190 -53.73 24.87 -1.65
CA HIS D 190 -52.34 24.78 -1.23
C HIS D 190 -51.65 26.15 -1.18
N TRP D 191 -51.95 27.03 -2.15
CA TRP D 191 -51.43 28.42 -2.06
C TRP D 191 -52.09 29.22 -0.92
N GLU D 192 -53.40 29.06 -0.71
CA GLU D 192 -54.04 29.74 0.43
C GLU D 192 -53.44 29.28 1.77
N ALA D 193 -53.15 27.98 1.88
CA ALA D 193 -52.43 27.47 3.06
C ALA D 193 -51.04 28.06 3.17
N ILE D 194 -50.32 28.16 2.06
CA ILE D 194 -49.01 28.81 2.08
C ILE D 194 -49.10 30.24 2.60
N LYS D 195 -50.10 31.01 2.15
CA LYS D 195 -50.27 32.38 2.67
C LYS D 195 -50.59 32.42 4.16
N LYS D 196 -51.50 31.54 4.61
CA LYS D 196 -51.81 31.47 6.05
C LYS D 196 -50.56 31.15 6.87
N ALA D 197 -49.78 30.17 6.42
CA ALA D 197 -48.51 29.84 7.07
C ALA D 197 -47.54 31.02 7.02
N ALA D 198 -47.37 31.62 5.84
CA ALA D 198 -46.35 32.64 5.65
C ALA D 198 -46.58 33.85 6.54
N GLU D 199 -47.84 34.30 6.69
CA GLU D 199 -48.05 35.46 7.54
C GLU D 199 -48.38 35.12 8.99
N SER D 200 -48.65 33.87 9.34
CA SER D 200 -48.69 33.51 10.76
C SER D 200 -47.30 33.27 11.38
N ARG D 201 -46.39 32.51 10.67
CA ARG D 201 -45.18 31.92 11.21
C ARG D 201 -43.97 32.86 11.18
N PRO D 202 -43.00 32.64 12.07
CA PRO D 202 -41.82 33.50 12.11
C PRO D 202 -40.94 33.30 10.89
N ALA D 203 -40.40 34.41 10.38
CA ALA D 203 -39.60 34.51 9.17
C ALA D 203 -38.73 33.30 8.78
N PRO D 204 -37.67 32.96 9.52
CA PRO D 204 -36.79 31.89 9.04
C PRO D 204 -37.42 30.49 9.13
N PHE D 205 -38.27 30.12 8.17
CA PHE D 205 -38.88 28.80 8.19
C PHE D 205 -39.22 28.33 6.77
N LEU D 206 -39.58 27.04 6.70
CA LEU D 206 -39.83 26.27 5.48
C LEU D 206 -41.29 25.85 5.37
N ILE D 207 -41.90 26.06 4.21
CA ILE D 207 -43.34 25.86 4.04
C ILE D 207 -43.67 24.52 3.37
N HIS D 208 -42.93 24.09 2.35
CA HIS D 208 -43.09 22.74 1.80
C HIS D 208 -41.80 22.21 1.20
N GLN D 209 -41.73 20.87 1.10
CA GLN D 209 -40.46 20.15 1.14
C GLN D 209 -40.39 18.93 0.22
N GLU D 210 -39.16 18.40 0.15
CA GLU D 210 -38.71 17.32 -0.72
C GLU D 210 -39.49 16.01 -0.59
N SER D 211 -40.12 15.75 0.56
CA SER D 211 -40.26 14.37 1.03
C SER D 211 -41.39 13.54 0.43
N ASN D 212 -42.33 14.09 -0.32
CA ASN D 212 -43.53 13.32 -0.68
C ASN D 212 -43.26 12.34 -1.83
N VAL D 213 -43.60 11.05 -1.60
CA VAL D 213 -43.29 9.98 -2.54
C VAL D 213 -44.10 10.10 -3.84
N ILE D 214 -45.37 10.46 -3.75
CA ILE D 214 -46.24 10.51 -4.93
C ILE D 214 -46.06 11.80 -5.70
N VAL D 215 -45.92 12.92 -4.99
CA VAL D 215 -45.62 14.19 -5.66
C VAL D 215 -44.36 14.09 -6.50
N ARG D 216 -43.36 13.34 -6.00
CA ARG D 216 -42.19 13.03 -6.81
C ARG D 216 -42.52 11.99 -7.90
N ALA D 217 -43.23 10.92 -7.55
CA ALA D 217 -43.40 9.81 -8.48
C ALA D 217 -44.37 10.12 -9.62
N PHE D 218 -45.59 10.54 -9.31
CA PHE D 218 -46.62 10.65 -10.33
C PHE D 218 -46.45 11.87 -11.23
N ARG D 219 -46.26 13.04 -10.63
CA ARG D 219 -46.03 14.25 -11.40
C ARG D 219 -44.83 14.13 -12.35
N ASP D 220 -43.79 13.37 -11.98
CA ASP D 220 -42.73 13.08 -12.93
C ASP D 220 -43.07 12.03 -13.99
N TYR D 221 -44.11 11.20 -13.78
CA TYR D 221 -44.32 10.03 -14.64
C TYR D 221 -45.76 9.75 -15.04
N LEU D 222 -46.76 10.15 -14.27
CA LEU D 222 -48.10 9.60 -14.43
C LEU D 222 -48.79 10.17 -15.67
N ARG D 223 -49.13 9.27 -16.61
CA ARG D 223 -50.10 9.54 -17.65
C ARG D 223 -51.05 8.34 -17.76
N GLN D 224 -52.26 8.61 -18.26
CA GLN D 224 -53.34 7.64 -18.23
C GLN D 224 -53.06 6.38 -19.04
N ASP D 225 -52.18 6.45 -20.04
CA ASP D 225 -51.85 5.29 -20.86
C ASP D 225 -50.92 4.29 -20.18
N ILE D 226 -50.47 4.58 -18.95
CA ILE D 226 -49.79 3.57 -18.14
C ILE D 226 -50.77 2.48 -17.74
N GLY D 227 -50.50 1.24 -18.16
CA GLY D 227 -51.41 0.13 -17.94
C GLY D 227 -51.35 -0.48 -16.55
N GLU D 228 -50.16 -0.53 -15.95
CA GLU D 228 -49.99 -1.10 -14.63
C GLU D 228 -48.91 -0.33 -13.89
N ILE D 229 -49.04 -0.28 -12.56
CA ILE D 229 -47.93 0.04 -11.67
C ILE D 229 -47.64 -1.20 -10.83
N LEU D 230 -46.42 -1.72 -10.96
CA LEU D 230 -45.99 -2.92 -10.25
C LEU D 230 -44.98 -2.57 -9.18
N ILE D 231 -45.23 -3.05 -7.96
CA ILE D 231 -44.40 -2.71 -6.80
C ILE D 231 -44.05 -4.01 -6.09
N ASP D 232 -42.78 -4.16 -5.73
CA ASP D 232 -42.29 -5.36 -5.05
C ASP D 232 -42.17 -5.21 -3.54
N ASN D 233 -42.45 -4.03 -2.98
CA ASN D 233 -42.46 -3.81 -1.53
C ASN D 233 -43.85 -3.43 -1.06
N PRO D 234 -44.48 -4.24 -0.20
CA PRO D 234 -45.86 -3.93 0.24
C PRO D 234 -46.04 -2.63 1.03
N LYS D 235 -45.02 -2.15 1.75
CA LYS D 235 -45.20 -0.92 2.51
C LYS D 235 -45.35 0.27 1.56
N VAL D 236 -44.66 0.19 0.44
CA VAL D 236 -44.76 1.22 -0.59
C VAL D 236 -46.09 1.10 -1.32
N LEU D 237 -46.49 -0.12 -1.67
CA LEU D 237 -47.74 -0.30 -2.38
C LEU D 237 -48.93 0.21 -1.55
N GLU D 238 -48.89 -0.04 -0.23
CA GLU D 238 -49.87 0.53 0.68
C GLU D 238 -49.93 2.05 0.54
N LEU D 239 -48.77 2.71 0.63
CA LEU D 239 -48.77 4.17 0.55
C LEU D 239 -49.12 4.68 -0.85
N ALA D 240 -48.79 3.92 -1.90
CA ALA D 240 -49.18 4.29 -3.25
C ALA D 240 -50.69 4.29 -3.45
N ARG D 241 -51.37 3.24 -2.98
CA ARG D 241 -52.82 3.22 -3.08
C ARG D 241 -53.45 4.35 -2.27
N GLN D 242 -52.87 4.66 -1.10
CA GLN D 242 -53.39 5.82 -0.35
C GLN D 242 -53.24 7.11 -1.12
N HIS D 243 -52.05 7.36 -1.69
CA HIS D 243 -51.83 8.64 -2.36
C HIS D 243 -52.64 8.78 -3.64
N ILE D 244 -52.73 7.72 -4.45
CA ILE D 244 -53.53 7.84 -5.66
C ILE D 244 -55.01 8.01 -5.31
N ALA D 245 -55.46 7.49 -4.17
CA ALA D 245 -56.80 7.84 -3.70
C ALA D 245 -56.90 9.29 -3.24
N ALA D 246 -55.84 9.84 -2.63
CA ALA D 246 -55.84 11.24 -2.24
C ALA D 246 -55.80 12.19 -3.43
N LEU D 247 -55.12 11.80 -4.51
CA LEU D 247 -55.23 12.50 -5.79
C LEU D 247 -56.65 12.46 -6.36
N GLY D 248 -57.56 11.69 -5.77
CA GLY D 248 -58.91 11.58 -6.29
C GLY D 248 -59.11 10.52 -7.35
N ARG D 249 -58.15 9.62 -7.53
CA ARG D 249 -58.28 8.51 -8.48
C ARG D 249 -58.28 7.16 -7.77
N PRO D 250 -59.12 6.94 -6.76
CA PRO D 250 -59.16 5.60 -6.14
C PRO D 250 -59.60 4.51 -7.11
N ASP D 251 -60.26 4.87 -8.21
CA ASP D 251 -60.52 3.91 -9.28
C ASP D 251 -59.23 3.46 -9.96
N PHE D 252 -58.25 4.38 -10.07
CA PHE D 252 -56.98 4.11 -10.71
C PHE D 252 -56.07 3.23 -9.84
N SER D 253 -56.34 3.17 -8.53
CA SER D 253 -55.71 2.20 -7.64
C SER D 253 -55.85 0.75 -8.10
N SER D 254 -56.83 0.45 -8.96
CA SER D 254 -56.93 -0.89 -9.52
C SER D 254 -55.72 -1.27 -10.36
N LYS D 255 -54.95 -0.28 -10.82
CA LYS D 255 -53.74 -0.54 -11.59
C LYS D 255 -52.53 -0.90 -10.73
N ILE D 256 -52.57 -0.64 -9.43
CA ILE D 256 -51.41 -0.86 -8.55
C ILE D 256 -51.38 -2.29 -8.05
N LYS D 257 -50.30 -3.01 -8.38
CA LYS D 257 -50.21 -4.46 -8.15
C LYS D 257 -48.85 -4.83 -7.57
N LEU D 258 -48.82 -5.84 -6.69
CA LEU D 258 -47.53 -6.37 -6.21
C LEU D 258 -46.87 -7.32 -7.18
N TYR D 259 -45.53 -7.28 -7.18
CA TYR D 259 -44.70 -8.27 -7.85
C TYR D 259 -44.08 -9.23 -6.86
N THR D 260 -44.10 -10.53 -7.19
CA THR D 260 -43.82 -11.60 -6.24
C THR D 260 -42.82 -12.64 -6.71
N GLY D 261 -42.30 -12.52 -7.94
CA GLY D 261 -41.48 -13.57 -8.50
C GLY D 261 -40.12 -13.71 -7.85
N GLU D 262 -39.53 -14.91 -8.05
CA GLU D 262 -38.18 -15.18 -7.56
C GLU D 262 -37.13 -14.42 -8.35
N ILE D 263 -37.34 -14.26 -9.65
CA ILE D 263 -36.56 -13.28 -10.41
C ILE D 263 -37.02 -11.88 -10.01
N PRO D 264 -36.12 -10.98 -9.67
CA PRO D 264 -36.56 -9.63 -9.25
C PRO D 264 -37.23 -8.88 -10.38
N LEU D 265 -38.11 -7.95 -9.99
CA LEU D 265 -39.00 -7.26 -10.92
C LEU D 265 -38.30 -6.76 -12.17
N PHE D 266 -37.17 -6.07 -11.99
CA PHE D 266 -36.48 -5.48 -13.14
C PHE D 266 -35.85 -6.52 -14.06
N SER D 267 -35.44 -7.68 -13.55
CA SER D 267 -34.96 -8.74 -14.42
C SER D 267 -36.06 -9.51 -15.12
N HIS D 268 -37.28 -9.54 -14.57
CA HIS D 268 -38.39 -10.15 -15.29
C HIS D 268 -38.74 -9.38 -16.56
N TYR D 269 -38.76 -8.04 -16.48
CA TYR D 269 -38.99 -7.22 -17.67
C TYR D 269 -37.72 -6.91 -18.45
N GLN D 270 -36.59 -7.52 -18.07
CA GLN D 270 -35.33 -7.41 -18.78
C GLN D 270 -34.80 -5.98 -18.92
N ILE D 271 -35.22 -5.05 -18.07
CA ILE D 271 -34.70 -3.70 -18.13
C ILE D 271 -33.42 -3.52 -17.31
N GLU D 272 -33.06 -4.51 -16.50
CA GLU D 272 -31.91 -4.36 -15.59
C GLU D 272 -30.60 -4.13 -16.35
N SER D 273 -30.46 -4.72 -17.54
CA SER D 273 -29.28 -4.42 -18.36
C SER D 273 -29.37 -3.05 -19.00
N GLN D 274 -30.57 -2.59 -19.29
CA GLN D 274 -30.76 -1.28 -19.90
C GLN D 274 -30.49 -0.15 -18.92
N ILE D 275 -30.79 -0.36 -17.65
CA ILE D 275 -30.54 0.66 -16.63
C ILE D 275 -29.06 1.02 -16.56
N GLU D 276 -28.19 0.02 -16.63
CA GLU D 276 -26.76 0.29 -16.47
C GLU D 276 -26.20 1.10 -17.63
N SER D 277 -26.87 1.12 -18.78
CA SER D 277 -26.47 2.01 -19.87
C SER D 277 -26.50 3.48 -19.44
N ALA D 278 -27.32 3.83 -18.46
CA ALA D 278 -27.38 5.22 -18.00
C ALA D 278 -26.17 5.63 -17.18
N PHE D 279 -25.29 4.69 -16.84
CA PHE D 279 -24.12 4.97 -16.04
C PHE D 279 -22.83 4.91 -16.84
N GLN D 280 -22.84 4.17 -17.95
CA GLN D 280 -21.66 3.95 -18.78
C GLN D 280 -21.24 5.23 -19.50
N ARG D 281 -19.94 5.30 -19.83
CA ARG D 281 -19.46 6.33 -20.76
C ARG D 281 -19.90 6.04 -22.19
N GLU D 282 -20.03 4.77 -22.56
CA GLU D 282 -20.26 4.37 -23.95
C GLU D 282 -21.40 3.36 -24.01
N VAL D 283 -22.31 3.56 -24.96
CA VAL D 283 -23.49 2.71 -25.15
C VAL D 283 -23.53 2.21 -26.59
N ARG D 284 -23.67 0.89 -26.75
CA ARG D 284 -23.71 0.25 -28.06
C ARG D 284 -25.11 0.25 -28.69
N LEU D 285 -25.13 0.20 -30.02
CA LEU D 285 -26.29 0.45 -30.89
C LEU D 285 -26.63 -0.75 -31.75
N PRO D 286 -27.91 -0.89 -32.16
CA PRO D 286 -28.30 -2.09 -32.93
C PRO D 286 -27.48 -2.35 -34.19
N SER D 287 -27.13 -1.31 -34.96
CA SER D 287 -26.26 -1.50 -36.12
C SER D 287 -24.81 -1.77 -35.76
N GLY D 288 -24.48 -1.97 -34.49
CA GLY D 288 -23.11 -2.19 -34.08
C GLY D 288 -22.28 -0.93 -33.89
N GLY D 289 -22.88 0.25 -34.04
CA GLY D 289 -22.21 1.48 -33.67
C GLY D 289 -22.30 1.73 -32.18
N SER D 290 -21.76 2.87 -31.75
CA SER D 290 -21.86 3.26 -30.34
C SER D 290 -21.93 4.78 -30.22
N ILE D 291 -22.44 5.25 -29.09
CA ILE D 291 -22.36 6.64 -28.69
C ILE D 291 -21.53 6.78 -27.42
N VAL D 292 -20.64 7.78 -27.40
CA VAL D 292 -19.72 8.06 -26.30
C VAL D 292 -20.03 9.45 -25.73
N ILE D 293 -20.29 9.53 -24.43
CA ILE D 293 -20.74 10.75 -23.76
C ILE D 293 -19.66 11.26 -22.81
N ASP D 294 -19.16 12.48 -23.04
CA ASP D 294 -18.17 13.12 -22.16
C ASP D 294 -18.70 14.45 -21.62
N SER D 295 -18.70 14.63 -20.30
CA SER D 295 -19.13 15.88 -19.68
C SER D 295 -17.95 16.70 -19.18
N THR D 296 -17.90 17.98 -19.56
CA THR D 296 -16.79 18.89 -19.33
C THR D 296 -17.17 19.99 -18.32
N GLU D 297 -16.30 21.01 -18.22
CA GLU D 297 -16.56 22.17 -17.37
C GLU D 297 -17.93 22.81 -17.60
N ALA D 298 -18.43 22.78 -18.83
CA ALA D 298 -19.64 23.53 -19.16
C ALA D 298 -20.57 22.85 -20.16
N LEU D 299 -20.18 21.74 -20.77
CA LEU D 299 -21.01 21.11 -21.78
C LEU D 299 -20.79 19.60 -21.80
N THR D 300 -21.76 18.89 -22.34
CA THR D 300 -21.66 17.45 -22.58
C THR D 300 -21.55 17.19 -24.07
N ALA D 301 -20.47 16.53 -24.50
CA ALA D 301 -20.22 16.25 -25.90
C ALA D 301 -20.43 14.77 -26.19
N ILE D 302 -21.18 14.45 -27.25
CA ILE D 302 -21.41 13.08 -27.69
C ILE D 302 -20.69 12.82 -29.00
N ARG D 303 -19.99 11.70 -29.10
CA ARG D 303 -19.46 11.17 -30.36
C ARG D 303 -20.21 9.91 -30.78
N ILE D 304 -20.53 9.78 -32.07
CA ILE D 304 -21.13 8.56 -32.62
C ILE D 304 -20.11 7.82 -33.47
N ASN D 305 -19.95 6.52 -33.21
CA ASN D 305 -19.03 5.65 -33.94
C ASN D 305 -19.77 4.63 -34.80
N SER D 306 -19.28 4.47 -36.03
CA SER D 306 -19.62 3.34 -36.91
C SER D 306 -19.15 2.00 -36.33
N ALA D 307 -19.70 0.92 -36.89
CA ALA D 307 -19.17 -0.42 -36.69
C ALA D 307 -17.83 -0.63 -37.42
N ARG D 308 -17.12 -1.69 -37.01
CA ARG D 308 -15.92 -2.14 -37.70
C ARG D 308 -16.15 -2.40 -39.19
N ALA D 309 -15.14 -2.05 -39.97
CA ALA D 309 -15.19 -2.08 -41.44
C ALA D 309 -15.34 -3.50 -41.98
N THR D 310 -16.04 -3.60 -43.11
CA THR D 310 -16.25 -4.86 -43.82
C THR D 310 -16.35 -4.60 -45.33
N ASP D 314 -22.14 -0.68 -47.44
CA ASP D 314 -21.90 0.68 -47.92
C ASP D 314 -21.79 1.62 -46.72
N ILE D 315 -20.63 2.27 -46.60
CA ILE D 315 -20.36 3.17 -45.49
C ILE D 315 -21.31 4.38 -45.44
N GLU D 316 -21.82 4.83 -46.60
CA GLU D 316 -22.69 6.00 -46.59
C GLU D 316 -24.07 5.69 -46.01
N GLU D 317 -24.62 4.53 -46.37
CA GLU D 317 -25.89 4.10 -45.78
C GLU D 317 -25.70 3.78 -44.30
N THR D 318 -24.54 3.20 -43.96
CA THR D 318 -24.24 2.89 -42.57
C THR D 318 -24.19 4.14 -41.72
N ALA D 319 -23.53 5.19 -42.22
CA ALA D 319 -23.45 6.44 -41.49
C ALA D 319 -24.83 7.02 -41.22
N PHE D 320 -25.66 7.12 -42.27
CA PHE D 320 -27.00 7.71 -42.10
C PHE D 320 -27.84 6.89 -41.10
N ASN D 321 -27.85 5.56 -41.25
CA ASN D 321 -28.62 4.69 -40.34
C ASN D 321 -28.10 4.74 -38.90
N THR D 322 -26.78 4.72 -38.72
CA THR D 322 -26.22 4.77 -37.38
C THR D 322 -26.50 6.10 -36.71
N ASN D 323 -26.50 7.19 -37.47
CA ASN D 323 -26.86 8.48 -36.88
C ASN D 323 -28.31 8.50 -36.43
N LEU D 324 -29.21 7.91 -37.20
CA LEU D 324 -30.62 7.87 -36.78
C LEU D 324 -30.84 7.02 -35.53
N GLU D 325 -30.23 5.83 -35.48
CA GLU D 325 -30.33 5.02 -34.27
C GLU D 325 -29.69 5.72 -33.08
N ALA D 326 -28.60 6.43 -33.32
CA ALA D 326 -27.97 7.21 -32.25
C ALA D 326 -28.87 8.35 -31.79
N ALA D 327 -29.59 9.01 -32.70
CA ALA D 327 -30.48 10.08 -32.25
C ALA D 327 -31.57 9.56 -31.32
N ASP D 328 -32.18 8.42 -31.67
CA ASP D 328 -33.14 7.79 -30.76
C ASP D 328 -32.53 7.45 -29.41
N GLU D 329 -31.34 6.86 -29.42
CA GLU D 329 -30.72 6.51 -28.15
C GLU D 329 -30.22 7.72 -27.38
N ILE D 330 -29.79 8.78 -28.06
CA ILE D 330 -29.32 9.98 -27.38
C ILE D 330 -30.48 10.70 -26.69
N ALA D 331 -31.63 10.81 -27.35
CA ALA D 331 -32.81 11.34 -26.68
C ALA D 331 -33.20 10.50 -25.46
N ARG D 332 -33.10 9.18 -25.62
CA ARG D 332 -33.40 8.27 -24.51
C ARG D 332 -32.42 8.41 -23.35
N GLN D 333 -31.12 8.55 -23.62
CA GLN D 333 -30.15 8.78 -22.56
C GLN D 333 -30.30 10.15 -21.92
N LEU D 334 -30.64 11.17 -22.72
CA LEU D 334 -30.92 12.48 -22.16
C LEU D 334 -32.02 12.40 -21.12
N ARG D 335 -33.05 11.61 -21.38
CA ARG D 335 -34.03 11.31 -20.33
C ARG D 335 -33.41 10.53 -19.17
N LEU D 336 -32.90 9.33 -19.45
CA LEU D 336 -32.50 8.41 -18.39
C LEU D 336 -31.47 9.02 -17.47
N ARG D 337 -30.55 9.82 -18.01
CA ARG D 337 -29.51 10.46 -17.21
C ARG D 337 -29.99 11.74 -16.54
N ASP D 338 -31.13 12.28 -16.97
CA ASP D 338 -31.59 13.61 -16.57
C ASP D 338 -30.49 14.65 -16.75
N LEU D 339 -29.90 14.63 -17.95
CA LEU D 339 -28.87 15.57 -18.33
C LEU D 339 -29.43 16.98 -18.35
N GLY D 340 -28.55 17.95 -18.15
CA GLY D 340 -28.98 19.34 -18.20
C GLY D 340 -27.85 20.28 -18.49
N GLY D 341 -28.22 21.45 -19.01
CA GLY D 341 -27.28 22.35 -19.67
C GLY D 341 -27.04 22.02 -21.15
N LEU D 342 -25.94 22.58 -21.66
CA LEU D 342 -25.59 22.55 -23.08
C LEU D 342 -25.10 21.18 -23.49
N ILE D 343 -25.51 20.72 -24.66
CA ILE D 343 -25.08 19.46 -25.24
C ILE D 343 -24.62 19.68 -26.67
N VAL D 344 -23.59 18.92 -27.08
CA VAL D 344 -22.99 19.02 -28.40
C VAL D 344 -22.82 17.61 -28.94
N ILE D 345 -23.10 17.41 -30.23
CA ILE D 345 -23.03 16.08 -30.82
C ILE D 345 -22.18 16.11 -32.10
N ARG D 346 -21.25 15.16 -32.21
CA ARG D 346 -20.67 14.72 -33.49
C ARG D 346 -21.40 13.49 -34.02
N PHE D 347 -22.35 13.71 -34.93
CA PHE D 347 -22.82 12.66 -35.83
C PHE D 347 -21.74 12.29 -36.85
N ILE D 348 -21.88 11.10 -37.43
CA ILE D 348 -21.06 10.72 -38.59
C ILE D 348 -21.43 11.60 -39.77
N ASP D 349 -20.40 12.06 -40.50
CA ASP D 349 -20.60 13.06 -41.55
C ASP D 349 -21.48 12.54 -42.68
N MET D 350 -22.55 13.28 -42.98
CA MET D 350 -23.48 12.96 -44.04
C MET D 350 -23.38 14.00 -45.15
N THR D 351 -23.25 13.54 -46.40
CA THR D 351 -23.01 14.46 -47.52
C THR D 351 -24.22 15.33 -47.83
N PRO D 352 -25.41 14.79 -48.13
CA PRO D 352 -26.52 15.67 -48.50
C PRO D 352 -27.20 16.21 -47.26
N VAL D 353 -27.55 17.50 -47.33
CA VAL D 353 -28.13 18.16 -46.16
C VAL D 353 -29.45 17.55 -45.75
N ARG D 354 -30.30 17.20 -46.72
CA ARG D 354 -31.59 16.62 -46.36
C ARG D 354 -31.48 15.34 -45.53
N HIS D 355 -30.35 14.65 -45.57
CA HIS D 355 -30.13 13.57 -44.60
C HIS D 355 -29.68 14.10 -43.24
N GLN D 356 -28.90 15.19 -43.21
CA GLN D 356 -28.60 15.86 -41.96
C GLN D 356 -29.87 16.32 -41.26
N ARG D 357 -30.70 17.07 -41.95
CA ARG D 357 -31.98 17.51 -41.40
C ARG D 357 -32.88 16.34 -41.03
N ALA D 358 -32.87 15.26 -41.82
CA ALA D 358 -33.67 14.09 -41.45
C ALA D 358 -33.22 13.52 -40.11
N VAL D 359 -31.92 13.54 -39.83
CA VAL D 359 -31.43 13.13 -38.52
C VAL D 359 -31.84 14.14 -37.44
N GLU D 360 -31.77 15.43 -37.75
CA GLU D 360 -32.23 16.42 -36.78
C GLU D 360 -33.70 16.22 -36.43
N ASN D 361 -34.52 15.89 -37.44
CA ASN D 361 -35.94 15.70 -37.18
C ASN D 361 -36.21 14.38 -36.47
N ARG D 362 -35.39 13.35 -36.69
CA ARG D 362 -35.48 12.16 -35.85
C ARG D 362 -35.16 12.48 -34.40
N LEU D 363 -34.13 13.29 -34.16
CA LEU D 363 -33.81 13.72 -32.81
C LEU D 363 -34.93 14.55 -32.20
N ARG D 364 -35.42 15.56 -32.94
CA ARG D 364 -36.55 16.35 -32.47
C ARG D 364 -37.73 15.47 -32.08
N GLU D 365 -38.07 14.49 -32.92
CA GLU D 365 -39.21 13.63 -32.61
C GLU D 365 -38.94 12.74 -31.41
N ALA D 366 -37.70 12.32 -31.21
CA ALA D 366 -37.38 11.53 -30.02
C ALA D 366 -37.36 12.37 -28.75
N VAL D 367 -37.00 13.65 -28.84
CA VAL D 367 -36.99 14.51 -27.65
C VAL D 367 -38.31 15.22 -27.36
N ARG D 368 -39.22 15.31 -28.33
CA ARG D 368 -40.53 15.87 -28.02
C ARG D 368 -41.26 15.00 -27.01
N GLN D 369 -40.90 13.71 -26.97
CA GLN D 369 -41.46 12.75 -26.02
C GLN D 369 -41.00 13.01 -24.59
N ASP D 370 -40.01 13.87 -24.38
CA ASP D 370 -39.68 14.37 -23.05
C ASP D 370 -40.56 15.56 -22.68
N ARG D 371 -41.10 15.54 -21.46
CA ARG D 371 -41.81 16.69 -20.92
C ARG D 371 -40.87 17.72 -20.27
N ALA D 372 -39.60 17.40 -20.05
CA ALA D 372 -38.61 18.44 -19.86
C ALA D 372 -38.32 19.14 -21.19
N ARG D 373 -38.21 20.47 -21.16
CA ARG D 373 -38.00 21.22 -22.39
C ARG D 373 -36.60 21.01 -22.96
N ILE D 374 -36.54 20.83 -24.27
CA ILE D 374 -35.28 20.63 -25.00
C ILE D 374 -35.25 21.55 -26.21
N GLN D 375 -34.09 22.17 -26.48
CA GLN D 375 -33.98 23.09 -27.60
C GLN D 375 -32.77 22.73 -28.48
N ILE D 376 -32.95 22.82 -29.81
CA ILE D 376 -31.99 22.32 -30.78
C ILE D 376 -31.71 23.38 -31.84
N SER D 377 -30.43 23.56 -32.17
CA SER D 377 -30.04 24.20 -33.42
C SER D 377 -29.59 23.18 -34.47
N HIS D 378 -29.43 23.67 -35.70
CA HIS D 378 -29.05 22.87 -36.86
C HIS D 378 -27.61 22.37 -36.78
N ILE D 379 -27.34 21.31 -37.55
CA ILE D 379 -25.98 20.78 -37.73
C ILE D 379 -25.06 21.82 -38.35
N SER D 380 -23.94 22.08 -37.70
CA SER D 380 -23.04 23.17 -38.06
C SER D 380 -22.14 22.80 -39.24
N ARG D 381 -21.37 23.82 -39.67
CA ARG D 381 -20.31 23.66 -40.67
C ARG D 381 -19.33 22.53 -40.35
N PHE D 382 -19.02 22.34 -39.07
CA PHE D 382 -18.05 21.34 -38.64
C PHE D 382 -18.69 20.02 -38.24
N GLY D 383 -19.98 19.83 -38.50
CA GLY D 383 -20.67 18.63 -38.10
C GLY D 383 -21.00 18.54 -36.63
N LEU D 384 -21.17 19.69 -35.98
CA LEU D 384 -21.57 19.77 -34.58
C LEU D 384 -23.03 20.18 -34.49
N LEU D 385 -23.84 19.40 -33.77
CA LEU D 385 -25.19 19.81 -33.42
C LEU D 385 -25.23 20.31 -31.99
N GLU D 386 -25.74 21.51 -31.79
CA GLU D 386 -25.85 22.13 -30.48
C GLU D 386 -27.29 22.12 -29.97
N MET D 387 -27.47 21.81 -28.69
CA MET D 387 -28.79 21.75 -28.08
C MET D 387 -28.65 22.02 -26.59
N SER D 388 -29.78 22.23 -25.93
CA SER D 388 -29.79 22.35 -24.47
C SER D 388 -30.93 21.52 -23.88
N ARG D 389 -30.78 21.17 -22.59
CA ARG D 389 -31.86 20.52 -21.85
C ARG D 389 -32.05 21.14 -20.46
N GLN D 390 -33.33 21.24 -20.08
CA GLN D 390 -33.78 21.82 -18.82
C GLN D 390 -33.19 21.10 -17.59
N ARG D 391 -32.57 21.90 -16.71
CA ARG D 391 -31.94 21.43 -15.46
C ARG D 391 -32.97 21.15 -14.37
N LEU D 392 -33.76 20.10 -14.55
CA LEU D 392 -34.75 19.78 -13.52
C LEU D 392 -34.10 19.24 -12.24
N SER D 393 -33.08 18.41 -12.36
CA SER D 393 -32.33 17.99 -11.18
C SER D 393 -30.95 17.53 -11.62
N PRO D 394 -30.00 17.40 -10.69
CA PRO D 394 -28.68 16.86 -11.02
C PRO D 394 -28.75 15.49 -11.68
N SER D 395 -27.94 15.33 -12.71
CA SER D 395 -27.82 14.07 -13.45
C SER D 395 -27.24 12.97 -12.56
N LEU D 396 -27.23 11.75 -13.11
CA LEU D 396 -26.50 10.65 -12.49
C LEU D 396 -25.00 10.93 -12.38
N GLY D 397 -24.44 11.73 -13.27
CA GLY D 397 -23.04 12.13 -13.13
C GLY D 397 -22.81 13.03 -11.93
N GLU D 398 -23.70 14.00 -11.71
CA GLU D 398 -23.57 14.93 -10.60
C GLU D 398 -24.00 14.33 -9.26
N SER D 399 -24.97 13.41 -9.27
CA SER D 399 -25.57 12.90 -8.04
C SER D 399 -24.97 11.59 -7.54
N SER D 400 -24.40 10.77 -8.42
CA SER D 400 -24.06 9.38 -8.09
C SER D 400 -22.61 9.05 -8.47
N HIS D 401 -21.79 10.05 -8.75
CA HIS D 401 -20.36 9.90 -8.97
C HIS D 401 -19.65 11.06 -8.29
N HIS D 402 -18.34 10.90 -8.09
CA HIS D 402 -17.50 12.00 -7.64
C HIS D 402 -16.27 12.09 -8.55
N VAL D 403 -15.67 13.27 -8.58
CA VAL D 403 -14.52 13.48 -9.43
C VAL D 403 -13.38 12.55 -9.01
N CYS D 404 -12.67 12.04 -10.01
CA CYS D 404 -11.51 11.19 -9.78
C CYS D 404 -10.48 11.95 -8.93
N PRO D 405 -10.06 11.42 -7.77
CA PRO D 405 -9.02 12.09 -6.97
C PRO D 405 -7.63 12.05 -7.57
N ARG D 406 -7.38 11.21 -8.57
CA ARG D 406 -6.06 11.05 -9.16
C ARG D 406 -5.87 12.00 -10.34
N CYS D 407 -6.70 11.86 -11.35
CA CYS D 407 -6.60 12.68 -12.53
C CYS D 407 -7.28 14.05 -12.38
N SER D 408 -7.98 14.29 -11.27
CA SER D 408 -8.76 15.51 -11.05
C SER D 408 -9.80 15.76 -12.14
N GLY D 409 -10.25 14.69 -12.80
CA GLY D 409 -11.29 14.78 -13.80
C GLY D 409 -10.80 15.07 -15.20
N THR D 410 -9.48 15.03 -15.44
CA THR D 410 -9.00 15.21 -16.80
C THR D 410 -9.17 13.94 -17.63
N GLY D 411 -9.15 12.78 -16.99
CA GLY D 411 -9.02 11.53 -17.71
C GLY D 411 -7.62 11.26 -18.20
N THR D 412 -6.63 12.00 -17.72
CA THR D 412 -5.26 11.85 -18.17
C THR D 412 -4.29 12.04 -17.01
N VAL D 413 -3.18 11.30 -17.07
CA VAL D 413 -2.08 11.45 -16.12
C VAL D 413 -0.80 11.76 -16.87
N ARG D 414 -0.02 12.70 -16.33
CA ARG D 414 1.25 13.07 -16.92
C ARG D 414 2.26 11.92 -16.88
N ASP D 415 3.06 11.81 -17.93
CA ASP D 415 4.05 10.75 -18.02
C ASP D 415 5.14 10.92 -16.97
N ASN D 416 5.64 9.80 -16.45
CA ASN D 416 6.52 9.84 -15.29
C ASN D 416 7.78 10.67 -15.53
N GLU D 417 8.43 10.50 -16.67
CA GLU D 417 9.59 11.36 -16.92
C GLU D 417 9.17 12.79 -17.22
N SER D 418 8.01 12.98 -17.87
CA SER D 418 7.55 14.30 -18.23
C SER D 418 7.23 15.11 -16.99
N LEU D 419 6.76 14.44 -15.95
CA LEU D 419 6.58 15.04 -14.63
C LEU D 419 7.91 15.18 -13.89
N SER D 420 8.74 14.15 -13.95
CA SER D 420 9.98 14.16 -13.17
C SER D 420 10.89 15.31 -13.57
N LEU D 421 11.03 15.56 -14.88
CA LEU D 421 11.87 16.67 -15.34
C LEU D 421 11.30 18.04 -14.99
N SER D 422 9.96 18.15 -14.93
CA SER D 422 9.34 19.40 -14.49
C SER D 422 9.57 19.63 -13.01
N ILE D 423 9.47 18.58 -12.21
CA ILE D 423 9.81 18.70 -10.80
C ILE D 423 11.28 19.04 -10.64
N LEU D 424 12.14 18.41 -11.44
CA LEU D 424 13.57 18.67 -11.34
C LEU D 424 13.88 20.16 -11.53
N ARG D 425 13.25 20.79 -12.52
CA ARG D 425 13.50 22.22 -12.71
C ARG D 425 12.68 23.11 -11.78
N LEU D 426 11.63 22.58 -11.14
CA LEU D 426 11.02 23.30 -10.02
C LEU D 426 11.93 23.30 -8.79
N ILE D 427 12.51 22.15 -8.47
CA ILE D 427 13.49 22.08 -7.38
C ILE D 427 14.63 23.04 -7.64
N GLU D 428 15.14 23.07 -8.88
CA GLU D 428 16.21 24.00 -9.23
C GLU D 428 15.76 25.45 -9.02
N GLU D 429 14.51 25.76 -9.36
CA GLU D 429 14.07 27.16 -9.29
C GLU D 429 13.77 27.60 -7.86
N GLU D 430 13.40 26.67 -6.97
CA GLU D 430 13.43 26.98 -5.53
C GLU D 430 14.85 27.15 -4.99
N ALA D 431 15.77 26.26 -5.37
CA ALA D 431 17.15 26.36 -4.90
C ALA D 431 17.84 27.63 -5.38
N LEU D 432 17.40 28.19 -6.51
CA LEU D 432 17.91 29.47 -6.99
C LEU D 432 17.56 30.65 -6.07
N LYS D 433 16.50 30.56 -5.27
CA LYS D 433 16.10 31.70 -4.44
C LYS D 433 17.18 32.05 -3.42
N GLU D 434 17.35 33.35 -3.20
CA GLU D 434 18.11 33.89 -2.08
C GLU D 434 17.52 33.42 -0.75
N ASN D 435 18.28 33.65 0.33
CA ASN D 435 17.85 33.36 1.69
C ASN D 435 17.52 31.88 1.90
N THR D 436 18.02 31.01 1.02
CA THR D 436 17.64 29.61 0.98
C THR D 436 18.76 28.74 1.52
N GLN D 437 18.41 27.78 2.39
CA GLN D 437 19.36 26.82 2.94
C GLN D 437 19.06 25.37 2.55
N GLU D 438 17.79 24.99 2.41
CA GLU D 438 17.43 23.66 1.92
C GLU D 438 16.21 23.74 1.02
N VAL D 439 16.04 22.71 0.18
CA VAL D 439 14.83 22.45 -0.59
C VAL D 439 14.44 20.99 -0.43
N HIS D 440 13.13 20.76 -0.24
CA HIS D 440 12.59 19.42 -0.03
C HIS D 440 11.53 19.13 -1.09
N ALA D 441 11.64 17.97 -1.74
CA ALA D 441 10.61 17.43 -2.60
C ALA D 441 10.09 16.13 -2.00
N ILE D 442 8.78 15.99 -1.91
CA ILE D 442 8.14 14.74 -1.51
C ILE D 442 7.33 14.22 -2.69
N VAL D 443 7.63 13.02 -3.15
CA VAL D 443 7.18 12.58 -4.47
C VAL D 443 6.87 11.08 -4.47
N PRO D 444 6.12 10.59 -5.45
CA PRO D 444 5.88 9.15 -5.58
C PRO D 444 7.16 8.37 -5.82
N VAL D 445 7.12 7.11 -5.40
CA VAL D 445 8.22 6.16 -5.54
C VAL D 445 8.87 6.20 -6.91
N PRO D 446 8.14 6.04 -8.02
CA PRO D 446 8.83 6.02 -9.32
C PRO D 446 9.43 7.37 -9.69
N ILE D 447 8.80 8.47 -9.26
CA ILE D 447 9.35 9.79 -9.54
C ILE D 447 10.66 10.00 -8.79
N ALA D 448 10.70 9.60 -7.52
CA ALA D 448 11.93 9.68 -6.74
C ALA D 448 13.01 8.79 -7.34
N SER D 449 12.63 7.58 -7.78
CA SER D 449 13.60 6.68 -8.39
C SER D 449 14.24 7.30 -9.62
N TYR D 450 13.42 7.94 -10.46
CA TYR D 450 13.93 8.62 -11.65
C TYR D 450 14.80 9.83 -11.31
N LEU D 451 14.34 10.65 -10.35
CA LEU D 451 15.07 11.85 -9.95
C LEU D 451 16.44 11.52 -9.33
N LEU D 452 16.54 10.43 -8.57
CA LEU D 452 17.73 10.13 -7.78
C LEU D 452 18.66 9.09 -8.39
N ASN D 453 18.37 8.62 -9.60
CA ASN D 453 19.28 7.72 -10.28
C ASN D 453 19.55 8.20 -11.71
N GLU D 454 18.51 8.26 -12.52
CA GLU D 454 18.65 8.80 -13.88
C GLU D 454 19.17 10.24 -13.85
N LYS D 455 18.59 11.07 -12.98
CA LYS D 455 18.93 12.49 -12.92
C LYS D 455 19.80 12.84 -11.72
N ARG D 456 20.40 11.85 -11.06
CA ARG D 456 21.28 12.16 -9.94
C ARG D 456 22.36 13.16 -10.33
N SER D 457 22.92 13.00 -11.54
CA SER D 457 23.93 13.95 -12.02
C SER D 457 23.41 15.38 -12.05
N ALA D 458 22.13 15.55 -12.39
CA ALA D 458 21.55 16.89 -12.36
C ALA D 458 21.28 17.37 -10.94
N VAL D 459 20.85 16.48 -10.05
CA VAL D 459 20.68 16.88 -8.65
C VAL D 459 22.00 17.34 -8.04
N ASN D 460 23.08 16.60 -8.30
CA ASN D 460 24.40 17.05 -7.88
C ASN D 460 24.79 18.36 -8.57
N ALA D 461 24.45 18.52 -9.85
CA ALA D 461 24.76 19.76 -10.55
C ALA D 461 24.06 20.96 -9.91
N ILE D 462 22.81 20.78 -9.51
CA ILE D 462 22.10 21.83 -8.76
C ILE D 462 22.80 22.10 -7.43
N GLU D 463 23.10 21.05 -6.66
CA GLU D 463 23.73 21.27 -5.36
C GLU D 463 25.07 22.00 -5.49
N THR D 464 25.80 21.79 -6.57
CA THR D 464 27.11 22.43 -6.73
C THR D 464 27.05 23.82 -7.38
N ARG D 465 26.16 24.04 -8.35
CA ARG D 465 26.07 25.34 -9.02
C ARG D 465 25.26 26.33 -8.19
N GLN D 466 24.07 25.94 -7.76
CA GLN D 466 23.30 26.70 -6.76
C GLN D 466 23.81 26.35 -5.36
N ASP D 467 25.09 26.66 -5.15
CA ASP D 467 25.85 26.19 -4.00
C ASP D 467 25.29 26.67 -2.67
N GLY D 468 25.50 25.83 -1.63
CA GLY D 468 25.06 26.12 -0.28
C GLY D 468 23.68 25.62 0.09
N VAL D 469 22.91 25.07 -0.85
CA VAL D 469 21.56 24.57 -0.59
C VAL D 469 21.56 23.04 -0.55
N ARG D 470 21.04 22.48 0.53
CA ARG D 470 20.76 21.04 0.62
C ARG D 470 19.53 20.68 -0.23
N CYS D 471 19.64 19.64 -1.06
CA CYS D 471 18.52 19.12 -1.82
C CYS D 471 18.08 17.74 -1.31
N VAL D 472 16.83 17.65 -0.86
CA VAL D 472 16.25 16.41 -0.34
C VAL D 472 15.12 15.96 -1.26
N ILE D 473 15.13 14.70 -1.67
CA ILE D 473 14.03 14.10 -2.44
C ILE D 473 13.58 12.83 -1.73
N VAL D 474 12.29 12.74 -1.41
CA VAL D 474 11.73 11.70 -0.56
C VAL D 474 10.72 10.84 -1.33
N PRO D 475 10.94 9.53 -1.46
CA PRO D 475 9.89 8.64 -1.99
C PRO D 475 8.80 8.41 -0.95
N ASN D 476 7.55 8.63 -1.33
CA ASN D 476 6.43 8.53 -0.41
C ASN D 476 5.55 7.34 -0.76
N ASP D 477 5.20 6.55 0.26
CA ASP D 477 4.18 5.53 0.10
C ASP D 477 2.83 6.12 -0.25
N GLN D 478 2.54 7.31 0.30
CA GLN D 478 1.21 7.90 0.26
C GLN D 478 1.02 8.92 -0.87
N MET D 479 1.87 8.91 -1.89
CA MET D 479 1.61 9.66 -3.12
C MET D 479 1.62 8.79 -4.35
N GLU D 480 0.67 9.08 -5.24
CA GLU D 480 0.55 8.44 -6.54
C GLU D 480 1.29 9.29 -7.57
N THR D 481 1.29 8.84 -8.83
CA THR D 481 2.03 9.55 -9.87
C THR D 481 1.63 11.01 -10.06
N PRO D 482 0.35 11.38 -10.08
CA PRO D 482 0.04 12.80 -10.35
C PRO D 482 0.54 13.84 -9.35
N HIS D 483 0.40 13.61 -8.05
CA HIS D 483 0.78 14.63 -7.06
C HIS D 483 2.27 14.66 -6.72
N TYR D 484 2.68 15.83 -6.22
CA TYR D 484 4.01 16.07 -5.66
C TYR D 484 3.92 17.30 -4.76
N HIS D 485 4.92 17.45 -3.88
CA HIS D 485 5.17 18.68 -3.14
C HIS D 485 6.64 19.08 -3.26
N VAL D 486 6.90 20.37 -3.43
CA VAL D 486 8.25 20.94 -3.34
C VAL D 486 8.23 22.15 -2.40
N LEU D 487 9.22 22.22 -1.51
CA LEU D 487 9.22 23.17 -0.40
C LEU D 487 10.61 23.75 -0.22
N ARG D 488 10.67 24.91 0.46
CA ARG D 488 11.90 25.68 0.62
C ARG D 488 12.11 25.99 2.10
N VAL D 489 13.36 25.87 2.54
CA VAL D 489 13.77 26.14 3.92
C VAL D 489 14.68 27.36 3.94
N ARG D 490 14.30 28.38 4.71
CA ARG D 490 15.02 29.65 4.79
C ARG D 490 16.20 29.55 5.77
N LYS D 491 17.00 30.62 5.79
CA LYS D 491 18.14 30.74 6.70
C LYS D 491 17.77 30.38 8.13
N GLY D 492 18.49 29.41 8.70
CA GLY D 492 18.33 29.04 10.10
C GLY D 492 17.14 28.16 10.41
N GLU D 493 16.27 27.88 9.45
CA GLU D 493 15.17 26.94 9.63
C GLU D 493 15.62 25.49 9.46
N GLU D 494 16.90 25.25 9.19
CA GLU D 494 17.41 23.90 9.03
C GLU D 494 17.04 23.00 10.21
N THR D 495 16.75 21.73 9.92
CA THR D 495 16.26 20.77 10.90
C THR D 495 17.02 19.45 10.80
N PRO D 496 17.27 18.79 11.94
CA PRO D 496 17.82 17.42 11.91
C PRO D 496 16.84 16.35 11.46
N THR D 497 15.60 16.70 11.13
CA THR D 497 14.61 15.71 10.71
C THR D 497 15.12 14.86 9.54
N LEU D 498 15.00 13.54 9.71
CA LEU D 498 15.43 12.60 8.68
C LEU D 498 14.55 12.71 7.44
N SER D 499 15.13 12.38 6.28
CA SER D 499 14.42 12.50 5.02
C SER D 499 13.09 11.73 5.01
N TYR D 500 13.12 10.46 5.38
CA TYR D 500 11.88 9.68 5.41
C TYR D 500 10.96 10.08 6.55
N MET D 501 11.39 10.96 7.43
CA MET D 501 10.51 11.48 8.47
C MET D 501 9.75 12.71 8.01
N LEU D 502 10.18 13.36 6.93
CA LEU D 502 9.47 14.57 6.49
C LEU D 502 8.01 14.32 6.12
N PRO D 503 7.64 13.27 5.41
CA PRO D 503 6.20 13.02 5.19
C PRO D 503 5.45 12.73 6.47
N LYS D 504 6.08 11.97 7.37
CA LYS D 504 5.46 11.67 8.65
C LYS D 504 5.23 12.94 9.46
N LEU D 505 6.19 13.86 9.39
CA LEU D 505 6.01 15.18 9.98
C LEU D 505 4.80 15.90 9.38
N HIS D 506 4.71 15.94 8.05
CA HIS D 506 3.70 16.77 7.42
C HIS D 506 2.30 16.16 7.45
N GLU D 507 2.20 14.83 7.53
CA GLU D 507 0.89 14.24 7.78
C GLU D 507 0.37 14.60 9.17
N GLU D 508 1.26 14.67 10.18
CA GLU D 508 0.80 15.07 11.52
C GLU D 508 0.69 16.58 11.69
N ALA D 509 1.62 17.35 11.12
CA ALA D 509 1.61 18.79 11.30
C ALA D 509 0.61 19.48 10.38
N MET D 510 0.37 18.93 9.20
CA MET D 510 -0.54 19.54 8.23
C MET D 510 -1.48 18.49 7.64
#